data_2R7E
#
_entry.id   2R7E
#
_cell.length_a   134.569
_cell.length_b   134.569
_cell.length_c   359.496
_cell.angle_alpha   90.00
_cell.angle_beta   90.00
_cell.angle_gamma   90.00
#
_symmetry.space_group_name_H-M   'P 41 21 2'
#
loop_
_entity.id
_entity.type
_entity.pdbx_description
1 polymer 'Coagulation factor VIII'
2 polymer 'Coagulation factor VIII'
3 branched alpha-D-mannopyranose-(1-6)-beta-D-mannopyranose-(1-4)-2-acetamido-2-deoxy-beta-D-glucopyranose-(1-4)-2-acetamido-2-deoxy-beta-D-glucopyranose
4 branched 2-acetamido-2-deoxy-beta-D-glucopyranose-(1-4)-2-acetamido-2-deoxy-beta-D-glucopyranose
5 branched alpha-D-mannopyranose-(1-2)-beta-D-mannopyranose-(1-3)-[alpha-D-mannopyranose-(1-6)-alpha-D-mannopyranose-(1-6)]beta-D-mannopyranose-(1-4)-2-acetamido-2-deoxy-beta-D-glucopyranose-(1-4)-2-acetamido-2-deoxy-beta-D-glucopyranose
6 non-polymer 'CALCIUM ION'
7 non-polymer 'COPPER (II) ION'
#
loop_
_entity_poly.entity_id
_entity_poly.type
_entity_poly.pdbx_seq_one_letter_code
_entity_poly.pdbx_strand_id
1 'polypeptide(L)'
;SATRRYYLGAVELSWDYMQSDLGELPVDARFPPRVPKSFPFNTSVVYKKTLFVEFTDHLFNIAKPRPPWMGLLGPTIQAE
VYDTVVITLKNMASHPVSLHAVGVSYWKASEGAEYDDQTSQREKEDDKVFPGGSHTYVWQVLKENGPMASDPLCLTYSYL
SHVDLVKDLNSGLIGALLVCREGSLAKEKTQTLHKFILLFAVFDEGKSWHSETKNSLMQDRDAASARAWPKMHTVNGYVN
RSLPGLIGCHRKSVYWHVIGMGTTPEVHSIFLEGHTFLVRNHRQASLEISPITFLTAQTLLMDLGQFLLFCHISSHQHDG
MEAYVKVDSCPEEPQLRMKNNEEAEDYDDDLTDSEMDVVRFDDDNSPSFIQIRSVAKKHPKTWVHYIAAEEEDWDYAPLV
LAPDDRSYKSQYLNNGPQRIGRKYKKVRFMAYTDETFKTREAIQHESGILGPLLYGEVGDTLLIIFKNQASRPYNIYPHG
ITDVRPLYSRRLPKGVKHLKDFPILPGEIFKYKWTVTVEDGPTKSDPRCLTRYYSSFVNMERDLASGLIGPLLICYKESV
DQRGNQIMSDKRNVILFSVFDENRSWYLTENIQRFLPNPAGVQLEDPEFQASNIMHSINGYVFDSLQLSVCLHEVAYWYI
LSIGAQTDFLSVFFSGYTFKHKMVYEDTLTLFPFSGETVFMSMENPGLWILGCHNSDFRNRGMTALLKVSSCDKNTGDYY
EDSYEDISAYLLSKNNAIEPRS
;
A
2 'polypeptide(L)'
;DPLAWDNHYGTQIPKEEWKSQEKSPEKTAFKKKDTILSLNACESNHAIAAINEGQNKPEIEVTWAKQGRTERLCSQNPPV
LKRHQREITRTTLQSDQEEIDYDDTISVEMKKEDFDIYDEDENQSPRSFQKKTRHYFIAAVERLWDYGMSSSPHVLRNRA
QSGSVPQFKKVVFQEFTDGSFTQPLYRGELNEHLGLLGPYIRAEVEDNIMVTFRNQASRPYSFYSSLISYEEDQRQGAEP
RKNFVKPNETKTYFWKVQHHMAPTKDEFDCKAWAYSSDVDLEKDVHSGLIGPLLVCHTNTLNPAHGRQVTVQEFALFFTI
FDETKSWYFTENMERNCRAPCNIQMEDPTFKENYRFHAINGYIMDTLPGLVMAQDQRIRWYLLSMGSNENIHSIHFSGHV
FTVRKKEEYKMALYNLYPGVFETVEMLPSKAGIWRVECLIGEHLHAGMSTLFLVYSNKCQTPLGMASGHIRDFQITASGQ
YGQWAPKLARLHYSGSINAWSTKEPFSWIKVDLLAPMIIHGIKTQGARQKFSSLYISQFIIMYSLDGKKWQTYRGNSTGT
LMVFFGNVDSSGIKHNIFNPPIIARYIRLHPTHYSIRSTLRMELMGCDLNSCSMPLGMESKAISDAQITASSYFTNMFAT
WSPSKARLHLQGRSNAWRPQVNNPKEWLQVDFQKTMKVTGVTTQGVKSLLTSMYVKEFLISSSQDGHQWTLFFQNGKVKV
FQGNQDSFTPVVNSLDPPLLTRYLRIHPQSWVHQIALRMEVLGCEAQDLY
;
B
#
# COMPACT_ATOMS: atom_id res chain seq x y z
N ALA A 2 -14.24 31.78 -3.82
CA ALA A 2 -15.32 30.89 -3.28
C ALA A 2 -14.73 29.63 -2.61
N THR A 3 -15.43 28.52 -2.78
CA THR A 3 -15.03 27.20 -2.27
C THR A 3 -15.82 26.14 -3.08
N ARG A 4 -16.14 26.55 -4.32
CA ARG A 4 -16.86 25.78 -5.34
C ARG A 4 -17.56 24.49 -4.95
N ARG A 5 -18.79 24.34 -5.44
CA ARG A 5 -19.60 23.16 -5.17
C ARG A 5 -19.99 22.44 -6.45
N TYR A 6 -19.81 21.12 -6.46
CA TYR A 6 -20.15 20.35 -7.65
C TYR A 6 -21.43 19.55 -7.45
N TYR A 7 -22.17 19.34 -8.54
CA TYR A 7 -23.41 18.56 -8.51
C TYR A 7 -23.23 17.32 -9.42
N LEU A 8 -23.15 16.12 -8.83
CA LEU A 8 -22.97 14.90 -9.63
C LEU A 8 -24.20 13.99 -9.71
N GLY A 9 -24.30 13.26 -10.83
CA GLY A 9 -25.41 12.36 -11.06
C GLY A 9 -25.09 10.88 -11.22
N ALA A 10 -25.54 10.27 -12.31
CA ALA A 10 -25.27 8.85 -12.54
C ALA A 10 -26.11 8.29 -13.69
N VAL A 11 -26.64 9.18 -14.52
CA VAL A 11 -27.47 8.78 -15.64
C VAL A 11 -27.00 7.45 -16.26
N GLU A 12 -27.87 6.45 -16.18
CA GLU A 12 -27.56 5.14 -16.73
C GLU A 12 -27.61 5.15 -18.25
N LEU A 13 -26.47 5.46 -18.89
CA LEU A 13 -26.42 5.49 -20.34
C LEU A 13 -25.70 4.26 -20.95
N SER A 14 -25.65 4.19 -22.28
CA SER A 14 -25.00 3.08 -22.97
C SER A 14 -23.72 3.53 -23.68
N TRP A 15 -22.72 2.65 -23.74
CA TRP A 15 -21.45 3.01 -24.34
C TRP A 15 -21.23 2.56 -25.77
N ASP A 16 -20.46 3.36 -26.51
CA ASP A 16 -20.16 3.10 -27.90
C ASP A 16 -18.81 2.45 -28.19
N TYR A 17 -17.74 3.19 -27.91
CA TYR A 17 -16.38 2.76 -28.21
C TYR A 17 -16.29 3.15 -29.68
N MET A 18 -17.27 3.97 -30.06
CA MET A 18 -17.50 4.51 -31.41
C MET A 18 -16.32 4.70 -32.34
N GLN A 19 -16.62 4.87 -33.63
CA GLN A 19 -15.60 5.07 -34.66
C GLN A 19 -15.69 6.49 -35.23
N SER A 20 -14.94 6.73 -36.30
CA SER A 20 -14.84 8.01 -36.99
C SER A 20 -13.50 8.62 -36.59
N ASP A 21 -13.42 9.15 -35.35
CA ASP A 21 -12.22 9.78 -34.78
C ASP A 21 -12.04 11.19 -35.38
N LEU A 22 -11.09 11.32 -36.32
CA LEU A 22 -10.76 12.56 -37.04
C LEU A 22 -10.64 13.83 -36.19
N GLY A 23 -11.56 14.77 -36.41
CA GLY A 23 -11.57 16.02 -35.67
C GLY A 23 -13.01 16.41 -35.38
N GLU A 24 -13.54 17.38 -36.14
CA GLU A 24 -14.93 17.86 -36.02
C GLU A 24 -15.22 19.31 -36.50
N LEU A 25 -14.17 20.05 -36.88
CA LEU A 25 -14.29 21.45 -37.35
C LEU A 25 -14.85 22.42 -36.26
N PRO A 26 -13.96 23.00 -35.43
CA PRO A 26 -14.32 23.94 -34.35
C PRO A 26 -14.70 25.40 -34.67
N VAL A 27 -15.26 26.07 -33.66
CA VAL A 27 -15.71 27.47 -33.72
C VAL A 27 -16.43 27.91 -35.00
N ASP A 28 -17.77 27.99 -34.90
CA ASP A 28 -18.68 28.42 -35.98
C ASP A 28 -18.74 27.53 -37.25
N ALA A 29 -19.56 26.47 -37.18
CA ALA A 29 -19.80 25.49 -38.25
C ALA A 29 -18.99 24.19 -38.19
N ARG A 30 -19.61 23.12 -37.68
CA ARG A 30 -18.97 21.79 -37.57
C ARG A 30 -19.60 20.77 -38.54
N PHE A 31 -19.48 19.48 -38.19
CA PHE A 31 -20.02 18.36 -38.97
C PHE A 31 -19.32 17.04 -38.65
N PRO A 32 -19.67 16.38 -37.53
CA PRO A 32 -18.98 15.10 -37.27
C PRO A 32 -19.15 14.13 -38.48
N PRO A 33 -18.02 13.68 -39.07
CA PRO A 33 -17.87 12.76 -40.22
C PRO A 33 -18.97 11.75 -40.57
N ARG A 34 -19.18 11.56 -41.88
CA ARG A 34 -20.15 10.62 -42.48
C ARG A 34 -21.65 10.96 -42.53
N VAL A 35 -22.45 10.21 -41.76
CA VAL A 35 -23.92 10.32 -41.68
C VAL A 35 -24.58 9.63 -42.90
N PRO A 36 -24.32 8.30 -43.07
CA PRO A 36 -24.86 7.48 -44.17
C PRO A 36 -26.24 6.80 -43.96
N LYS A 37 -26.99 7.23 -42.95
CA LYS A 37 -28.33 6.69 -42.62
C LYS A 37 -28.37 5.37 -41.80
N SER A 38 -29.56 4.81 -41.58
CA SER A 38 -29.71 3.58 -40.78
C SER A 38 -29.89 2.23 -41.51
N PHE A 39 -29.26 1.21 -40.94
CA PHE A 39 -29.24 -0.18 -41.43
C PHE A 39 -28.01 -0.78 -40.73
N PRO A 40 -27.38 -1.85 -41.29
CA PRO A 40 -26.21 -2.33 -40.56
C PRO A 40 -24.84 -1.68 -40.90
N PHE A 41 -24.42 -0.71 -40.08
CA PHE A 41 -23.13 -0.02 -40.24
C PHE A 41 -22.07 -1.08 -39.93
N ASN A 42 -22.27 -2.28 -40.47
CA ASN A 42 -21.40 -3.43 -40.23
C ASN A 42 -21.26 -3.60 -38.71
N THR A 43 -22.28 -3.08 -38.02
CA THR A 43 -22.46 -3.09 -36.56
C THR A 43 -21.25 -2.86 -35.64
N SER A 44 -21.52 -2.19 -34.53
CA SER A 44 -20.53 -1.86 -33.52
C SER A 44 -21.11 -2.24 -32.16
N VAL A 45 -20.79 -3.45 -31.69
CA VAL A 45 -21.30 -3.93 -30.41
C VAL A 45 -21.25 -2.83 -29.36
N VAL A 46 -22.22 -2.86 -28.44
CA VAL A 46 -22.31 -1.86 -27.39
C VAL A 46 -22.84 -2.46 -26.08
N TYR A 47 -22.37 -1.96 -24.94
CA TYR A 47 -22.87 -2.45 -23.68
C TYR A 47 -23.51 -1.27 -22.95
N LYS A 48 -24.27 -1.58 -21.90
CA LYS A 48 -24.96 -0.53 -21.16
C LYS A 48 -24.44 -0.41 -19.75
N LYS A 49 -24.00 0.80 -19.41
CA LYS A 49 -23.46 1.10 -18.10
C LYS A 49 -24.11 2.34 -17.49
N THR A 50 -23.42 2.92 -16.51
CA THR A 50 -23.89 4.10 -15.81
C THR A 50 -22.66 4.79 -15.18
N LEU A 51 -22.45 6.05 -15.53
CA LEU A 51 -21.31 6.83 -15.02
C LEU A 51 -21.70 8.17 -14.46
N PHE A 52 -20.95 8.63 -13.47
CA PHE A 52 -21.21 9.89 -12.81
C PHE A 52 -21.42 10.93 -13.89
N VAL A 53 -21.91 12.12 -13.55
CA VAL A 53 -22.18 13.09 -14.60
C VAL A 53 -21.99 14.57 -14.38
N GLU A 54 -22.68 15.33 -15.24
CA GLU A 54 -22.67 16.78 -15.27
C GLU A 54 -23.88 17.32 -14.49
N PHE A 55 -24.55 18.30 -15.12
CA PHE A 55 -25.75 18.97 -14.61
C PHE A 55 -25.51 20.19 -13.75
N THR A 56 -26.33 21.20 -13.97
CA THR A 56 -26.23 22.45 -13.23
C THR A 56 -27.22 22.52 -12.06
N ASP A 57 -28.11 21.53 -11.95
CA ASP A 57 -29.08 21.48 -10.87
C ASP A 57 -29.85 20.16 -10.75
N HIS A 58 -30.61 19.78 -11.77
CA HIS A 58 -31.37 18.52 -11.75
C HIS A 58 -31.57 17.82 -13.11
N LEU A 59 -32.09 18.57 -14.09
CA LEU A 59 -32.35 18.16 -15.49
C LEU A 59 -32.49 16.65 -15.88
N PHE A 60 -32.91 16.39 -17.12
CA PHE A 60 -33.10 15.00 -17.60
C PHE A 60 -31.89 14.39 -18.35
N ASN A 61 -31.61 14.87 -19.58
CA ASN A 61 -30.48 14.44 -20.45
C ASN A 61 -30.26 12.93 -20.70
N ILE A 62 -29.53 12.62 -21.78
CA ILE A 62 -29.18 11.24 -22.21
C ILE A 62 -28.56 11.20 -23.64
N ALA A 63 -27.38 10.60 -23.82
CA ALA A 63 -26.73 10.51 -25.15
C ALA A 63 -25.30 9.92 -25.31
N LYS A 64 -24.41 10.75 -25.88
CA LYS A 64 -22.99 10.46 -26.19
C LYS A 64 -22.00 11.06 -25.13
N PRO A 65 -20.76 11.47 -25.54
CA PRO A 65 -19.77 12.07 -24.61
C PRO A 65 -19.60 13.62 -24.51
N ARG A 66 -19.15 14.11 -23.33
CA ARG A 66 -18.89 15.55 -23.04
C ARG A 66 -17.43 15.78 -23.54
N PRO A 67 -16.93 17.06 -23.62
CA PRO A 67 -15.55 17.20 -24.12
C PRO A 67 -14.89 15.94 -24.68
N PRO A 68 -15.08 15.72 -25.99
CA PRO A 68 -14.59 14.60 -26.82
C PRO A 68 -13.68 13.61 -26.12
N TRP A 69 -12.55 14.13 -25.68
CA TRP A 69 -11.54 13.36 -24.99
C TRP A 69 -12.00 13.02 -23.58
N MET A 70 -13.13 12.35 -23.44
CA MET A 70 -13.59 12.04 -22.09
C MET A 70 -14.93 11.34 -22.01
N GLY A 71 -15.97 12.16 -21.98
CA GLY A 71 -17.34 11.68 -21.90
C GLY A 71 -17.46 10.71 -20.76
N LEU A 72 -16.97 9.51 -21.00
CA LEU A 72 -16.98 8.45 -20.01
C LEU A 72 -16.42 8.94 -18.69
N LEU A 73 -15.09 9.07 -18.65
CA LEU A 73 -14.42 9.52 -17.44
C LEU A 73 -15.34 10.42 -16.62
N GLY A 74 -15.66 9.97 -15.41
CA GLY A 74 -16.51 10.76 -14.55
C GLY A 74 -15.95 12.16 -14.39
N PRO A 75 -16.82 13.16 -14.23
CA PRO A 75 -16.48 14.57 -14.07
C PRO A 75 -15.24 14.87 -13.23
N THR A 76 -14.31 15.61 -13.82
CA THR A 76 -13.05 15.98 -13.15
C THR A 76 -13.26 17.10 -12.16
N ILE A 77 -12.68 16.92 -10.96
CA ILE A 77 -12.78 17.87 -9.86
C ILE A 77 -11.44 18.48 -9.43
N GLN A 78 -11.08 19.62 -10.01
CA GLN A 78 -9.82 20.25 -9.65
C GLN A 78 -10.07 21.18 -8.47
N ALA A 79 -9.06 21.36 -7.62
CA ALA A 79 -9.21 22.23 -6.44
C ALA A 79 -7.94 22.77 -5.80
N GLU A 80 -8.07 23.97 -5.22
CA GLU A 80 -6.95 24.62 -4.56
C GLU A 80 -6.83 23.99 -3.19
N VAL A 81 -5.92 24.51 -2.38
CA VAL A 81 -5.74 24.02 -1.03
C VAL A 81 -6.55 24.89 -0.11
N TYR A 82 -7.12 24.28 0.93
CA TYR A 82 -7.96 24.97 1.90
C TYR A 82 -9.40 25.02 1.39
N ASP A 83 -9.70 26.00 0.51
CA ASP A 83 -11.04 26.16 -0.04
C ASP A 83 -11.69 24.80 -0.24
N THR A 84 -12.53 24.45 0.72
CA THR A 84 -13.22 23.17 0.74
C THR A 84 -14.19 22.97 -0.40
N VAL A 85 -14.35 21.71 -0.78
CA VAL A 85 -15.24 21.38 -1.86
C VAL A 85 -16.46 20.67 -1.31
N VAL A 86 -17.54 20.70 -2.10
CA VAL A 86 -18.80 20.06 -1.71
C VAL A 86 -19.45 19.37 -2.91
N ILE A 87 -20.18 18.30 -2.65
CA ILE A 87 -20.83 17.55 -3.72
C ILE A 87 -22.30 17.31 -3.38
N THR A 88 -22.93 16.38 -4.11
CA THR A 88 -24.32 16.00 -3.93
C THR A 88 -24.75 15.08 -5.05
N LEU A 89 -24.48 13.78 -4.90
CA LEU A 89 -24.81 12.79 -5.92
C LEU A 89 -26.29 12.38 -5.94
N LYS A 90 -26.88 12.32 -7.13
CA LYS A 90 -28.28 11.89 -7.32
C LYS A 90 -28.28 10.55 -8.04
N ASN A 91 -28.48 9.45 -7.32
CA ASN A 91 -28.46 8.14 -7.95
C ASN A 91 -29.52 7.88 -9.03
N MET A 92 -29.54 8.69 -10.08
CA MET A 92 -30.50 8.52 -11.16
C MET A 92 -30.28 7.17 -11.87
N ALA A 93 -29.83 6.16 -11.11
CA ALA A 93 -29.57 4.83 -11.66
C ALA A 93 -30.16 3.69 -10.83
N SER A 94 -29.93 2.46 -11.27
CA SER A 94 -30.45 1.28 -10.58
C SER A 94 -29.43 0.78 -9.57
N HIS A 95 -28.15 1.03 -9.83
CA HIS A 95 -27.08 0.63 -8.92
C HIS A 95 -27.16 1.62 -7.75
N PRO A 96 -27.14 1.12 -6.50
CA PRO A 96 -27.22 1.95 -5.29
C PRO A 96 -25.96 2.77 -5.01
N VAL A 97 -24.89 2.45 -5.73
CA VAL A 97 -23.57 3.06 -5.63
C VAL A 97 -23.39 4.35 -4.80
N SER A 98 -22.19 4.48 -4.25
CA SER A 98 -21.83 5.62 -3.43
C SER A 98 -20.86 6.55 -4.14
N LEU A 99 -19.89 7.02 -3.37
CA LEU A 99 -18.85 7.92 -3.84
C LEU A 99 -17.82 7.89 -2.73
N HIS A 100 -16.55 7.68 -3.10
CA HIS A 100 -15.49 7.60 -2.13
C HIS A 100 -14.76 8.91 -1.99
N ALA A 101 -13.48 8.92 -2.37
CA ALA A 101 -12.65 10.13 -2.29
C ALA A 101 -11.18 9.84 -2.52
N VAL A 102 -10.63 8.93 -1.71
CA VAL A 102 -9.25 8.51 -1.80
C VAL A 102 -8.22 9.63 -1.97
N GLY A 103 -7.76 10.19 -0.86
CA GLY A 103 -6.78 11.26 -0.95
C GLY A 103 -7.23 12.62 -0.46
N VAL A 104 -7.77 12.67 0.77
CA VAL A 104 -8.22 13.94 1.37
C VAL A 104 -8.90 13.79 2.73
N SER A 105 -9.55 14.87 3.17
CA SER A 105 -10.25 14.90 4.45
C SER A 105 -11.66 14.31 4.34
N TYR A 106 -12.20 13.82 5.45
CA TYR A 106 -13.54 13.22 5.48
C TYR A 106 -14.40 13.68 6.68
N TRP A 107 -14.71 12.75 7.57
CA TRP A 107 -15.53 12.94 8.79
C TRP A 107 -16.48 11.74 9.00
N LYS A 108 -16.30 10.68 8.20
CA LYS A 108 -17.14 9.49 8.25
C LYS A 108 -18.37 9.88 7.42
N ALA A 109 -18.43 11.19 7.16
CA ALA A 109 -19.48 11.82 6.37
C ALA A 109 -18.98 11.77 4.94
N SER A 110 -18.15 10.78 4.64
CA SER A 110 -17.58 10.68 3.30
C SER A 110 -17.02 9.32 2.89
N GLU A 111 -16.21 8.68 3.73
CA GLU A 111 -15.66 7.39 3.33
C GLU A 111 -16.78 6.41 3.05
N GLY A 112 -17.36 6.52 1.86
CA GLY A 112 -18.45 5.64 1.48
C GLY A 112 -18.16 4.17 1.75
N ALA A 113 -18.53 3.68 2.93
CA ALA A 113 -18.32 2.28 3.29
C ALA A 113 -19.45 1.78 4.16
N GLU A 114 -19.50 0.46 4.32
CA GLU A 114 -20.54 -0.13 5.13
C GLU A 114 -19.96 -1.16 6.07
N TYR A 115 -18.82 -0.86 6.68
CA TYR A 115 -18.21 -1.80 7.60
C TYR A 115 -18.36 -1.41 9.07
N ASP A 116 -18.01 -2.34 9.96
CA ASP A 116 -18.10 -2.12 11.40
C ASP A 116 -17.38 -0.86 11.86
N ASP A 117 -17.99 0.30 11.62
CA ASP A 117 -17.35 1.53 12.04
C ASP A 117 -18.17 2.25 13.08
N GLN A 118 -18.25 1.66 14.27
CA GLN A 118 -19.01 2.25 15.37
C GLN A 118 -19.37 3.69 15.03
N THR A 119 -20.60 3.91 14.58
CA THR A 119 -21.02 5.26 14.25
C THR A 119 -22.53 5.37 14.00
N SER A 120 -23.14 4.29 13.51
CA SER A 120 -24.58 4.28 13.26
C SER A 120 -24.99 5.13 12.06
N GLN A 121 -26.25 5.03 11.66
CA GLN A 121 -26.75 5.79 10.52
C GLN A 121 -26.45 7.28 10.66
N ARG A 122 -26.76 8.04 9.62
CA ARG A 122 -26.45 9.47 9.61
C ARG A 122 -25.01 9.57 10.09
N GLU A 123 -24.15 8.84 9.38
CA GLU A 123 -22.70 8.74 9.59
C GLU A 123 -22.34 7.65 8.57
N LYS A 124 -23.33 6.80 8.33
CA LYS A 124 -23.29 5.69 7.37
C LYS A 124 -24.44 5.95 6.38
N GLU A 125 -25.00 7.15 6.47
CA GLU A 125 -26.10 7.59 5.62
C GLU A 125 -25.55 7.74 4.20
N ASP A 126 -24.76 8.79 3.98
CA ASP A 126 -24.14 9.06 2.69
C ASP A 126 -23.02 8.05 2.45
N ASP A 127 -22.76 7.23 3.46
CA ASP A 127 -21.76 6.21 3.34
C ASP A 127 -22.41 5.05 2.57
N LYS A 128 -23.37 5.38 1.69
CA LYS A 128 -24.10 4.42 0.82
C LYS A 128 -25.55 4.79 0.42
N VAL A 129 -25.73 5.41 -0.74
CA VAL A 129 -27.07 5.82 -1.18
C VAL A 129 -27.88 4.73 -1.89
N PHE A 130 -29.03 5.12 -2.43
CA PHE A 130 -29.95 4.22 -3.12
C PHE A 130 -30.65 4.84 -4.34
N PRO A 131 -31.30 4.02 -5.17
CA PRO A 131 -31.98 4.52 -6.37
C PRO A 131 -32.79 5.79 -6.12
N GLY A 132 -32.96 6.58 -7.17
CA GLY A 132 -33.72 7.82 -7.10
C GLY A 132 -33.27 8.79 -6.03
N GLY A 133 -32.78 8.24 -4.92
CA GLY A 133 -32.32 9.06 -3.82
C GLY A 133 -31.03 9.78 -4.13
N SER A 134 -31.03 11.09 -3.93
CA SER A 134 -29.87 11.90 -4.19
C SER A 134 -29.34 12.47 -2.89
N HIS A 135 -28.18 11.98 -2.45
CA HIS A 135 -27.60 12.46 -1.20
C HIS A 135 -26.34 13.30 -1.36
N THR A 136 -26.21 14.30 -0.49
CA THR A 136 -25.11 15.24 -0.50
C THR A 136 -23.85 14.76 0.20
N TYR A 137 -22.69 15.18 -0.34
CA TYR A 137 -21.34 14.82 0.17
C TYR A 137 -20.45 15.99 0.64
N VAL A 138 -19.51 15.71 1.54
CA VAL A 138 -18.64 16.77 2.05
C VAL A 138 -17.25 16.34 2.47
N TRP A 139 -16.26 17.15 2.07
CA TRP A 139 -14.87 16.92 2.42
C TRP A 139 -14.01 18.14 2.09
N GLN A 140 -12.92 18.30 2.84
CA GLN A 140 -12.04 19.45 2.70
C GLN A 140 -10.66 19.14 2.11
N VAL A 141 -9.98 20.20 1.67
CA VAL A 141 -8.62 20.12 1.11
C VAL A 141 -7.71 20.50 2.26
N LEU A 142 -6.92 19.55 2.75
CA LEU A 142 -6.05 19.82 3.89
C LEU A 142 -4.62 20.24 3.59
N LYS A 143 -4.08 21.04 4.48
CA LYS A 143 -2.72 21.51 4.38
C LYS A 143 -1.85 20.26 4.38
N GLU A 144 -2.28 19.27 5.16
CA GLU A 144 -1.56 18.02 5.23
C GLU A 144 -1.75 17.23 3.94
N ASN A 145 -2.50 17.82 3.01
CA ASN A 145 -2.78 17.17 1.73
C ASN A 145 -2.10 17.77 0.50
N GLY A 146 -1.51 18.94 0.67
CA GLY A 146 -0.87 19.61 -0.45
C GLY A 146 0.22 18.89 -1.20
N PRO A 147 1.04 19.63 -1.95
CA PRO A 147 2.16 19.14 -2.74
C PRO A 147 3.33 19.10 -1.80
N MET A 148 4.54 18.85 -2.30
CA MET A 148 5.69 18.80 -1.40
C MET A 148 6.83 19.72 -1.75
N ALA A 149 6.49 20.88 -2.33
CA ALA A 149 7.47 21.88 -2.73
C ALA A 149 8.54 21.17 -3.52
N SER A 150 8.37 19.86 -3.61
CA SER A 150 9.28 19.00 -4.31
C SER A 150 8.43 18.20 -5.28
N ASP A 151 7.11 18.35 -5.15
CA ASP A 151 6.15 17.67 -6.01
C ASP A 151 5.54 18.64 -7.01
N PRO A 152 5.27 18.16 -8.24
CA PRO A 152 4.68 19.00 -9.28
C PRO A 152 3.49 19.70 -8.68
N LEU A 153 3.02 20.77 -9.31
CA LEU A 153 1.88 21.48 -8.77
C LEU A 153 0.60 20.86 -9.27
N CYS A 154 0.18 19.77 -8.62
CA CYS A 154 -1.05 19.03 -8.93
C CYS A 154 -0.91 17.51 -8.82
N LEU A 155 -1.61 16.95 -7.85
CA LEU A 155 -1.55 15.51 -7.60
C LEU A 155 -2.66 14.68 -8.23
N THR A 156 -2.26 13.75 -9.09
CA THR A 156 -3.19 12.86 -9.75
C THR A 156 -3.97 12.03 -8.74
N TYR A 157 -5.25 12.34 -8.55
CA TYR A 157 -6.11 11.59 -7.61
C TYR A 157 -7.51 11.42 -8.20
N SER A 158 -8.29 10.47 -7.70
CA SER A 158 -9.65 10.28 -8.23
C SER A 158 -10.65 9.88 -7.14
N TYR A 159 -11.78 9.32 -7.56
CA TYR A 159 -12.82 8.90 -6.62
C TYR A 159 -13.71 7.85 -7.25
N LEU A 160 -14.74 7.43 -6.53
CA LEU A 160 -15.64 6.42 -7.05
C LEU A 160 -16.62 5.93 -5.99
N SER A 161 -17.55 5.07 -6.41
CA SER A 161 -18.54 4.50 -5.51
C SER A 161 -17.97 3.22 -4.91
N HIS A 162 -17.68 3.26 -3.61
CA HIS A 162 -17.09 2.12 -2.89
C HIS A 162 -18.02 0.96 -2.54
N VAL A 163 -19.32 1.13 -2.72
CA VAL A 163 -20.26 0.04 -2.43
C VAL A 163 -19.84 -1.12 -3.34
N ASP A 164 -18.87 -1.90 -2.88
CA ASP A 164 -18.34 -3.01 -3.69
C ASP A 164 -17.76 -2.48 -4.99
N LEU A 165 -16.43 -2.40 -5.05
CA LEU A 165 -15.75 -1.92 -6.24
C LEU A 165 -16.15 -2.82 -7.40
N VAL A 166 -15.70 -4.07 -7.32
CA VAL A 166 -15.97 -5.09 -8.33
C VAL A 166 -17.18 -4.79 -9.25
N LYS A 167 -18.39 -5.18 -8.79
CA LYS A 167 -19.65 -4.99 -9.55
C LYS A 167 -20.08 -3.52 -9.67
N ASP A 168 -19.10 -2.63 -9.60
CA ASP A 168 -19.30 -1.19 -9.69
C ASP A 168 -18.43 -0.62 -10.80
N LEU A 169 -17.19 -0.30 -10.44
CA LEU A 169 -16.18 0.25 -11.35
C LEU A 169 -16.52 -0.12 -12.79
N ASN A 170 -16.55 -1.43 -13.02
CA ASN A 170 -16.83 -2.00 -14.31
C ASN A 170 -18.02 -1.40 -15.04
N SER A 171 -18.70 -0.43 -14.45
CA SER A 171 -19.84 0.17 -15.13
C SER A 171 -19.62 1.65 -15.36
N GLY A 172 -18.66 2.21 -14.64
CA GLY A 172 -18.38 3.62 -14.80
C GLY A 172 -18.49 4.42 -13.52
N LEU A 173 -17.80 3.95 -12.48
CA LEU A 173 -17.83 4.64 -11.22
C LEU A 173 -16.48 5.26 -10.90
N ILE A 174 -16.24 6.46 -11.43
CA ILE A 174 -14.97 7.14 -11.19
C ILE A 174 -14.80 8.43 -11.97
N GLY A 175 -14.04 9.34 -11.38
CA GLY A 175 -13.78 10.62 -12.00
C GLY A 175 -12.39 11.07 -11.61
N ALA A 176 -12.03 12.29 -11.99
CA ALA A 176 -10.71 12.80 -11.69
C ALA A 176 -10.71 13.78 -10.52
N LEU A 177 -9.77 13.60 -9.59
CA LEU A 177 -9.63 14.47 -8.43
C LEU A 177 -8.21 15.02 -8.27
N LEU A 178 -8.10 16.35 -8.26
CA LEU A 178 -6.80 16.99 -8.16
C LEU A 178 -6.74 18.02 -7.06
N VAL A 179 -5.54 18.20 -6.52
CA VAL A 179 -5.28 19.16 -5.45
C VAL A 179 -3.96 19.86 -5.74
N CYS A 180 -3.91 21.19 -5.62
CA CYS A 180 -2.68 21.89 -5.94
C CYS A 180 -2.46 23.24 -5.23
N ARG A 181 -1.19 23.58 -5.03
CA ARG A 181 -0.72 24.81 -4.35
C ARG A 181 -1.58 26.06 -4.37
N GLU A 182 -1.94 26.54 -3.19
CA GLU A 182 -2.79 27.72 -2.99
C GLU A 182 -3.40 28.35 -4.25
N GLY A 183 -3.49 29.69 -4.26
CA GLY A 183 -4.08 30.40 -5.41
C GLY A 183 -3.64 29.83 -6.75
N SER A 184 -4.30 28.76 -7.18
CA SER A 184 -3.97 28.10 -8.43
C SER A 184 -5.00 28.28 -9.52
N LEU A 185 -6.21 28.68 -9.17
CA LEU A 185 -7.25 28.92 -10.18
C LEU A 185 -6.73 30.15 -10.92
N ALA A 186 -5.51 30.55 -10.54
CA ALA A 186 -4.84 31.71 -11.11
C ALA A 186 -4.28 31.51 -12.50
N LYS A 187 -3.42 30.51 -12.67
CA LYS A 187 -2.80 30.28 -13.98
C LYS A 187 -3.36 29.15 -14.84
N GLU A 188 -4.26 28.34 -14.28
CA GLU A 188 -4.88 27.26 -15.04
C GLU A 188 -6.09 27.85 -15.78
N LYS A 189 -6.72 28.84 -15.14
CA LYS A 189 -7.90 29.53 -15.69
C LYS A 189 -7.50 30.54 -16.79
N THR A 190 -6.21 30.55 -17.15
CA THR A 190 -5.70 31.46 -18.17
C THR A 190 -4.37 31.09 -18.87
N GLN A 191 -4.32 29.94 -19.54
CA GLN A 191 -3.11 29.53 -20.29
C GLN A 191 -3.05 28.09 -20.81
N THR A 192 -2.86 27.15 -19.87
CA THR A 192 -2.71 25.71 -20.19
C THR A 192 -3.97 24.90 -20.58
N LEU A 193 -4.32 24.92 -21.87
CA LEU A 193 -5.48 24.15 -22.34
C LEU A 193 -4.96 22.72 -22.52
N HIS A 194 -3.85 22.46 -21.84
CA HIS A 194 -3.17 21.17 -21.87
C HIS A 194 -3.43 20.42 -20.56
N LYS A 195 -4.67 20.54 -20.09
CA LYS A 195 -5.15 19.90 -18.88
C LYS A 195 -5.76 18.56 -19.31
N PHE A 196 -4.92 17.63 -19.78
CA PHE A 196 -5.47 16.35 -20.21
C PHE A 196 -5.19 15.21 -19.25
N ILE A 197 -6.15 14.29 -19.16
CA ILE A 197 -6.05 13.21 -18.21
C ILE A 197 -6.33 11.84 -18.74
N LEU A 198 -5.31 11.07 -19.07
CA LEU A 198 -5.56 9.72 -19.58
C LEU A 198 -6.21 8.85 -18.53
N LEU A 199 -6.85 7.77 -18.96
CA LEU A 199 -7.50 6.89 -18.01
C LEU A 199 -7.43 5.46 -18.48
N PHE A 200 -6.30 4.80 -18.26
CA PHE A 200 -6.18 3.41 -18.70
C PHE A 200 -7.05 2.52 -17.82
N ALA A 201 -8.02 1.85 -18.43
CA ALA A 201 -8.93 1.00 -17.69
C ALA A 201 -9.21 -0.36 -18.34
N VAL A 202 -9.63 -1.32 -17.51
CA VAL A 202 -9.94 -2.66 -17.97
C VAL A 202 -11.40 -2.98 -17.65
N PHE A 203 -12.32 -2.29 -18.30
CA PHE A 203 -13.73 -2.54 -18.06
C PHE A 203 -14.07 -3.98 -18.42
N ASP A 204 -14.38 -4.79 -17.42
CA ASP A 204 -14.71 -6.17 -17.67
C ASP A 204 -16.21 -6.33 -17.88
N GLU A 205 -16.86 -5.32 -18.48
CA GLU A 205 -18.31 -5.37 -18.72
C GLU A 205 -18.72 -6.79 -19.09
N GLY A 206 -18.91 -7.55 -18.03
CA GLY A 206 -19.25 -8.96 -18.05
C GLY A 206 -18.99 -9.26 -16.58
N LYS A 207 -19.55 -8.38 -15.75
CA LYS A 207 -19.44 -8.42 -14.30
C LYS A 207 -19.91 -7.06 -13.76
N SER A 208 -21.22 -6.92 -13.59
CA SER A 208 -21.80 -5.67 -13.09
C SER A 208 -23.30 -5.65 -13.41
N TRP A 209 -23.70 -6.39 -14.45
CA TRP A 209 -25.10 -6.46 -14.88
C TRP A 209 -25.54 -7.87 -15.28
N HIS A 210 -26.71 -8.27 -14.75
CA HIS A 210 -27.37 -9.57 -14.92
C HIS A 210 -26.53 -10.81 -15.30
N SER A 211 -27.07 -11.99 -15.02
CA SER A 211 -26.39 -13.23 -15.32
C SER A 211 -27.28 -14.14 -16.19
N GLU A 212 -26.67 -15.20 -16.75
CA GLU A 212 -27.35 -16.16 -17.63
C GLU A 212 -26.48 -17.39 -17.89
N THR A 213 -25.97 -17.48 -19.12
CA THR A 213 -25.09 -18.57 -19.62
C THR A 213 -25.81 -19.86 -20.06
N LYS A 214 -26.29 -19.88 -21.30
CA LYS A 214 -26.97 -21.06 -21.87
C LYS A 214 -26.84 -21.11 -23.40
N ASN A 215 -25.74 -20.52 -23.90
CA ASN A 215 -25.41 -20.46 -25.35
C ASN A 215 -26.25 -21.40 -26.20
N ALA A 223 -35.12 -11.20 -26.19
CA ALA A 223 -34.32 -10.34 -27.06
C ALA A 223 -34.72 -8.87 -26.92
N ALA A 224 -34.41 -8.27 -25.77
CA ALA A 224 -34.74 -6.88 -25.49
C ALA A 224 -33.66 -6.10 -24.73
N SER A 225 -33.13 -6.71 -23.68
CA SER A 225 -32.11 -6.08 -22.80
C SER A 225 -30.91 -5.43 -23.47
N ALA A 226 -29.71 -5.83 -23.08
CA ALA A 226 -28.53 -5.18 -23.65
C ALA A 226 -27.18 -5.93 -23.69
N ARG A 227 -26.82 -6.71 -22.66
CA ARG A 227 -25.42 -7.40 -22.67
C ARG A 227 -25.01 -8.70 -23.55
N ALA A 228 -23.72 -8.69 -23.88
CA ALA A 228 -23.02 -9.73 -24.63
C ALA A 228 -21.95 -10.28 -23.69
N TRP A 229 -20.71 -10.41 -24.18
CA TRP A 229 -19.66 -11.02 -23.37
C TRP A 229 -18.32 -10.28 -23.03
N PRO A 230 -17.44 -10.92 -22.22
CA PRO A 230 -16.11 -10.60 -21.67
C PRO A 230 -15.34 -9.29 -21.81
N LYS A 231 -14.08 -9.41 -21.35
CA LYS A 231 -13.05 -8.38 -21.26
C LYS A 231 -12.98 -7.17 -22.18
N MET A 232 -12.12 -6.24 -21.78
CA MET A 232 -11.89 -5.00 -22.49
C MET A 232 -10.49 -4.52 -22.15
N HIS A 233 -10.13 -3.38 -22.71
CA HIS A 233 -8.85 -2.74 -22.50
C HIS A 233 -9.17 -1.42 -23.17
N THR A 234 -9.07 -0.34 -22.41
CA THR A 234 -9.39 0.95 -23.00
C THR A 234 -8.55 2.08 -22.44
N VAL A 235 -8.97 3.29 -22.72
CA VAL A 235 -8.30 4.50 -22.27
C VAL A 235 -9.38 5.54 -22.29
N ASN A 236 -9.59 6.23 -21.18
CA ASN A 236 -10.64 7.23 -21.11
C ASN A 236 -11.95 6.60 -21.62
N GLY A 237 -11.89 5.30 -21.90
CA GLY A 237 -13.04 4.58 -22.36
C GLY A 237 -13.16 4.30 -23.84
N TYR A 238 -12.06 4.26 -24.58
CA TYR A 238 -12.11 4.00 -26.02
C TYR A 238 -11.22 2.84 -26.42
N VAL A 239 -11.13 2.55 -27.71
CA VAL A 239 -10.32 1.43 -28.18
C VAL A 239 -9.68 1.58 -29.55
N ASN A 240 -9.41 0.43 -30.16
CA ASN A 240 -8.78 0.33 -31.47
C ASN A 240 -8.49 1.63 -32.20
N ARG A 241 -7.47 2.34 -31.74
CA ARG A 241 -7.01 3.60 -32.32
C ARG A 241 -7.99 4.75 -32.16
N SER A 242 -9.26 4.44 -31.91
CA SER A 242 -10.28 5.46 -31.77
C SER A 242 -9.94 6.47 -30.70
N LEU A 243 -10.96 7.15 -30.20
CA LEU A 243 -10.79 8.16 -29.16
C LEU A 243 -10.37 9.52 -29.69
N PRO A 244 -11.31 10.46 -29.76
CA PRO A 244 -11.05 11.83 -30.23
C PRO A 244 -10.33 12.63 -29.15
N GLY A 245 -10.10 13.91 -29.43
CA GLY A 245 -9.39 14.76 -28.48
C GLY A 245 -7.92 14.40 -28.50
N LEU A 246 -7.15 14.97 -27.57
CA LEU A 246 -5.71 14.74 -27.44
C LEU A 246 -4.90 15.49 -28.48
N ILE A 247 -4.49 16.70 -28.12
CA ILE A 247 -3.71 17.52 -29.02
C ILE A 247 -2.75 18.42 -28.27
N GLY A 248 -1.47 18.34 -28.61
CA GLY A 248 -0.47 19.16 -27.95
C GLY A 248 0.27 20.11 -28.86
N CYS A 249 1.09 20.97 -28.28
CA CYS A 249 1.84 21.93 -29.09
C CYS A 249 3.19 21.48 -29.53
N HIS A 250 3.91 22.40 -30.13
CA HIS A 250 5.23 22.07 -30.60
C HIS A 250 6.26 22.37 -29.53
N ARG A 251 6.84 23.55 -29.61
CA ARG A 251 7.86 23.97 -28.67
C ARG A 251 7.50 23.77 -27.20
N LYS A 252 6.22 23.79 -26.86
CA LYS A 252 5.82 23.59 -25.47
C LYS A 252 5.49 22.14 -25.16
N SER A 253 5.39 21.82 -23.87
CA SER A 253 5.11 20.46 -23.43
C SER A 253 3.71 20.25 -22.93
N VAL A 254 3.51 19.13 -22.27
CA VAL A 254 2.20 18.77 -21.77
C VAL A 254 2.31 18.11 -20.42
N TYR A 255 1.18 17.96 -19.74
CA TYR A 255 1.17 17.29 -18.45
C TYR A 255 0.13 16.17 -18.40
N TRP A 256 0.60 14.96 -18.07
CA TRP A 256 -0.26 13.78 -18.02
C TRP A 256 -0.81 13.38 -16.65
N HIS A 257 -2.10 13.09 -16.61
CA HIS A 257 -2.75 12.65 -15.39
C HIS A 257 -3.26 11.27 -15.68
N VAL A 258 -2.66 10.29 -15.04
CA VAL A 258 -3.05 8.90 -15.26
C VAL A 258 -3.80 8.37 -14.04
N ILE A 259 -4.45 7.22 -14.19
CA ILE A 259 -5.21 6.57 -13.11
C ILE A 259 -5.36 5.08 -13.39
N GLY A 260 -4.61 4.22 -12.73
CA GLY A 260 -4.78 2.80 -13.00
C GLY A 260 -6.20 2.36 -12.70
N MET A 261 -6.58 1.13 -13.08
CA MET A 261 -7.92 0.59 -12.81
C MET A 261 -8.16 -0.71 -13.58
N GLY A 262 -8.52 -1.78 -12.87
CA GLY A 262 -8.77 -3.05 -13.53
C GLY A 262 -9.41 -4.12 -12.68
N THR A 263 -9.59 -3.81 -11.40
CA THR A 263 -10.18 -4.73 -10.43
C THR A 263 -9.71 -6.18 -10.61
N THR A 264 -8.39 -6.34 -10.64
CA THR A 264 -7.74 -7.65 -10.76
C THR A 264 -6.26 -7.46 -11.11
N PRO A 265 -5.36 -8.33 -10.60
CA PRO A 265 -3.92 -8.23 -10.86
C PRO A 265 -3.54 -7.88 -12.29
N GLU A 266 -4.48 -7.98 -13.22
CA GLU A 266 -4.20 -7.65 -14.61
C GLU A 266 -3.53 -6.28 -14.69
N VAL A 267 -2.27 -6.28 -15.17
CA VAL A 267 -1.49 -5.06 -15.32
C VAL A 267 -1.65 -4.56 -16.75
N HIS A 268 -0.87 -3.55 -17.11
CA HIS A 268 -0.96 -2.99 -18.42
C HIS A 268 0.15 -1.95 -18.58
N SER A 269 1.05 -2.16 -19.53
CA SER A 269 2.15 -1.22 -19.75
C SER A 269 1.83 -0.33 -20.93
N ILE A 270 2.67 0.66 -21.18
CA ILE A 270 2.36 1.58 -22.26
C ILE A 270 3.46 2.58 -22.61
N PHE A 271 3.90 2.55 -23.87
CA PHE A 271 4.93 3.49 -24.34
C PHE A 271 4.22 4.62 -25.06
N LEU A 272 4.88 5.14 -26.08
CA LEU A 272 4.35 6.23 -26.92
C LEU A 272 5.17 6.16 -28.20
N GLU A 273 4.59 5.63 -29.27
CA GLU A 273 5.34 5.56 -30.55
C GLU A 273 5.61 7.01 -30.87
N GLY A 274 6.52 7.58 -30.08
CA GLY A 274 6.89 8.96 -30.27
C GLY A 274 7.61 9.61 -29.11
N HIS A 275 7.67 8.99 -27.93
CA HIS A 275 8.36 9.65 -26.81
C HIS A 275 8.88 8.93 -25.58
N THR A 276 9.35 9.80 -24.66
CA THR A 276 9.94 9.48 -23.36
C THR A 276 9.13 10.23 -22.30
N PHE A 277 8.80 9.55 -21.22
CA PHE A 277 8.00 10.14 -20.16
C PHE A 277 8.73 10.62 -18.94
N LEU A 278 8.16 11.62 -18.28
CA LEU A 278 8.77 12.21 -17.11
C LEU A 278 8.01 12.17 -15.80
N VAL A 279 8.35 11.19 -14.97
CA VAL A 279 7.76 11.03 -13.66
C VAL A 279 8.87 11.35 -12.68
N ARG A 280 8.49 11.58 -11.43
CA ARG A 280 9.48 11.96 -10.43
C ARG A 280 10.30 12.97 -11.22
N ASN A 281 11.46 12.53 -11.68
CA ASN A 281 12.33 13.38 -12.45
C ASN A 281 13.25 12.41 -13.16
N HIS A 282 12.66 11.30 -13.60
CA HIS A 282 13.43 10.26 -14.27
C HIS A 282 12.90 9.93 -15.67
N ARG A 283 13.77 9.89 -16.67
CA ARG A 283 13.33 9.52 -18.00
C ARG A 283 12.99 8.06 -17.83
N GLN A 284 11.85 7.62 -18.35
CA GLN A 284 11.50 6.22 -18.25
C GLN A 284 10.73 5.73 -19.46
N ALA A 285 10.03 6.65 -20.10
CA ALA A 285 9.26 6.34 -21.30
C ALA A 285 8.72 4.94 -21.23
N SER A 286 7.55 4.76 -20.63
CA SER A 286 6.98 3.43 -20.53
C SER A 286 5.80 3.44 -19.60
N LEU A 287 5.72 4.47 -18.78
CA LEU A 287 4.63 4.56 -17.82
C LEU A 287 4.37 3.22 -17.18
N GLU A 288 5.41 2.60 -16.61
CA GLU A 288 5.27 1.32 -15.93
C GLU A 288 4.05 1.54 -15.04
N ILE A 289 2.91 1.00 -15.45
CA ILE A 289 1.65 1.17 -14.70
C ILE A 289 1.02 -0.09 -14.10
N SER A 290 0.59 0.05 -12.85
CA SER A 290 -0.03 -1.03 -12.09
C SER A 290 -1.55 -1.01 -12.10
N PRO A 291 -2.17 -2.13 -11.72
CA PRO A 291 -3.62 -2.32 -11.66
C PRO A 291 -4.44 -1.20 -11.03
N ILE A 292 -3.77 -0.18 -10.49
CA ILE A 292 -4.48 0.93 -9.88
C ILE A 292 -3.49 1.88 -9.25
N THR A 293 -3.02 2.83 -10.04
CA THR A 293 -2.05 3.76 -9.58
C THR A 293 -2.42 5.16 -10.00
N PHE A 294 -1.76 6.11 -9.36
CA PHE A 294 -1.93 7.52 -9.64
C PHE A 294 -0.57 8.10 -9.98
N LEU A 295 -0.13 7.86 -11.21
CA LEU A 295 1.15 8.35 -11.69
C LEU A 295 0.94 9.56 -12.61
N THR A 296 1.65 10.63 -12.32
CA THR A 296 1.57 11.83 -13.12
C THR A 296 2.84 11.86 -13.96
N ALA A 297 2.94 12.81 -14.89
CA ALA A 297 4.13 12.89 -15.73
C ALA A 297 3.95 13.95 -16.78
N GLN A 298 4.90 14.01 -17.71
CA GLN A 298 4.83 15.01 -18.76
C GLN A 298 5.63 14.67 -20.00
N THR A 299 5.73 15.62 -20.92
CA THR A 299 6.45 15.39 -22.17
C THR A 299 6.85 16.62 -23.01
N LEU A 300 8.16 16.89 -23.03
CA LEU A 300 8.72 18.00 -23.81
C LEU A 300 8.42 17.53 -25.21
N LEU A 301 7.38 18.11 -25.80
CA LEU A 301 6.96 17.69 -27.12
C LEU A 301 7.58 18.30 -28.36
N MET A 302 8.75 17.81 -28.75
CA MET A 302 9.41 18.31 -29.96
C MET A 302 8.73 17.52 -31.05
N ASP A 303 9.10 17.78 -32.30
CA ASP A 303 8.53 17.07 -33.44
C ASP A 303 7.13 17.57 -33.78
N LEU A 304 6.33 16.71 -34.40
CA LEU A 304 4.98 17.09 -34.78
C LEU A 304 4.35 15.95 -35.56
N GLY A 305 3.02 15.95 -35.63
CA GLY A 305 2.29 14.90 -36.34
C GLY A 305 1.37 14.17 -35.38
N GLN A 306 1.37 12.85 -35.46
CA GLN A 306 0.55 12.06 -34.55
C GLN A 306 1.27 10.78 -34.19
N PHE A 307 1.22 10.41 -32.91
CA PHE A 307 1.90 9.21 -32.40
C PHE A 307 0.97 8.21 -31.71
N LEU A 308 1.16 6.93 -31.99
CA LEU A 308 0.32 5.89 -31.43
C LEU A 308 0.48 5.64 -29.95
N LEU A 309 -0.06 6.51 -29.12
CA LEU A 309 0.04 6.26 -27.70
C LEU A 309 -0.64 4.91 -27.52
N PHE A 310 0.08 3.90 -27.05
CA PHE A 310 -0.57 2.61 -26.95
C PHE A 310 0.03 1.68 -25.91
N CYS A 311 -0.72 0.63 -25.58
CA CYS A 311 -0.29 -0.36 -24.61
C CYS A 311 0.59 -1.42 -25.25
N HIS A 312 1.87 -1.43 -24.86
CA HIS A 312 2.80 -2.38 -25.43
C HIS A 312 3.02 -3.60 -24.53
N ILE A 313 2.50 -4.77 -24.93
CA ILE A 313 2.71 -5.99 -24.14
C ILE A 313 2.57 -7.35 -24.83
N SER A 314 1.35 -7.91 -24.79
CA SER A 314 1.04 -9.22 -25.37
C SER A 314 -0.28 -9.31 -26.13
N SER A 315 -1.36 -9.50 -25.38
CA SER A 315 -2.70 -9.59 -25.95
C SER A 315 -3.61 -8.46 -25.46
N HIS A 316 -3.03 -7.27 -25.36
CA HIS A 316 -3.74 -6.06 -24.91
C HIS A 316 -3.96 -5.10 -26.09
N GLN A 317 -3.36 -5.43 -27.23
CA GLN A 317 -3.44 -4.60 -28.44
C GLN A 317 -4.73 -4.71 -29.24
N HIS A 318 -4.93 -5.84 -29.91
CA HIS A 318 -6.13 -6.06 -30.71
C HIS A 318 -7.36 -5.86 -29.82
N ASP A 319 -7.16 -5.91 -28.51
CA ASP A 319 -8.23 -5.73 -27.53
C ASP A 319 -8.35 -4.26 -27.14
N GLY A 320 -7.77 -3.38 -27.97
CA GLY A 320 -7.83 -1.96 -27.71
C GLY A 320 -6.61 -1.42 -27.00
N MET A 321 -6.84 -0.41 -26.16
CA MET A 321 -5.79 0.23 -25.38
C MET A 321 -4.94 1.15 -26.21
N GLU A 322 -5.01 1.00 -27.52
CA GLU A 322 -4.25 1.85 -28.42
C GLU A 322 -5.09 3.11 -28.65
N ALA A 323 -4.46 4.27 -28.58
CA ALA A 323 -5.16 5.53 -28.81
C ALA A 323 -4.22 6.64 -29.28
N TYR A 324 -4.53 7.21 -30.45
CA TYR A 324 -3.73 8.25 -31.08
C TYR A 324 -3.78 9.54 -30.31
N VAL A 325 -2.70 10.29 -30.42
CA VAL A 325 -2.53 11.60 -29.78
C VAL A 325 -1.88 12.53 -30.80
N LYS A 326 -2.61 13.55 -31.23
CA LYS A 326 -2.06 14.46 -32.24
C LYS A 326 -1.38 15.70 -31.69
N VAL A 327 -0.67 16.39 -32.58
CA VAL A 327 0.03 17.62 -32.27
C VAL A 327 -0.11 18.51 -33.51
N ASP A 328 0.08 19.82 -33.37
CA ASP A 328 -0.10 20.73 -34.50
C ASP A 328 0.46 22.14 -34.28
N SER A 329 0.62 22.86 -35.39
CA SER A 329 1.14 24.22 -35.36
C SER A 329 0.24 25.07 -34.48
N CYS A 330 0.71 25.31 -33.26
CA CYS A 330 -0.02 26.11 -32.29
C CYS A 330 0.16 27.60 -32.49
N PRO A 331 -0.85 28.40 -32.13
CA PRO A 331 -0.76 29.85 -32.27
C PRO A 331 0.42 30.41 -31.48
N GLU A 332 0.67 31.71 -31.59
CA GLU A 332 1.79 32.35 -30.90
C GLU A 332 1.41 33.73 -30.39
N GLU A 333 1.54 33.93 -29.08
CA GLU A 333 1.19 35.21 -28.46
C GLU A 333 2.32 35.92 -27.69
N PRO A 334 3.20 36.66 -28.41
CA PRO A 334 4.31 37.38 -27.78
C PRO A 334 4.02 38.87 -27.56
N GLN A 335 4.65 39.47 -26.55
CA GLN A 335 4.47 40.89 -26.24
C GLN A 335 5.65 41.69 -26.81
N PHE A 361 51.92 -16.46 -27.33
CA PHE A 361 50.80 -16.69 -28.22
C PHE A 361 50.09 -15.38 -28.63
N ASP A 362 50.24 -14.30 -27.84
CA ASP A 362 49.63 -12.99 -28.15
C ASP A 362 49.72 -11.86 -27.08
N ASP A 363 49.61 -10.60 -27.52
CA ASP A 363 49.64 -9.37 -26.67
C ASP A 363 50.99 -8.63 -26.50
N ASP A 364 51.02 -7.33 -26.82
CA ASP A 364 52.25 -6.51 -26.68
C ASP A 364 52.26 -5.11 -27.38
N ASN A 365 51.37 -4.18 -27.00
CA ASN A 365 51.36 -2.83 -27.63
C ASN A 365 50.69 -1.66 -26.85
N SER A 366 51.43 -0.54 -26.75
CA SER A 366 51.00 0.70 -26.05
C SER A 366 52.08 1.83 -26.07
N PRO A 367 52.01 2.79 -27.03
CA PRO A 367 52.94 3.92 -27.21
C PRO A 367 53.09 4.90 -26.02
N SER A 368 54.01 5.86 -26.14
CA SER A 368 54.27 6.86 -25.09
C SER A 368 55.33 7.93 -25.45
N PHE A 369 55.09 9.18 -25.06
CA PHE A 369 56.06 10.27 -25.32
C PHE A 369 56.18 11.25 -24.13
N ILE A 370 55.55 12.43 -24.20
CA ILE A 370 55.60 13.44 -23.12
C ILE A 370 54.22 13.85 -22.55
N GLN A 371 54.04 13.62 -21.25
CA GLN A 371 52.80 13.92 -20.53
C GLN A 371 52.58 15.42 -20.37
N ILE A 372 51.38 15.87 -20.76
CA ILE A 372 51.01 17.28 -20.65
C ILE A 372 50.21 17.52 -19.34
N ARG A 373 50.75 16.97 -18.23
CA ARG A 373 50.17 17.07 -16.88
C ARG A 373 48.91 16.23 -16.67
N SER A 374 47.77 16.75 -17.13
CA SER A 374 46.49 16.06 -16.99
C SER A 374 45.70 15.99 -18.31
N VAL A 375 45.84 17.03 -19.13
CA VAL A 375 45.20 17.18 -20.46
C VAL A 375 43.66 17.29 -20.56
N ALA A 376 43.16 18.53 -20.69
CA ALA A 376 41.72 18.79 -20.79
C ALA A 376 41.17 18.34 -22.16
N LYS A 377 40.69 19.29 -22.98
CA LYS A 377 40.14 19.00 -24.32
C LYS A 377 38.72 18.42 -24.23
N LYS A 378 37.72 19.31 -24.07
CA LYS A 378 36.29 18.97 -23.89
C LYS A 378 35.43 18.37 -25.06
N HIS A 379 34.21 18.89 -25.23
CA HIS A 379 33.24 18.49 -26.28
C HIS A 379 33.03 16.98 -26.58
N PRO A 380 32.13 16.63 -27.55
CA PRO A 380 31.87 15.23 -27.90
C PRO A 380 32.70 14.64 -29.04
N LYS A 381 32.36 13.41 -29.41
CA LYS A 381 33.03 12.68 -30.49
C LYS A 381 32.08 11.55 -30.89
N THR A 382 32.13 11.13 -32.15
CA THR A 382 31.25 10.07 -32.63
C THR A 382 31.85 8.69 -32.50
N TRP A 383 31.07 7.71 -32.03
CA TRP A 383 31.59 6.35 -31.87
C TRP A 383 31.48 5.51 -33.13
N VAL A 384 32.39 4.56 -33.29
CA VAL A 384 32.37 3.70 -34.48
C VAL A 384 32.05 2.28 -34.08
N HIS A 385 31.43 1.53 -34.99
CA HIS A 385 31.06 0.16 -34.70
C HIS A 385 30.94 -0.77 -35.91
N TYR A 386 32.04 -1.27 -36.44
CA TYR A 386 31.94 -2.18 -37.57
C TYR A 386 31.33 -3.44 -36.98
N ILE A 387 30.01 -3.47 -36.94
CA ILE A 387 29.30 -4.61 -36.38
C ILE A 387 28.27 -5.19 -37.33
N ALA A 388 27.96 -6.46 -37.16
CA ALA A 388 27.00 -7.10 -38.03
C ALA A 388 26.27 -8.18 -37.26
N ALA A 389 25.41 -8.95 -37.94
CA ALA A 389 24.63 -10.02 -37.32
C ALA A 389 24.59 -11.28 -38.18
N GLU A 390 25.20 -12.35 -37.68
CA GLU A 390 25.30 -13.63 -38.39
C GLU A 390 24.66 -14.79 -37.64
N GLU A 391 24.65 -15.96 -38.28
CA GLU A 391 24.07 -17.16 -37.68
C GLU A 391 25.12 -17.92 -36.87
N GLU A 392 24.66 -18.93 -36.13
CA GLU A 392 25.51 -19.79 -35.30
C GLU A 392 24.65 -20.53 -34.27
N ASP A 393 25.06 -21.74 -33.93
CA ASP A 393 24.34 -22.50 -32.94
C ASP A 393 24.92 -22.18 -31.57
N TRP A 394 24.04 -22.04 -30.59
CA TRP A 394 24.45 -21.70 -29.25
C TRP A 394 23.91 -22.70 -28.24
N ASP A 395 24.59 -22.86 -27.12
CA ASP A 395 24.13 -23.77 -26.09
C ASP A 395 24.23 -23.12 -24.73
N TYR A 396 23.32 -23.47 -23.83
CA TYR A 396 23.29 -22.89 -22.50
C TYR A 396 24.05 -23.71 -21.47
N ALA A 397 25.12 -24.37 -21.90
CA ALA A 397 25.92 -25.21 -21.02
C ALA A 397 27.16 -24.48 -20.49
N PRO A 398 28.20 -25.22 -20.04
CA PRO A 398 28.42 -26.66 -19.94
C PRO A 398 28.33 -27.25 -18.53
N LEU A 399 27.14 -27.65 -18.10
CA LEU A 399 27.01 -28.19 -16.76
C LEU A 399 26.38 -29.60 -16.68
N VAL A 400 26.46 -30.20 -15.49
CA VAL A 400 25.96 -31.54 -15.16
C VAL A 400 24.77 -32.04 -15.97
N LEU A 401 24.63 -33.37 -16.01
CA LEU A 401 23.55 -34.01 -16.75
C LEU A 401 22.74 -34.89 -15.78
N ALA A 402 21.69 -35.53 -16.30
CA ALA A 402 20.84 -36.41 -15.48
C ALA A 402 19.56 -36.81 -16.24
N PRO A 403 19.54 -38.03 -16.81
CA PRO A 403 18.38 -38.52 -17.58
C PRO A 403 17.13 -38.86 -16.76
N ASP A 404 16.32 -39.74 -17.33
CA ASP A 404 15.07 -40.23 -16.74
C ASP A 404 14.48 -39.34 -15.64
N ASP A 405 14.93 -39.59 -14.40
CA ASP A 405 14.46 -38.89 -13.22
C ASP A 405 14.39 -37.37 -13.41
N ARG A 406 15.54 -36.70 -13.44
CA ARG A 406 15.58 -35.25 -13.58
C ARG A 406 14.64 -34.77 -14.69
N SER A 407 13.37 -34.60 -14.32
CA SER A 407 12.32 -34.17 -15.24
C SER A 407 12.10 -32.67 -15.15
N TYR A 408 13.17 -31.94 -14.88
CA TYR A 408 13.11 -30.48 -14.78
C TYR A 408 14.40 -29.96 -15.36
N LYS A 409 15.46 -30.01 -14.57
CA LYS A 409 16.76 -29.54 -15.00
C LYS A 409 17.24 -30.42 -16.17
N SER A 410 16.33 -31.18 -16.78
CA SER A 410 16.73 -32.05 -17.88
C SER A 410 15.86 -32.01 -19.12
N GLN A 411 14.61 -31.57 -18.98
CA GLN A 411 13.73 -31.51 -20.13
C GLN A 411 14.34 -30.57 -21.17
N TYR A 412 15.37 -29.85 -20.74
CA TYR A 412 16.04 -28.87 -21.59
C TYR A 412 17.45 -29.22 -22.06
N LEU A 413 18.44 -29.08 -21.16
CA LEU A 413 19.85 -29.36 -21.48
C LEU A 413 20.12 -30.72 -22.14
N ASN A 414 19.30 -31.70 -21.82
CA ASN A 414 19.45 -33.04 -22.36
C ASN A 414 18.28 -33.36 -23.30
N ASN A 415 18.60 -33.63 -24.56
CA ASN A 415 17.59 -33.91 -25.59
C ASN A 415 17.00 -35.32 -25.52
N GLY A 416 15.90 -35.52 -26.24
CA GLY A 416 15.25 -36.82 -26.27
C GLY A 416 14.69 -37.15 -27.65
N PRO A 417 13.78 -38.14 -27.74
CA PRO A 417 13.13 -38.59 -28.97
C PRO A 417 12.28 -37.47 -29.55
N GLN A 418 11.81 -36.61 -28.65
CA GLN A 418 11.01 -35.44 -29.01
C GLN A 418 11.40 -34.28 -28.11
N ARG A 419 12.71 -34.15 -27.95
CA ARG A 419 13.34 -33.09 -27.17
C ARG A 419 14.71 -32.89 -27.80
N ILE A 420 15.23 -31.68 -27.72
CA ILE A 420 16.54 -31.36 -28.29
C ILE A 420 17.37 -30.54 -27.31
N GLY A 421 16.70 -29.59 -26.66
CA GLY A 421 17.34 -28.72 -25.69
C GLY A 421 18.83 -28.53 -25.85
N ARG A 422 19.49 -28.20 -24.75
CA ARG A 422 20.94 -28.00 -24.72
C ARG A 422 21.46 -26.93 -25.68
N LYS A 423 21.52 -27.29 -26.96
CA LYS A 423 22.04 -26.40 -27.99
C LYS A 423 21.06 -26.20 -29.14
N TYR A 424 20.88 -24.94 -29.52
CA TYR A 424 20.01 -24.57 -30.63
C TYR A 424 20.82 -23.65 -31.57
N LYS A 425 20.38 -23.55 -32.82
CA LYS A 425 21.06 -22.71 -33.81
C LYS A 425 20.29 -21.38 -33.96
N LYS A 426 20.90 -20.31 -33.46
CA LYS A 426 20.28 -18.98 -33.51
C LYS A 426 21.21 -17.94 -34.16
N VAL A 427 20.86 -16.67 -34.06
CA VAL A 427 21.64 -15.56 -34.64
C VAL A 427 21.73 -14.35 -33.72
N ARG A 428 22.95 -13.90 -33.42
CA ARG A 428 23.14 -12.74 -32.53
C ARG A 428 23.81 -11.59 -33.26
N PHE A 429 24.37 -10.68 -32.49
CA PHE A 429 25.07 -9.54 -33.03
C PHE A 429 26.55 -9.68 -32.66
N MET A 430 27.43 -9.54 -33.65
CA MET A 430 28.88 -9.62 -33.44
C MET A 430 29.55 -8.33 -33.89
N ALA A 431 30.75 -8.04 -33.36
CA ALA A 431 31.50 -6.84 -33.74
C ALA A 431 32.43 -7.17 -34.92
N TYR A 432 32.37 -8.43 -35.33
CA TYR A 432 33.13 -8.99 -36.45
C TYR A 432 34.58 -8.48 -36.62
N THR A 433 35.49 -9.44 -36.80
CA THR A 433 36.93 -9.19 -36.93
C THR A 433 37.62 -9.26 -38.29
N ASP A 434 36.90 -9.05 -39.39
CA ASP A 434 37.53 -9.15 -40.71
C ASP A 434 36.65 -8.91 -41.92
N GLU A 435 35.49 -8.34 -41.73
CA GLU A 435 34.62 -8.08 -42.85
C GLU A 435 35.34 -7.05 -43.68
N THR A 436 34.67 -6.64 -44.75
CA THR A 436 35.19 -5.63 -45.63
C THR A 436 34.74 -4.30 -45.01
N PHE A 437 35.42 -3.88 -43.95
CA PHE A 437 35.17 -2.59 -43.26
C PHE A 437 35.63 -2.53 -41.80
N LYS A 438 36.65 -3.34 -41.45
CA LYS A 438 37.35 -3.37 -40.05
C LYS A 438 36.96 -4.40 -38.89
N THR A 439 36.85 -3.91 -37.66
CA THR A 439 36.52 -4.79 -36.56
C THR A 439 36.70 -4.12 -35.19
N ARG A 440 37.46 -4.78 -34.30
CA ARG A 440 37.79 -4.36 -32.90
C ARG A 440 36.89 -5.11 -31.91
N GLU A 441 37.05 -6.44 -31.87
CA GLU A 441 36.22 -7.27 -31.02
C GLU A 441 36.90 -8.30 -30.11
N ALA A 442 36.33 -9.50 -30.08
CA ALA A 442 36.76 -10.64 -29.26
C ALA A 442 35.92 -10.56 -27.98
N ILE A 443 35.56 -11.71 -27.40
CA ILE A 443 34.73 -11.66 -26.20
C ILE A 443 34.68 -12.83 -25.22
N GLN A 444 34.46 -12.49 -23.95
CA GLN A 444 34.35 -13.47 -22.88
C GLN A 444 32.87 -13.82 -22.73
N HIS A 445 32.61 -14.94 -22.08
CA HIS A 445 31.24 -15.39 -21.88
C HIS A 445 30.58 -14.65 -20.73
N GLU A 446 31.31 -13.76 -20.07
CA GLU A 446 30.75 -13.02 -18.94
C GLU A 446 29.71 -11.98 -19.37
N SER A 447 29.04 -12.29 -20.48
CA SER A 447 28.01 -11.45 -21.07
C SER A 447 27.54 -12.26 -22.26
N GLY A 448 26.53 -13.09 -21.99
CA GLY A 448 25.94 -14.00 -22.96
C GLY A 448 25.77 -13.64 -24.42
N ILE A 449 24.64 -14.08 -24.96
CA ILE A 449 24.30 -13.84 -26.36
C ILE A 449 24.13 -12.36 -26.61
N LEU A 450 24.01 -11.60 -25.53
CA LEU A 450 23.84 -10.16 -25.62
C LEU A 450 24.65 -9.56 -26.76
N GLY A 451 24.35 -8.31 -27.11
CA GLY A 451 25.07 -7.66 -28.19
C GLY A 451 26.21 -6.81 -27.66
N PRO A 452 27.37 -6.82 -28.31
CA PRO A 452 28.48 -6.01 -27.81
C PRO A 452 28.05 -4.61 -27.33
N LEU A 453 27.91 -4.46 -26.02
CA LEU A 453 27.49 -3.20 -25.39
C LEU A 453 27.97 -1.95 -26.12
N LEU A 454 27.28 -0.83 -25.92
CA LEU A 454 27.65 0.41 -26.60
C LEU A 454 27.31 1.72 -25.92
N TYR A 455 28.28 2.31 -25.24
CA TYR A 455 28.15 3.57 -24.51
C TYR A 455 27.51 4.64 -25.37
N GLY A 456 27.11 5.73 -24.73
CA GLY A 456 26.49 6.82 -25.46
C GLY A 456 26.46 8.13 -24.69
N GLU A 457 27.56 8.88 -24.71
CA GLU A 457 27.58 10.17 -24.03
C GLU A 457 26.55 11.07 -24.69
N VAL A 458 25.92 11.94 -23.92
CA VAL A 458 24.93 12.83 -24.50
C VAL A 458 25.57 13.68 -25.58
N GLY A 459 24.79 14.05 -26.58
CA GLY A 459 25.31 14.86 -27.65
C GLY A 459 26.07 13.96 -28.60
N ASP A 460 26.79 12.99 -28.03
CA ASP A 460 27.56 12.05 -28.82
C ASP A 460 26.69 11.45 -29.91
N THR A 461 27.33 10.90 -30.95
CA THR A 461 26.60 10.28 -32.06
C THR A 461 27.20 8.92 -32.41
N LEU A 462 26.37 8.02 -32.91
CA LEU A 462 26.78 6.67 -33.26
C LEU A 462 26.72 6.37 -34.74
N LEU A 463 27.73 5.65 -35.22
CA LEU A 463 27.84 5.24 -36.62
C LEU A 463 27.92 3.75 -36.55
N ILE A 464 26.85 3.09 -36.93
CA ILE A 464 26.85 1.64 -36.81
C ILE A 464 26.88 0.91 -38.13
N ILE A 465 28.01 0.99 -38.81
CA ILE A 465 28.15 0.32 -40.09
C ILE A 465 27.71 -1.12 -39.88
N PHE A 466 26.48 -1.44 -40.27
CA PHE A 466 25.94 -2.78 -40.09
C PHE A 466 25.67 -3.52 -41.39
N LYS A 467 25.87 -4.83 -41.36
CA LYS A 467 25.67 -5.66 -42.54
C LYS A 467 25.15 -7.04 -42.18
N ASN A 468 24.20 -7.53 -42.97
CA ASN A 468 23.64 -8.86 -42.72
C ASN A 468 24.78 -9.84 -42.89
N GLN A 469 24.45 -11.12 -42.79
CA GLN A 469 25.41 -12.19 -42.95
C GLN A 469 24.71 -13.45 -42.46
N ALA A 470 23.39 -13.42 -42.59
CA ALA A 470 22.54 -14.53 -42.18
C ALA A 470 21.62 -14.91 -43.33
N SER A 471 20.69 -15.82 -43.07
CA SER A 471 19.77 -16.29 -44.09
C SER A 471 18.69 -15.24 -44.41
N ARG A 472 17.75 -15.05 -43.48
CA ARG A 472 16.65 -14.12 -43.65
C ARG A 472 17.04 -12.67 -43.31
N PRO A 473 16.66 -11.72 -44.15
CA PRO A 473 17.00 -10.32 -43.87
C PRO A 473 16.35 -9.80 -42.60
N TYR A 474 17.18 -9.19 -41.75
CA TYR A 474 16.73 -8.62 -40.49
C TYR A 474 17.16 -7.17 -40.38
N ASN A 475 16.80 -6.52 -39.28
CA ASN A 475 17.15 -5.13 -39.08
C ASN A 475 17.82 -4.84 -37.72
N ILE A 476 18.04 -3.56 -37.43
CA ILE A 476 18.67 -3.18 -36.17
C ILE A 476 18.36 -1.74 -35.79
N TYR A 477 17.49 -1.57 -34.80
CA TYR A 477 17.13 -0.24 -34.35
C TYR A 477 17.35 -0.11 -32.86
N PRO A 478 17.63 1.10 -32.40
CA PRO A 478 17.84 1.32 -30.98
C PRO A 478 16.61 1.89 -30.26
N HIS A 479 16.22 1.26 -29.16
CA HIS A 479 15.05 1.67 -28.38
C HIS A 479 15.38 2.53 -27.18
N GLY A 480 15.66 3.81 -27.42
CA GLY A 480 15.97 4.69 -26.32
C GLY A 480 16.38 6.04 -26.86
N ILE A 481 16.64 6.04 -28.16
CA ILE A 481 17.05 7.26 -28.84
C ILE A 481 15.88 7.73 -29.68
N THR A 482 16.07 8.86 -30.36
CA THR A 482 15.01 9.41 -31.18
C THR A 482 15.46 9.88 -32.58
N ASP A 483 16.69 10.39 -32.69
CA ASP A 483 17.24 10.88 -33.95
C ASP A 483 18.03 9.78 -34.68
N VAL A 484 17.32 8.94 -35.43
CA VAL A 484 17.94 7.83 -36.14
C VAL A 484 17.84 7.85 -37.67
N ARG A 485 18.53 8.78 -38.31
CA ARG A 485 18.49 8.85 -39.75
C ARG A 485 19.81 8.40 -40.32
N PRO A 486 19.76 7.47 -41.27
CA PRO A 486 20.92 6.91 -41.95
C PRO A 486 21.75 8.00 -42.59
N LEU A 487 22.73 8.50 -41.85
CA LEU A 487 23.61 9.59 -42.30
C LEU A 487 23.79 9.81 -43.80
N TYR A 488 24.30 11.00 -44.10
CA TYR A 488 24.53 11.46 -45.47
C TYR A 488 23.23 12.02 -46.03
N SER A 489 22.11 11.41 -45.65
CA SER A 489 20.79 11.85 -46.10
C SER A 489 19.66 11.38 -45.18
N ARG A 490 18.67 12.24 -44.99
CA ARG A 490 17.56 11.90 -44.14
C ARG A 490 16.44 11.22 -44.95
N ARG A 491 16.76 10.77 -46.16
CA ARG A 491 15.78 10.10 -47.01
C ARG A 491 15.46 8.70 -46.50
N LEU A 492 14.76 7.91 -47.33
CA LEU A 492 14.40 6.55 -46.96
C LEU A 492 14.22 5.67 -48.19
N PRO A 493 14.63 4.40 -48.10
CA PRO A 493 14.55 3.41 -49.19
C PRO A 493 13.38 3.63 -50.14
N LYS A 494 13.56 4.57 -51.05
CA LYS A 494 12.52 4.94 -51.99
C LYS A 494 11.21 4.90 -51.20
N GLY A 495 10.36 3.92 -51.47
CA GLY A 495 9.11 3.84 -50.75
C GLY A 495 9.21 3.22 -49.37
N VAL A 496 8.82 3.97 -48.35
CA VAL A 496 8.85 3.46 -46.99
C VAL A 496 8.52 4.52 -45.94
N LYS A 497 8.46 4.09 -44.69
CA LYS A 497 8.14 4.93 -43.55
C LYS A 497 8.86 4.35 -42.33
N HIS A 498 9.81 5.09 -41.78
CA HIS A 498 10.57 4.66 -40.60
C HIS A 498 11.30 3.32 -40.76
N LEU A 499 12.62 3.37 -40.78
CA LEU A 499 13.46 2.17 -40.97
C LEU A 499 13.04 0.93 -40.24
N LYS A 500 12.44 1.11 -39.07
CA LYS A 500 12.01 -0.05 -38.32
C LYS A 500 11.11 -0.93 -39.20
N ASP A 501 9.85 -0.56 -39.29
CA ASP A 501 8.86 -1.31 -40.06
C ASP A 501 9.33 -1.97 -41.34
N PHE A 502 10.37 -1.43 -41.98
CA PHE A 502 10.79 -2.06 -43.23
C PHE A 502 12.27 -2.34 -43.55
N PRO A 503 13.02 -1.35 -44.08
CA PRO A 503 14.44 -1.43 -44.47
C PRO A 503 15.18 -2.73 -44.20
N ILE A 504 14.55 -3.87 -44.46
CA ILE A 504 15.19 -5.15 -44.23
C ILE A 504 16.43 -5.19 -45.13
N LEU A 505 17.45 -5.99 -44.80
CA LEU A 505 18.67 -6.05 -45.62
C LEU A 505 19.04 -7.51 -45.87
N PRO A 506 18.74 -8.03 -47.08
CA PRO A 506 18.93 -9.38 -47.65
C PRO A 506 20.27 -10.13 -47.58
N GLY A 507 21.30 -9.42 -47.13
CA GLY A 507 22.65 -9.95 -47.05
C GLY A 507 23.45 -8.77 -47.55
N GLU A 508 22.80 -7.61 -47.48
CA GLU A 508 23.35 -6.33 -47.92
C GLU A 508 24.25 -5.74 -46.83
N ILE A 509 24.38 -4.42 -46.81
CA ILE A 509 25.21 -3.70 -45.81
C ILE A 509 24.78 -2.24 -45.74
N PHE A 510 24.33 -1.78 -44.57
CA PHE A 510 23.87 -0.40 -44.44
C PHE A 510 24.51 0.44 -43.35
N LYS A 511 24.75 1.71 -43.67
CA LYS A 511 25.35 2.64 -42.72
C LYS A 511 24.34 3.50 -41.92
N TYR A 512 24.40 3.39 -40.59
CA TYR A 512 23.51 4.08 -39.64
C TYR A 512 24.14 5.19 -38.78
N LYS A 513 23.31 6.16 -38.38
CA LYS A 513 23.77 7.26 -37.54
C LYS A 513 22.83 7.53 -36.37
N TRP A 514 23.29 7.21 -35.16
CA TRP A 514 22.50 7.43 -33.97
C TRP A 514 23.01 8.67 -33.27
N THR A 515 22.28 9.78 -33.38
CA THR A 515 22.65 11.03 -32.75
C THR A 515 21.94 11.07 -31.39
N VAL A 516 22.53 11.73 -30.40
CA VAL A 516 21.94 11.74 -29.07
C VAL A 516 21.65 13.07 -28.41
N THR A 517 20.38 13.48 -28.37
CA THR A 517 20.03 14.75 -27.74
C THR A 517 20.16 14.48 -26.26
N VAL A 518 19.58 15.37 -25.45
CA VAL A 518 19.61 15.19 -24.01
C VAL A 518 18.28 14.55 -23.65
N GLU A 519 17.26 14.85 -24.46
CA GLU A 519 15.95 14.30 -24.25
C GLU A 519 16.11 12.81 -24.20
N ASP A 520 17.06 12.34 -24.99
CA ASP A 520 17.30 10.91 -25.04
C ASP A 520 18.02 10.39 -23.81
N GLY A 521 18.38 11.27 -22.88
CA GLY A 521 19.09 10.79 -21.72
C GLY A 521 18.84 11.39 -20.35
N PRO A 522 19.38 10.72 -19.30
CA PRO A 522 19.33 11.01 -17.87
C PRO A 522 19.12 12.44 -17.43
N THR A 523 18.26 12.57 -16.44
CA THR A 523 17.95 13.86 -15.86
C THR A 523 19.05 14.10 -14.85
N LYS A 524 18.64 14.41 -13.63
CA LYS A 524 19.54 14.67 -12.53
C LYS A 524 19.18 13.59 -11.51
N SER A 525 17.90 13.62 -11.13
CA SER A 525 17.33 12.71 -10.15
C SER A 525 17.57 11.25 -10.46
N ASP A 526 18.05 10.96 -11.68
CA ASP A 526 18.32 9.58 -12.10
C ASP A 526 19.80 9.31 -12.13
N PRO A 527 20.21 8.07 -11.78
CA PRO A 527 21.65 7.87 -11.82
C PRO A 527 21.99 7.81 -13.27
N ARG A 528 23.00 8.60 -13.63
CA ARG A 528 23.48 8.74 -15.00
C ARG A 528 23.93 7.42 -15.58
N CYS A 529 23.21 6.99 -16.62
CA CYS A 529 23.48 5.74 -17.34
C CYS A 529 22.30 4.79 -17.43
N LEU A 530 21.11 5.28 -17.78
CA LEU A 530 19.95 4.40 -17.89
C LEU A 530 20.22 3.27 -18.89
N THR A 531 19.96 2.05 -18.47
CA THR A 531 20.15 0.90 -19.34
C THR A 531 19.28 1.05 -20.60
N ARG A 532 19.51 0.22 -21.62
CA ARG A 532 18.71 0.27 -22.85
C ARG A 532 19.01 -0.92 -23.79
N TYR A 533 18.60 -0.85 -25.04
CA TYR A 533 18.82 -1.98 -25.94
C TYR A 533 18.44 -1.73 -27.39
N TYR A 534 18.83 -2.66 -28.27
CA TYR A 534 18.53 -2.60 -29.71
C TYR A 534 18.18 -3.96 -30.29
N SER A 535 17.74 -3.98 -31.54
CA SER A 535 17.37 -5.22 -32.20
C SER A 535 16.62 -5.01 -33.51
N SER A 536 16.26 -6.11 -34.16
CA SER A 536 15.55 -6.08 -35.42
C SER A 536 14.12 -5.65 -35.24
N PHE A 537 13.54 -5.22 -36.35
CA PHE A 537 12.16 -4.77 -36.41
C PHE A 537 11.70 -5.19 -37.81
N VAL A 538 12.16 -6.35 -38.26
CA VAL A 538 11.76 -6.85 -39.57
C VAL A 538 10.25 -6.93 -39.55
N ASN A 539 9.69 -7.05 -38.35
CA ASN A 539 8.23 -7.09 -38.16
C ASN A 539 7.86 -6.03 -37.12
N MET A 540 8.56 -6.09 -35.98
CA MET A 540 8.43 -5.20 -34.82
C MET A 540 8.62 -6.06 -33.54
N GLU A 541 9.00 -7.33 -33.72
CA GLU A 541 9.21 -8.23 -32.56
C GLU A 541 9.77 -9.66 -32.77
N ARG A 542 9.01 -10.50 -33.46
CA ARG A 542 9.32 -11.92 -33.71
C ARG A 542 10.76 -12.40 -33.90
N ASP A 543 11.44 -11.85 -34.90
CA ASP A 543 12.82 -12.23 -35.19
C ASP A 543 13.43 -12.47 -33.82
N LEU A 544 13.67 -11.36 -33.11
CA LEU A 544 14.22 -11.33 -31.77
C LEU A 544 14.36 -12.69 -31.13
N ALA A 545 13.24 -13.20 -30.66
CA ALA A 545 13.17 -14.49 -30.00
C ALA A 545 14.31 -15.38 -30.45
N SER A 546 14.45 -15.49 -31.78
CA SER A 546 15.50 -16.28 -32.35
C SER A 546 16.83 -16.04 -31.64
N GLY A 547 17.29 -14.79 -31.62
CA GLY A 547 18.53 -14.47 -30.95
C GLY A 547 19.09 -13.05 -31.02
N LEU A 548 18.62 -12.25 -31.97
CA LEU A 548 19.15 -10.89 -32.14
C LEU A 548 18.87 -9.87 -31.04
N ILE A 549 19.90 -9.49 -30.28
CA ILE A 549 19.73 -8.51 -29.18
C ILE A 549 21.03 -7.97 -28.57
N GLY A 550 20.95 -6.80 -27.92
CA GLY A 550 22.12 -6.18 -27.30
C GLY A 550 21.81 -4.99 -26.40
N PRO A 551 22.75 -4.52 -25.55
CA PRO A 551 22.51 -3.39 -24.67
C PRO A 551 23.01 -2.12 -25.29
N LEU A 552 22.50 -0.99 -24.82
CA LEU A 552 22.93 0.28 -25.33
C LEU A 552 22.83 1.33 -24.25
N LEU A 553 23.87 1.50 -23.44
CA LEU A 553 23.78 2.51 -22.39
C LEU A 553 23.52 3.91 -22.88
N ILE A 554 23.54 4.84 -21.95
CA ILE A 554 23.27 6.23 -22.24
C ILE A 554 23.67 6.95 -20.99
N CYS A 555 24.56 7.93 -21.06
CA CYS A 555 24.94 8.60 -19.82
C CYS A 555 25.38 10.04 -20.06
N TYR A 556 26.05 10.61 -19.07
CA TYR A 556 26.55 11.96 -19.19
C TYR A 556 27.42 12.38 -18.03
N LYS A 557 28.41 13.21 -18.34
CA LYS A 557 29.37 13.75 -17.36
C LYS A 557 30.45 14.53 -18.11
N GLU A 558 31.28 15.24 -17.35
CA GLU A 558 32.39 16.01 -17.88
C GLU A 558 33.20 16.60 -16.73
N SER A 559 33.65 15.73 -15.82
CA SER A 559 34.46 16.13 -14.68
C SER A 559 35.84 15.45 -14.73
N VAL A 560 35.86 14.13 -14.54
CA VAL A 560 37.09 13.34 -14.56
C VAL A 560 36.79 11.87 -14.92
N ASP A 561 37.04 11.49 -16.18
CA ASP A 561 36.74 10.12 -16.63
C ASP A 561 37.86 9.09 -16.46
N GLN A 562 37.60 7.88 -16.96
CA GLN A 562 38.56 6.78 -16.89
C GLN A 562 38.65 6.10 -18.25
N ARG A 563 39.02 4.82 -18.25
CA ARG A 563 39.17 4.00 -19.45
C ARG A 563 39.95 2.72 -19.14
N GLY A 564 41.02 2.50 -19.90
CA GLY A 564 41.87 1.33 -19.74
C GLY A 564 42.77 1.27 -20.96
N ASN A 565 43.06 0.06 -21.46
CA ASN A 565 43.90 -0.10 -22.67
C ASN A 565 43.95 -1.57 -23.16
N GLN A 566 44.13 -1.73 -24.47
CA GLN A 566 44.19 -3.05 -25.13
C GLN A 566 42.85 -3.80 -24.99
N ILE A 567 42.88 -4.99 -24.39
CA ILE A 567 41.67 -5.78 -24.21
C ILE A 567 41.21 -5.72 -22.75
N MET A 568 41.16 -4.50 -22.21
CA MET A 568 40.74 -4.24 -20.82
C MET A 568 39.72 -3.08 -20.76
N SER A 569 38.49 -3.38 -20.32
CA SER A 569 37.41 -2.39 -20.21
C SER A 569 37.20 -1.77 -18.82
N ASP A 570 35.94 -1.59 -18.42
CA ASP A 570 35.61 -1.00 -17.12
C ASP A 570 34.13 -1.00 -16.74
N LYS A 571 33.26 -0.89 -17.75
CA LYS A 571 31.81 -0.85 -17.51
C LYS A 571 31.08 -2.04 -18.15
N ARG A 572 31.69 -3.22 -18.08
CA ARG A 572 31.18 -4.46 -18.65
C ARG A 572 30.19 -5.21 -17.76
N ASN A 573 29.63 -4.48 -16.81
CA ASN A 573 28.68 -5.05 -15.86
C ASN A 573 27.26 -5.05 -16.45
N VAL A 574 26.94 -6.02 -17.30
CA VAL A 574 25.62 -6.10 -17.92
C VAL A 574 24.95 -7.44 -17.69
N ILE A 575 23.63 -7.40 -17.57
CA ILE A 575 22.82 -8.59 -17.31
C ILE A 575 21.41 -8.34 -17.85
N LEU A 576 20.79 -9.37 -18.41
CA LEU A 576 19.43 -9.25 -18.94
C LEU A 576 18.79 -10.62 -19.05
N PHE A 577 17.70 -10.85 -18.30
CA PHE A 577 17.03 -12.16 -18.36
C PHE A 577 16.05 -12.15 -19.50
N SER A 578 15.81 -13.31 -20.08
CA SER A 578 14.89 -13.38 -21.18
C SER A 578 14.26 -14.71 -21.47
N VAL A 579 13.07 -14.63 -22.06
CA VAL A 579 12.27 -15.77 -22.42
C VAL A 579 12.44 -16.01 -23.91
N PHE A 580 13.34 -16.91 -24.25
CA PHE A 580 13.62 -17.27 -25.64
C PHE A 580 12.85 -18.49 -26.05
N ASP A 581 11.72 -18.31 -26.74
CA ASP A 581 10.89 -19.43 -27.16
C ASP A 581 11.26 -19.94 -28.54
N GLU A 582 12.24 -20.85 -28.58
CA GLU A 582 12.67 -21.42 -29.85
C GLU A 582 11.49 -21.84 -30.68
N ASN A 583 10.37 -22.12 -30.03
CA ASN A 583 9.17 -22.52 -30.75
C ASN A 583 8.71 -21.39 -31.67
N ARG A 584 9.51 -20.34 -31.78
CA ARG A 584 9.19 -19.20 -32.64
C ARG A 584 10.38 -18.65 -33.43
N SER A 585 11.55 -19.27 -33.27
CA SER A 585 12.76 -18.85 -33.97
C SER A 585 12.76 -19.41 -35.39
N TRP A 586 13.01 -18.54 -36.37
CA TRP A 586 13.03 -18.94 -37.78
C TRP A 586 13.89 -20.17 -38.08
N TYR A 587 14.60 -20.65 -37.05
CA TYR A 587 15.48 -21.82 -37.18
C TYR A 587 15.02 -22.94 -36.23
N LEU A 588 13.80 -23.43 -36.44
CA LEU A 588 13.24 -24.50 -35.63
C LEU A 588 13.42 -25.77 -36.42
N THR A 589 13.30 -25.61 -37.73
CA THR A 589 13.42 -26.72 -38.65
C THR A 589 14.90 -27.03 -38.85
N GLU A 590 15.67 -26.01 -39.24
CA GLU A 590 17.10 -26.18 -39.49
C GLU A 590 17.78 -26.72 -38.22
N ASN A 591 17.15 -26.46 -37.08
CA ASN A 591 17.65 -26.90 -35.78
C ASN A 591 17.23 -28.35 -35.60
N ILE A 592 15.93 -28.58 -35.66
CA ILE A 592 15.37 -29.90 -35.48
C ILE A 592 15.93 -30.96 -36.41
N GLN A 593 15.72 -30.80 -37.72
CA GLN A 593 16.19 -31.79 -38.68
C GLN A 593 17.59 -32.29 -38.38
N ARG A 594 18.30 -31.58 -37.50
CA ARG A 594 19.65 -32.00 -37.13
C ARG A 594 19.68 -32.70 -35.78
N PHE A 595 19.52 -31.89 -34.74
CA PHE A 595 19.55 -32.36 -33.36
C PHE A 595 18.47 -33.37 -33.02
N LEU A 596 17.47 -33.49 -33.88
CA LEU A 596 16.37 -34.42 -33.61
C LEU A 596 16.48 -35.78 -34.33
N PRO A 597 16.43 -36.87 -33.54
CA PRO A 597 16.53 -38.22 -34.07
C PRO A 597 15.72 -38.34 -35.35
N ASN A 598 14.48 -38.78 -35.21
CA ASN A 598 13.59 -38.94 -36.35
C ASN A 598 13.70 -37.69 -37.20
N PRO A 599 13.42 -37.81 -38.51
CA PRO A 599 13.52 -36.64 -39.37
C PRO A 599 12.58 -35.56 -38.86
N ALA A 600 11.33 -35.67 -39.29
CA ALA A 600 10.29 -34.74 -38.92
C ALA A 600 9.03 -35.51 -38.53
N GLY A 601 9.22 -36.76 -38.14
CA GLY A 601 8.07 -37.54 -37.74
C GLY A 601 7.45 -36.97 -36.48
N VAL A 602 8.27 -36.27 -35.68
CA VAL A 602 7.85 -35.66 -34.42
C VAL A 602 6.48 -35.02 -34.41
N GLN A 603 5.90 -34.95 -33.22
CA GLN A 603 4.58 -34.38 -33.02
C GLN A 603 4.53 -32.92 -33.46
N LEU A 604 3.30 -32.46 -33.71
CA LEU A 604 2.98 -31.11 -34.16
C LEU A 604 3.35 -30.07 -33.07
N GLU A 605 2.47 -29.91 -32.09
CA GLU A 605 2.68 -28.97 -30.99
C GLU A 605 1.65 -29.14 -29.86
N ASP A 606 2.13 -29.55 -28.68
CA ASP A 606 1.28 -29.73 -27.51
C ASP A 606 2.06 -29.25 -26.30
N PRO A 607 1.37 -28.91 -25.19
CA PRO A 607 2.05 -28.43 -23.98
C PRO A 607 3.25 -29.28 -23.58
N GLU A 608 3.35 -30.46 -24.20
CA GLU A 608 4.42 -31.40 -23.97
C GLU A 608 5.80 -30.79 -24.25
N PHE A 609 6.35 -31.08 -25.44
CA PHE A 609 7.67 -30.59 -25.83
C PHE A 609 7.75 -29.08 -25.96
N GLN A 610 6.62 -28.44 -26.27
CA GLN A 610 6.58 -26.99 -26.40
C GLN A 610 7.44 -26.41 -25.29
N ALA A 611 6.90 -26.45 -24.08
CA ALA A 611 7.58 -25.92 -22.91
C ALA A 611 8.94 -26.57 -22.67
N SER A 612 9.21 -27.66 -23.39
CA SER A 612 10.47 -28.36 -23.23
C SER A 612 11.53 -27.84 -24.20
N ASN A 613 11.18 -26.76 -24.89
CA ASN A 613 12.07 -26.11 -25.85
C ASN A 613 11.98 -24.60 -25.63
N ILE A 614 11.84 -24.19 -24.36
CA ILE A 614 11.69 -22.79 -23.98
C ILE A 614 12.74 -22.24 -23.00
N MET A 615 13.98 -22.73 -23.10
CA MET A 615 15.07 -22.32 -22.22
C MET A 615 15.02 -20.84 -21.79
N HIS A 616 15.43 -20.58 -20.55
CA HIS A 616 15.44 -19.22 -20.00
C HIS A 616 16.84 -18.70 -19.75
N SER A 617 17.23 -17.78 -20.62
CA SER A 617 18.53 -17.13 -20.66
C SER A 617 19.17 -16.65 -19.37
N ILE A 618 18.63 -15.55 -18.86
CA ILE A 618 19.14 -14.89 -17.67
C ILE A 618 20.53 -14.43 -18.08
N ASN A 619 20.64 -14.08 -19.36
CA ASN A 619 21.85 -13.62 -20.08
C ASN A 619 22.22 -14.71 -21.06
N GLY A 620 21.27 -15.62 -21.24
CA GLY A 620 21.45 -16.74 -22.14
C GLY A 620 22.50 -17.63 -21.54
N TYR A 621 22.09 -18.55 -20.67
CA TYR A 621 23.04 -19.46 -20.06
C TYR A 621 22.36 -20.54 -19.26
N VAL A 622 21.22 -20.21 -18.66
CA VAL A 622 20.45 -21.18 -17.89
C VAL A 622 21.11 -21.62 -16.59
N PHE A 623 20.30 -22.23 -15.73
CA PHE A 623 20.72 -22.72 -14.42
C PHE A 623 22.02 -22.14 -13.94
N ASP A 624 23.13 -22.60 -14.47
CA ASP A 624 24.39 -22.04 -14.04
C ASP A 624 25.41 -21.84 -15.12
N SER A 625 26.21 -20.79 -14.91
CA SER A 625 27.28 -20.35 -15.78
C SER A 625 27.62 -18.95 -15.29
N LEU A 626 28.61 -18.32 -15.92
CA LEU A 626 28.99 -16.96 -15.55
C LEU A 626 29.75 -16.79 -14.25
N GLN A 627 29.02 -16.92 -13.14
CA GLN A 627 29.57 -16.76 -11.78
C GLN A 627 30.32 -15.44 -11.60
N LEU A 628 30.47 -14.74 -12.71
CA LEU A 628 31.12 -13.45 -12.75
C LEU A 628 32.42 -13.32 -12.00
N SER A 629 33.05 -12.18 -12.25
CA SER A 629 34.32 -11.84 -11.65
C SER A 629 34.19 -10.53 -10.88
N VAL A 630 33.56 -10.60 -9.73
CA VAL A 630 33.42 -9.42 -8.90
C VAL A 630 34.37 -9.67 -7.75
N CYS A 631 35.11 -8.63 -7.36
CA CYS A 631 36.09 -8.75 -6.29
C CYS A 631 35.62 -8.29 -4.93
N LEU A 632 36.57 -8.01 -4.05
CA LEU A 632 36.22 -7.55 -2.71
C LEU A 632 36.25 -6.03 -2.74
N HIS A 633 35.15 -5.42 -2.32
CA HIS A 633 35.02 -3.96 -2.31
C HIS A 633 34.95 -3.40 -3.72
N GLU A 634 34.95 -4.31 -4.69
CA GLU A 634 34.85 -3.98 -6.11
C GLU A 634 33.60 -3.12 -6.28
N VAL A 635 33.71 -1.80 -6.09
CA VAL A 635 32.53 -0.97 -6.26
C VAL A 635 31.96 -1.35 -7.61
N ALA A 636 30.74 -1.90 -7.62
CA ALA A 636 30.12 -2.34 -8.87
C ALA A 636 29.11 -1.37 -9.44
N TYR A 637 28.73 -1.64 -10.68
CA TYR A 637 27.79 -0.81 -11.40
C TYR A 637 27.06 -1.68 -12.40
N TRP A 638 26.04 -2.39 -11.92
CA TRP A 638 25.26 -3.31 -12.74
C TRP A 638 24.20 -2.67 -13.62
N TYR A 639 24.23 -3.04 -14.91
CA TYR A 639 23.28 -2.56 -15.92
C TYR A 639 22.46 -3.79 -16.25
N ILE A 640 21.20 -3.77 -15.81
CA ILE A 640 20.36 -4.94 -15.98
C ILE A 640 18.97 -4.65 -16.54
N LEU A 641 18.37 -5.67 -17.16
CA LEU A 641 17.04 -5.60 -17.77
C LEU A 641 16.54 -6.98 -18.14
N SER A 642 15.26 -7.08 -18.52
CA SER A 642 14.68 -8.36 -18.89
C SER A 642 13.94 -8.25 -20.19
N ILE A 643 13.72 -9.39 -20.83
CA ILE A 643 13.01 -9.45 -22.11
C ILE A 643 12.22 -10.76 -22.28
N GLY A 644 12.10 -11.25 -23.51
CA GLY A 644 11.37 -12.49 -23.78
C GLY A 644 9.87 -12.34 -23.60
N ALA A 645 9.32 -13.07 -22.63
CA ALA A 645 7.89 -13.04 -22.33
C ALA A 645 7.57 -12.02 -21.23
N GLN A 646 6.28 -11.69 -21.09
CA GLN A 646 5.79 -10.69 -20.12
C GLN A 646 5.51 -11.20 -18.71
N THR A 647 5.58 -10.25 -17.76
CA THR A 647 5.35 -10.47 -16.33
C THR A 647 6.43 -9.75 -15.50
N ASP A 648 5.99 -8.84 -14.63
CA ASP A 648 6.91 -8.08 -13.79
C ASP A 648 7.95 -9.02 -13.25
N PHE A 649 9.03 -8.48 -12.72
CA PHE A 649 9.98 -9.40 -12.19
C PHE A 649 10.81 -9.04 -10.97
N LEU A 650 10.80 -9.97 -10.04
CA LEU A 650 11.52 -9.86 -8.80
C LEU A 650 12.86 -10.42 -9.15
N SER A 651 13.92 -9.84 -8.60
CA SER A 651 15.25 -10.30 -8.94
C SER A 651 16.23 -9.70 -7.96
N VAL A 652 17.19 -10.51 -7.49
CA VAL A 652 18.18 -10.04 -6.52
C VAL A 652 19.51 -10.78 -6.46
N PHE A 653 20.27 -10.38 -5.45
CA PHE A 653 21.57 -10.92 -5.16
C PHE A 653 21.49 -11.61 -3.81
N PHE A 654 21.90 -12.87 -3.79
CA PHE A 654 21.87 -13.66 -2.57
C PHE A 654 23.20 -14.40 -2.60
N SER A 655 24.16 -13.91 -1.85
CA SER A 655 25.48 -14.54 -1.83
C SER A 655 26.17 -14.38 -0.50
N GLY A 656 27.48 -14.14 -0.55
CA GLY A 656 28.23 -13.93 0.66
C GLY A 656 28.00 -12.50 1.06
N TYR A 657 26.73 -12.16 1.24
CA TYR A 657 26.27 -10.80 1.60
C TYR A 657 24.84 -10.58 1.06
N THR A 658 24.39 -11.46 0.17
CA THR A 658 23.08 -11.35 -0.47
C THR A 658 23.22 -10.13 -1.34
N PHE A 659 23.35 -8.97 -0.69
CA PHE A 659 23.56 -7.66 -1.34
C PHE A 659 22.37 -6.69 -1.51
N LYS A 660 22.71 -5.41 -1.53
CA LYS A 660 21.77 -4.31 -1.66
C LYS A 660 22.24 -3.49 -2.85
N HIS A 661 21.62 -2.33 -3.08
CA HIS A 661 22.01 -1.48 -4.19
C HIS A 661 21.33 -0.12 -4.06
N LYS A 662 21.39 0.73 -5.07
CA LYS A 662 20.76 2.04 -4.90
C LYS A 662 19.99 2.58 -6.10
N MET A 663 18.66 2.50 -6.03
CA MET A 663 17.81 3.04 -7.10
C MET A 663 17.36 4.40 -6.57
N VAL A 664 18.28 5.03 -5.85
CA VAL A 664 18.10 6.33 -5.18
C VAL A 664 18.35 6.04 -3.71
N TYR A 665 17.43 5.26 -3.15
CA TYR A 665 17.48 4.81 -1.76
C TYR A 665 18.18 3.47 -1.98
N GLU A 666 18.61 2.80 -0.92
CA GLU A 666 19.24 1.49 -1.08
C GLU A 666 18.11 0.49 -0.95
N ASP A 667 18.21 -0.66 -1.61
CA ASP A 667 17.10 -1.60 -1.54
C ASP A 667 17.41 -3.09 -1.45
N THR A 668 16.56 -3.75 -0.66
CA THR A 668 16.62 -5.18 -0.34
C THR A 668 16.64 -6.13 -1.52
N LEU A 669 16.19 -7.34 -1.22
CA LEU A 669 16.05 -8.36 -2.20
C LEU A 669 14.99 -7.69 -3.04
N THR A 670 15.43 -6.88 -4.00
CA THR A 670 14.48 -6.18 -4.83
C THR A 670 15.01 -5.67 -6.15
N LEU A 671 14.11 -5.60 -7.12
CA LEU A 671 14.36 -5.13 -8.45
C LEU A 671 13.14 -5.58 -9.19
N PHE A 672 12.33 -4.61 -9.56
CA PHE A 672 11.09 -4.87 -10.21
C PHE A 672 11.04 -4.19 -11.56
N PRO A 673 11.63 -4.82 -12.60
CA PRO A 673 11.64 -4.28 -13.96
C PRO A 673 10.46 -4.85 -14.76
N PHE A 674 9.71 -3.96 -15.39
CA PHE A 674 8.52 -4.37 -16.14
C PHE A 674 8.71 -5.02 -17.49
N SER A 675 9.66 -5.94 -17.61
CA SER A 675 9.87 -6.65 -18.86
C SER A 675 9.93 -5.74 -20.10
N GLY A 676 10.73 -6.13 -21.09
CA GLY A 676 10.84 -5.32 -22.28
C GLY A 676 11.01 -3.89 -21.82
N GLU A 677 11.46 -3.76 -20.57
CA GLU A 677 11.70 -2.47 -19.91
C GLU A 677 13.00 -2.60 -19.10
N THR A 678 13.46 -1.51 -18.48
CA THR A 678 14.70 -1.58 -17.72
C THR A 678 15.16 -0.42 -16.83
N VAL A 679 16.14 -0.76 -15.99
CA VAL A 679 16.82 0.14 -15.06
C VAL A 679 18.10 -0.60 -14.62
N PHE A 680 19.15 0.16 -14.35
CA PHE A 680 20.47 -0.33 -13.92
C PHE A 680 20.48 -0.21 -12.41
N MET A 681 21.67 -0.11 -11.81
CA MET A 681 21.76 0.02 -10.36
C MET A 681 23.16 -0.03 -9.76
N SER A 682 23.49 0.91 -8.86
CA SER A 682 24.81 0.91 -8.21
C SER A 682 24.81 -0.18 -7.18
N MET A 683 25.80 -1.05 -7.26
CA MET A 683 25.85 -2.17 -6.35
C MET A 683 27.13 -2.28 -5.55
N GLU A 684 27.65 -1.17 -5.01
CA GLU A 684 28.89 -1.26 -4.22
C GLU A 684 28.99 -2.69 -3.69
N ASN A 685 30.03 -3.39 -4.11
CA ASN A 685 30.18 -4.79 -3.75
C ASN A 685 31.12 -5.09 -2.59
N PRO A 686 30.66 -4.96 -1.34
CA PRO A 686 31.64 -5.29 -0.30
C PRO A 686 31.40 -6.69 0.25
N GLY A 687 30.64 -7.49 -0.47
CA GLY A 687 30.28 -8.82 -0.01
C GLY A 687 31.19 -10.02 -0.08
N LEU A 688 30.69 -11.05 -0.74
CA LEU A 688 31.45 -12.28 -0.87
C LEU A 688 31.17 -13.08 -2.13
N TRP A 689 31.19 -14.41 -1.99
CA TRP A 689 30.98 -15.31 -3.12
C TRP A 689 29.70 -16.16 -3.12
N ILE A 690 29.48 -16.85 -4.24
CA ILE A 690 28.32 -17.70 -4.47
C ILE A 690 27.04 -16.88 -4.35
N LEU A 691 26.73 -16.19 -5.44
CA LEU A 691 25.55 -15.34 -5.48
C LEU A 691 24.37 -15.95 -6.20
N GLY A 692 23.41 -16.46 -5.44
CA GLY A 692 22.24 -16.99 -6.09
C GLY A 692 21.72 -15.71 -6.72
N CYS A 693 21.67 -15.65 -8.04
CA CYS A 693 21.19 -14.44 -8.69
C CYS A 693 19.68 -14.51 -8.86
N HIS A 694 18.99 -13.93 -7.88
CA HIS A 694 17.51 -13.90 -7.78
C HIS A 694 16.67 -13.60 -9.03
N ASN A 695 15.78 -14.55 -9.32
CA ASN A 695 14.82 -14.50 -10.42
C ASN A 695 13.56 -14.43 -9.54
N SER A 696 13.70 -14.99 -8.34
CA SER A 696 12.66 -15.04 -7.30
C SER A 696 11.25 -15.13 -7.82
N ASP A 697 10.98 -16.05 -8.74
CA ASP A 697 9.63 -16.15 -9.28
C ASP A 697 9.18 -17.53 -9.70
N PHE A 698 8.22 -18.08 -8.96
CA PHE A 698 7.64 -19.38 -9.25
C PHE A 698 8.58 -20.29 -10.04
N ARG A 699 8.03 -20.97 -11.04
CA ARG A 699 8.80 -21.90 -11.88
C ARG A 699 10.18 -21.37 -12.29
N ASN A 700 10.23 -20.11 -12.71
CA ASN A 700 11.47 -19.47 -13.15
C ASN A 700 12.69 -19.85 -12.29
N ARG A 701 12.52 -19.85 -10.97
CA ARG A 701 13.60 -20.19 -10.03
C ARG A 701 14.28 -21.52 -10.39
N GLY A 702 13.65 -22.63 -10.02
CA GLY A 702 14.21 -23.94 -10.30
C GLY A 702 13.90 -24.44 -11.71
N MET A 703 13.57 -23.52 -12.61
CA MET A 703 13.28 -23.87 -14.00
C MET A 703 14.55 -23.52 -14.76
N THR A 704 15.19 -22.43 -14.31
CA THR A 704 16.45 -21.91 -14.87
C THR A 704 16.63 -20.41 -14.66
N ALA A 705 17.73 -20.07 -13.99
CA ALA A 705 18.08 -18.69 -13.67
C ALA A 705 19.20 -18.81 -12.65
N LEU A 706 18.87 -18.66 -11.38
CA LEU A 706 19.88 -18.79 -10.33
C LEU A 706 21.11 -17.93 -10.64
N LEU A 707 22.25 -18.61 -10.83
CA LEU A 707 23.56 -18.01 -11.14
C LEU A 707 24.40 -17.70 -9.91
N LYS A 708 25.63 -17.20 -10.12
CA LYS A 708 26.53 -16.92 -9.01
C LYS A 708 27.50 -15.75 -9.21
N VAL A 709 28.18 -15.36 -8.14
CA VAL A 709 29.15 -14.28 -8.16
C VAL A 709 30.38 -14.61 -7.33
N SER A 710 31.52 -14.10 -7.76
CA SER A 710 32.80 -14.35 -7.11
C SER A 710 33.23 -13.38 -6.00
N SER A 711 34.49 -13.51 -5.57
CA SER A 711 35.11 -12.67 -4.53
C SER A 711 36.64 -12.76 -4.51
N CYS A 712 37.23 -12.17 -5.55
CA CYS A 712 38.69 -12.13 -5.80
C CYS A 712 39.59 -11.39 -4.81
N ASP A 713 40.79 -11.09 -5.31
CA ASP A 713 41.81 -10.37 -4.59
C ASP A 713 43.14 -10.21 -5.34
N LYS A 714 43.76 -9.05 -5.12
CA LYS A 714 45.05 -8.63 -5.69
C LYS A 714 44.95 -8.02 -7.08
N ASN A 715 46.00 -7.27 -7.45
CA ASN A 715 46.11 -6.60 -8.75
C ASN A 715 45.39 -5.24 -8.85
N THR A 716 46.17 -4.16 -8.86
CA THR A 716 45.66 -2.79 -8.96
C THR A 716 46.81 -1.78 -9.06
N GLY A 717 46.51 -0.58 -9.54
CA GLY A 717 47.53 0.44 -9.68
C GLY A 717 47.10 1.86 -9.31
N ASP A 718 46.88 2.70 -10.33
CA ASP A 718 46.47 4.11 -10.21
C ASP A 718 47.66 5.08 -10.24
N TYR A 719 47.56 6.17 -9.48
CA TYR A 719 48.62 7.17 -9.41
C TYR A 719 48.32 8.16 -8.27
N TYR A 720 49.38 8.74 -7.70
CA TYR A 720 49.26 9.69 -6.58
C TYR A 720 48.81 11.12 -6.94
N GLU A 721 47.55 11.44 -6.61
CA GLU A 721 46.92 12.75 -6.81
C GLU A 721 46.35 13.10 -8.20
N ASP A 722 46.87 12.47 -9.26
CA ASP A 722 46.41 12.75 -10.64
C ASP A 722 46.16 11.50 -11.52
N SER A 723 46.26 11.70 -12.84
CA SER A 723 46.06 10.66 -13.86
C SER A 723 47.40 10.34 -14.54
N TYR A 724 47.61 9.07 -14.89
CA TYR A 724 48.86 8.69 -15.55
C TYR A 724 48.89 7.31 -16.21
N GLU A 725 48.38 6.28 -15.53
CA GLU A 725 48.38 4.91 -16.06
C GLU A 725 47.56 4.64 -17.33
N ASP A 726 48.25 4.41 -18.46
CA ASP A 726 47.60 4.13 -19.75
C ASP A 726 48.52 3.32 -20.69
N ARG B 127 36.38 -2.18 35.38
CA ARG B 127 36.10 -2.45 33.92
C ARG B 127 34.61 -2.61 33.71
N SER B 128 33.94 -1.53 33.26
CA SER B 128 32.50 -1.57 33.02
C SER B 128 31.86 -0.30 32.42
N PHE B 129 31.69 -0.30 31.10
CA PHE B 129 31.06 0.81 30.37
C PHE B 129 30.34 0.17 29.17
N GLN B 130 30.26 0.84 28.03
CA GLN B 130 29.57 0.26 26.87
C GLN B 130 29.78 1.06 25.56
N LYS B 131 29.79 0.36 24.43
CA LYS B 131 29.98 0.99 23.12
C LYS B 131 29.13 0.44 21.94
N LYS B 132 27.88 0.05 22.22
CA LYS B 132 26.94 -0.43 21.20
C LYS B 132 26.97 -1.89 20.68
N THR B 133 25.83 -2.56 20.81
CA THR B 133 25.58 -3.94 20.36
C THR B 133 24.20 -4.42 20.84
N ARG B 134 23.55 -5.30 20.07
CA ARG B 134 22.20 -5.77 20.41
C ARG B 134 21.95 -7.24 20.09
N HIS B 135 21.55 -8.02 21.09
CA HIS B 135 21.27 -9.45 20.87
C HIS B 135 19.76 -9.71 20.93
N TYR B 136 19.31 -10.68 20.14
CA TYR B 136 17.89 -11.04 20.08
C TYR B 136 17.69 -12.56 20.07
N PHE B 137 16.92 -13.08 21.03
CA PHE B 137 16.66 -14.52 21.10
C PHE B 137 15.41 -14.84 20.29
N ILE B 138 15.52 -15.74 19.32
CA ILE B 138 14.38 -16.08 18.48
C ILE B 138 14.40 -17.49 17.88
N ALA B 139 13.22 -18.06 17.65
CA ALA B 139 13.08 -19.40 17.09
C ALA B 139 11.87 -19.56 16.18
N ALA B 140 11.78 -20.69 15.49
CA ALA B 140 10.68 -20.96 14.57
C ALA B 140 9.76 -22.10 14.98
N VAL B 141 8.66 -21.77 15.66
CA VAL B 141 7.73 -22.79 16.11
C VAL B 141 6.50 -22.86 15.22
N GLU B 142 5.73 -23.94 15.38
CA GLU B 142 4.52 -24.14 14.60
C GLU B 142 3.31 -23.80 15.46
N ARG B 143 2.18 -23.46 14.83
CA ARG B 143 0.97 -23.12 15.59
C ARG B 143 -0.34 -23.49 14.89
N LEU B 144 -1.43 -22.87 15.33
CA LEU B 144 -2.74 -23.13 14.76
C LEU B 144 -3.26 -21.80 14.21
N TRP B 145 -3.89 -21.81 13.04
CA TRP B 145 -4.37 -20.56 12.46
C TRP B 145 -5.78 -20.49 11.84
N ASP B 146 -6.52 -19.46 12.21
CA ASP B 146 -7.88 -19.25 11.74
C ASP B 146 -8.28 -17.78 11.86
N TYR B 147 -9.59 -17.54 12.00
CA TYR B 147 -10.16 -16.21 12.15
C TYR B 147 -11.56 -16.35 12.76
N GLY B 148 -12.54 -15.71 12.11
CA GLY B 148 -13.92 -15.75 12.53
C GLY B 148 -14.32 -15.45 13.98
N MET B 149 -15.51 -14.86 14.11
CA MET B 149 -16.10 -14.51 15.41
C MET B 149 -17.64 -14.56 15.37
N SER B 150 -18.18 -15.54 14.64
CA SER B 150 -19.63 -15.75 14.48
C SER B 150 -19.94 -17.18 13.95
N SER B 151 -20.22 -18.15 14.83
CA SER B 151 -20.51 -19.55 14.43
C SER B 151 -21.91 -20.09 14.82
N SER B 152 -22.21 -21.32 14.38
CA SER B 152 -23.50 -21.98 14.63
C SER B 152 -23.54 -23.07 15.73
N PRO B 153 -24.62 -23.07 16.57
CA PRO B 153 -24.87 -23.99 17.69
C PRO B 153 -24.75 -25.50 17.44
N HIS B 154 -24.52 -26.24 18.53
CA HIS B 154 -24.35 -27.69 18.51
C HIS B 154 -25.15 -28.29 17.36
N VAL B 155 -26.45 -28.07 17.40
CA VAL B 155 -27.35 -28.56 16.37
C VAL B 155 -28.55 -27.59 16.35
N LEU B 156 -28.29 -26.30 16.19
CA LEU B 156 -29.38 -25.32 16.15
C LEU B 156 -30.23 -25.58 14.89
N ARG B 157 -29.70 -26.44 14.02
CA ARG B 157 -30.37 -26.87 12.78
C ARG B 157 -30.12 -28.38 12.64
N ASN B 158 -30.90 -29.14 13.41
CA ASN B 158 -30.88 -30.61 13.50
C ASN B 158 -30.45 -31.37 12.23
N ARG B 159 -30.62 -30.73 11.07
CA ARG B 159 -30.26 -31.30 9.78
C ARG B 159 -28.75 -31.13 9.54
N ALA B 160 -28.33 -29.90 9.23
CA ALA B 160 -26.91 -29.61 8.99
C ALA B 160 -26.66 -28.19 8.47
N GLN B 161 -25.81 -27.44 9.17
CA GLN B 161 -25.46 -26.05 8.81
C GLN B 161 -24.22 -25.51 9.59
N SER B 162 -23.22 -25.01 8.86
CA SER B 162 -21.99 -24.43 9.44
C SER B 162 -21.30 -25.36 10.47
N GLY B 163 -20.97 -24.81 11.65
CA GLY B 163 -20.33 -25.60 12.69
C GLY B 163 -18.81 -25.60 12.67
N SER B 164 -18.23 -26.05 11.55
CA SER B 164 -16.77 -26.13 11.38
C SER B 164 -15.99 -24.91 11.89
N VAL B 165 -14.67 -24.96 11.68
CA VAL B 165 -13.72 -23.90 12.06
C VAL B 165 -12.38 -24.21 11.39
N PRO B 166 -12.19 -23.74 10.15
CA PRO B 166 -10.96 -23.95 9.38
C PRO B 166 -9.70 -23.64 10.19
N GLN B 167 -8.98 -24.68 10.59
CA GLN B 167 -7.76 -24.49 11.38
C GLN B 167 -6.53 -24.85 10.54
N PHE B 168 -5.38 -24.26 10.88
CA PHE B 168 -4.13 -24.53 10.15
C PHE B 168 -2.87 -24.67 11.00
N LYS B 169 -1.90 -25.40 10.46
CA LYS B 169 -0.63 -25.67 11.13
C LYS B 169 0.54 -24.93 10.45
N LYS B 170 0.59 -23.61 10.67
CA LYS B 170 1.64 -22.79 10.10
C LYS B 170 2.78 -22.68 11.11
N VAL B 171 3.82 -21.93 10.77
CA VAL B 171 4.94 -21.78 11.67
C VAL B 171 5.54 -20.38 11.58
N VAL B 172 5.73 -19.73 12.72
CA VAL B 172 6.28 -18.38 12.72
C VAL B 172 7.51 -18.28 13.60
N PHE B 173 7.93 -17.05 13.88
CA PHE B 173 9.11 -16.82 14.71
C PHE B 173 8.73 -16.31 16.10
N GLN B 174 9.34 -16.91 17.11
CA GLN B 174 9.08 -16.52 18.49
C GLN B 174 10.39 -16.17 19.21
N GLU B 175 10.30 -15.36 20.26
CA GLU B 175 11.47 -14.92 21.01
C GLU B 175 11.34 -15.08 22.53
N PHE B 176 12.47 -15.02 23.25
CA PHE B 176 12.44 -15.16 24.72
C PHE B 176 13.70 -14.94 25.58
N THR B 177 14.47 -16.02 25.82
CA THR B 177 15.68 -15.93 26.65
C THR B 177 16.61 -17.14 26.49
N ASP B 178 16.03 -18.33 26.49
CA ASP B 178 16.78 -19.59 26.28
C ASP B 178 15.97 -20.82 26.70
N GLY B 179 15.34 -20.76 27.87
CA GLY B 179 14.53 -21.88 28.31
C GLY B 179 13.43 -21.97 27.28
N SER B 180 13.65 -22.79 26.27
CA SER B 180 12.70 -22.95 25.17
C SER B 180 11.26 -22.56 25.52
N PHE B 181 10.38 -23.54 25.57
CA PHE B 181 8.97 -23.31 25.86
C PHE B 181 8.75 -22.68 27.24
N THR B 182 8.14 -23.44 28.16
CA THR B 182 7.85 -22.98 29.52
C THR B 182 8.16 -21.50 29.76
N GLN B 183 9.44 -21.20 29.90
CA GLN B 183 9.89 -19.81 30.10
C GLN B 183 11.07 -19.53 29.19
N PRO B 184 11.01 -18.43 28.43
CA PRO B 184 9.85 -17.53 28.47
C PRO B 184 9.40 -17.14 27.07
N LEU B 185 9.29 -18.11 26.17
CA LEU B 185 8.86 -17.79 24.81
C LEU B 185 7.59 -16.96 24.91
N TYR B 186 7.70 -15.63 25.05
CA TYR B 186 6.49 -14.80 25.20
C TYR B 186 6.54 -13.36 24.70
N ARG B 187 5.34 -12.78 24.53
CA ARG B 187 5.17 -11.41 24.04
C ARG B 187 3.73 -10.88 24.21
N GLY B 188 3.36 -9.91 23.38
CA GLY B 188 2.03 -9.33 23.40
C GLY B 188 1.99 -7.88 23.79
N GLU B 189 0.84 -7.23 23.58
CA GLU B 189 0.55 -5.82 23.89
C GLU B 189 0.57 -4.76 22.79
N LEU B 190 1.69 -4.11 22.53
CA LEU B 190 1.68 -3.12 21.44
C LEU B 190 1.97 -3.92 20.17
N ASN B 191 2.32 -5.18 20.37
CA ASN B 191 2.64 -6.11 19.29
C ASN B 191 1.42 -6.96 18.92
N GLU B 192 0.23 -6.57 19.38
CA GLU B 192 -0.97 -7.34 19.06
C GLU B 192 -1.01 -7.61 17.58
N HIS B 193 -0.94 -6.55 16.79
CA HIS B 193 -0.97 -6.60 15.33
C HIS B 193 0.16 -7.42 14.67
N LEU B 194 1.11 -7.89 15.45
CA LEU B 194 2.23 -8.65 14.89
C LEU B 194 1.91 -9.70 13.83
N GLY B 195 0.63 -9.86 13.49
CA GLY B 195 0.27 -10.87 12.50
C GLY B 195 1.05 -12.12 12.79
N LEU B 196 1.22 -12.99 11.80
CA LEU B 196 2.00 -14.19 12.05
C LEU B 196 3.40 -13.69 12.36
N LEU B 197 3.83 -12.73 11.54
CA LEU B 197 5.15 -12.10 11.63
C LEU B 197 6.00 -12.38 12.84
N GLY B 198 7.30 -12.54 12.61
CA GLY B 198 8.23 -12.79 13.69
C GLY B 198 8.27 -11.53 14.53
N PRO B 199 9.31 -11.33 15.35
CA PRO B 199 9.35 -10.13 16.17
C PRO B 199 10.10 -8.96 15.58
N TYR B 200 9.62 -7.76 15.87
CA TYR B 200 10.21 -6.53 15.38
C TYR B 200 11.71 -6.46 15.72
N ILE B 201 12.57 -7.15 14.97
CA ILE B 201 14.00 -7.10 15.28
C ILE B 201 14.63 -5.77 14.85
N ARG B 202 14.44 -4.76 15.68
CA ARG B 202 14.94 -3.43 15.40
C ARG B 202 16.46 -3.45 15.51
N ALA B 203 17.08 -2.27 15.51
CA ALA B 203 18.55 -2.12 15.61
C ALA B 203 19.03 -0.83 15.00
N GLU B 204 19.68 0.01 15.79
CA GLU B 204 20.21 1.27 15.27
C GLU B 204 21.29 0.94 14.26
N VAL B 205 22.14 1.92 13.94
CA VAL B 205 23.19 1.69 12.95
C VAL B 205 24.59 1.71 13.52
N GLU B 206 25.51 1.02 12.81
CA GLU B 206 26.92 0.93 13.19
C GLU B 206 27.20 -0.20 14.20
N ASP B 207 26.25 -0.48 15.08
CA ASP B 207 26.44 -1.54 16.08
C ASP B 207 26.35 -2.94 15.49
N ASN B 208 25.89 -3.91 16.28
CA ASN B 208 25.82 -5.27 15.78
C ASN B 208 24.62 -6.12 16.15
N ILE B 209 24.04 -6.74 15.12
CA ILE B 209 22.88 -7.61 15.28
C ILE B 209 23.30 -9.00 15.73
N MET B 210 22.86 -9.39 16.92
CA MET B 210 23.16 -10.71 17.45
C MET B 210 21.88 -11.53 17.42
N VAL B 211 21.70 -12.29 16.35
CA VAL B 211 20.50 -13.09 16.20
C VAL B 211 20.74 -14.57 16.42
N THR B 212 20.53 -14.98 17.66
CA THR B 212 20.68 -16.36 18.08
C THR B 212 19.40 -17.08 17.67
N PHE B 213 19.52 -18.16 16.89
CA PHE B 213 18.32 -18.88 16.44
C PHE B 213 18.25 -20.37 16.74
N ARG B 214 17.06 -20.83 17.11
CA ARG B 214 16.80 -22.23 17.45
C ARG B 214 15.64 -22.76 16.61
N ASN B 215 15.77 -23.99 16.11
CA ASN B 215 14.72 -24.59 15.31
C ASN B 215 13.59 -24.91 16.27
N GLN B 216 12.56 -25.58 15.77
CA GLN B 216 11.42 -25.97 16.60
C GLN B 216 10.28 -26.49 15.74
N ALA B 217 10.57 -27.46 14.89
CA ALA B 217 9.57 -28.06 14.00
C ALA B 217 10.24 -28.92 12.94
N SER B 218 9.43 -29.37 11.99
CA SER B 218 9.91 -30.22 10.89
C SER B 218 10.94 -29.54 9.98
N ARG B 219 10.82 -29.76 8.67
CA ARG B 219 11.73 -29.21 7.67
C ARG B 219 12.76 -28.19 8.18
N PRO B 220 14.04 -28.59 8.19
CA PRO B 220 15.14 -27.74 8.65
C PRO B 220 15.11 -26.40 7.96
N TYR B 221 14.40 -25.45 8.56
CA TYR B 221 14.31 -24.13 7.97
C TYR B 221 15.59 -23.37 8.29
N SER B 222 15.67 -22.11 7.85
CA SER B 222 16.87 -21.31 8.07
C SER B 222 16.60 -19.82 8.14
N PHE B 223 17.29 -19.13 9.05
CA PHE B 223 17.11 -17.69 9.16
C PHE B 223 17.90 -17.05 8.04
N TYR B 224 17.51 -15.84 7.65
CA TYR B 224 18.19 -15.15 6.58
C TYR B 224 17.64 -13.77 6.27
N SER B 225 18.55 -12.89 5.85
CA SER B 225 18.22 -11.54 5.45
C SER B 225 19.32 -11.07 4.53
N SER B 226 18.94 -10.26 3.56
CA SER B 226 19.89 -9.73 2.64
C SER B 226 21.14 -9.14 3.31
N LEU B 227 21.03 -8.82 4.60
CA LEU B 227 22.16 -8.21 5.31
C LEU B 227 22.98 -9.16 6.19
N ILE B 228 22.87 -10.45 5.91
CA ILE B 228 23.64 -11.43 6.67
C ILE B 228 25.11 -11.23 6.31
N SER B 229 25.38 -10.07 5.72
CA SER B 229 26.70 -9.66 5.25
C SER B 229 27.90 -9.98 6.16
N TYR B 230 29.03 -9.35 5.83
CA TYR B 230 30.30 -9.52 6.54
C TYR B 230 30.45 -10.93 7.08
N GLU B 231 30.63 -11.88 6.17
CA GLU B 231 30.77 -13.27 6.54
C GLU B 231 32.12 -13.90 6.18
N GLU B 232 33.13 -13.57 6.98
CA GLU B 232 34.51 -14.08 6.89
C GLU B 232 35.16 -14.46 5.54
N ASP B 233 34.73 -15.60 4.98
CA ASP B 233 35.24 -16.16 3.73
C ASP B 233 36.66 -16.71 3.95
N GLN B 234 36.99 -17.82 3.29
CA GLN B 234 38.32 -18.42 3.40
C GLN B 234 38.44 -19.85 2.87
N ARG B 235 37.91 -20.08 1.67
CA ARG B 235 37.92 -21.40 1.02
C ARG B 235 36.69 -22.20 1.49
N GLN B 236 35.72 -21.47 2.04
CA GLN B 236 34.47 -22.04 2.56
C GLN B 236 33.24 -21.78 1.68
N GLY B 237 32.19 -21.26 2.32
CA GLY B 237 30.94 -20.94 1.64
C GLY B 237 29.98 -20.24 2.59
N ALA B 238 29.88 -18.92 2.50
CA ALA B 238 29.00 -18.13 3.36
C ALA B 238 27.51 -18.27 2.99
N GLU B 239 27.24 -19.02 1.93
CA GLU B 239 25.86 -19.28 1.50
C GLU B 239 25.76 -20.76 1.12
N PRO B 240 26.80 -21.31 0.43
CA PRO B 240 26.68 -22.73 0.09
C PRO B 240 26.82 -23.63 1.32
N ARG B 241 27.17 -23.04 2.47
CA ARG B 241 27.33 -23.77 3.72
C ARG B 241 26.26 -23.43 4.77
N LYS B 242 26.06 -22.14 5.03
CA LYS B 242 25.09 -21.72 6.03
C LYS B 242 23.64 -22.00 5.63
N ASN B 243 23.47 -22.69 4.51
CA ASN B 243 22.15 -23.03 3.98
C ASN B 243 21.10 -23.36 5.04
N PHE B 244 20.76 -24.64 5.17
CA PHE B 244 19.75 -25.06 6.13
C PHE B 244 20.27 -25.73 7.40
N VAL B 245 19.45 -25.64 8.45
CA VAL B 245 19.78 -26.20 9.73
C VAL B 245 18.78 -27.27 10.15
N LYS B 246 19.26 -28.52 10.20
CA LYS B 246 18.42 -29.64 10.58
C LYS B 246 17.65 -29.25 11.85
N PRO B 247 16.36 -29.63 11.94
CA PRO B 247 15.55 -29.31 13.13
C PRO B 247 16.27 -29.65 14.42
N ASN B 248 15.62 -29.39 15.55
CA ASN B 248 16.23 -29.67 16.85
C ASN B 248 17.45 -28.77 17.00
N GLU B 249 18.52 -29.11 16.28
CA GLU B 249 19.77 -28.35 16.33
C GLU B 249 19.52 -26.84 16.18
N THR B 250 20.37 -26.03 16.80
CA THR B 250 20.22 -24.58 16.77
C THR B 250 21.47 -23.88 16.21
N LYS B 251 21.37 -22.57 15.95
CA LYS B 251 22.49 -21.79 15.41
C LYS B 251 22.30 -20.27 15.48
N THR B 252 23.42 -19.55 15.41
CA THR B 252 23.37 -18.09 15.45
C THR B 252 24.02 -17.47 14.23
N TYR B 253 23.62 -16.23 13.98
CA TYR B 253 24.13 -15.44 12.88
C TYR B 253 24.43 -14.11 13.57
N PHE B 254 25.48 -13.42 13.14
CA PHE B 254 25.85 -12.15 13.79
C PHE B 254 26.73 -11.26 12.91
N TRP B 255 26.15 -10.18 12.38
CA TRP B 255 26.86 -9.26 11.49
C TRP B 255 27.11 -7.88 12.11
N LYS B 256 27.55 -6.94 11.27
CA LYS B 256 27.81 -5.58 11.70
C LYS B 256 26.77 -4.72 10.99
N VAL B 257 26.42 -3.58 11.56
CA VAL B 257 25.42 -2.72 10.94
C VAL B 257 26.01 -1.75 9.91
N GLN B 258 26.60 -2.28 8.85
CA GLN B 258 27.20 -1.44 7.81
C GLN B 258 26.18 -0.39 7.38
N HIS B 259 26.67 0.74 6.87
CA HIS B 259 25.79 1.82 6.41
C HIS B 259 25.26 1.55 5.02
N HIS B 260 26.03 0.83 4.21
CA HIS B 260 25.64 0.51 2.84
C HIS B 260 24.34 -0.30 2.88
N MET B 261 23.63 -0.18 4.00
CA MET B 261 22.35 -0.87 4.23
C MET B 261 21.62 -0.16 5.36
N ALA B 262 21.07 1.02 5.09
CA ALA B 262 20.38 1.74 6.15
C ALA B 262 19.82 3.12 5.75
N PRO B 263 19.01 3.73 6.64
CA PRO B 263 18.39 5.04 6.43
C PRO B 263 19.41 6.05 5.95
N THR B 264 18.91 7.04 5.22
CA THR B 264 19.77 8.07 4.63
C THR B 264 19.52 9.45 5.17
N LYS B 265 20.26 10.40 4.60
CA LYS B 265 20.16 11.81 4.95
C LYS B 265 18.74 12.27 4.68
N ASP B 266 18.06 11.55 3.79
CA ASP B 266 16.71 11.90 3.44
C ASP B 266 15.72 11.06 4.24
N GLU B 267 15.59 11.52 5.48
CA GLU B 267 14.75 10.99 6.55
C GLU B 267 14.01 9.66 6.44
N PHE B 268 12.91 9.59 7.19
CA PHE B 268 12.10 8.41 7.31
C PHE B 268 12.96 7.58 8.23
N ASP B 269 13.32 8.22 9.35
CA ASP B 269 14.17 7.69 10.42
C ASP B 269 14.50 6.22 10.59
N CYS B 270 13.69 5.31 10.05
CA CYS B 270 14.01 3.90 10.21
C CYS B 270 13.78 3.15 8.91
N LYS B 271 14.68 2.24 8.58
CA LYS B 271 14.52 1.49 7.35
C LYS B 271 13.55 0.33 7.50
N ALA B 272 13.44 -0.52 6.48
CA ALA B 272 12.52 -1.64 6.51
C ALA B 272 13.05 -2.87 5.79
N TRP B 273 14.03 -3.54 6.36
CA TRP B 273 14.59 -4.74 5.73
C TRP B 273 13.75 -5.98 6.00
N ALA B 274 14.15 -7.15 5.51
CA ALA B 274 13.34 -8.34 5.77
C ALA B 274 14.04 -9.69 5.87
N TYR B 275 13.42 -10.55 6.67
CA TYR B 275 13.92 -11.89 6.95
C TYR B 275 12.91 -13.06 6.80
N SER B 276 13.44 -14.20 6.38
CA SER B 276 12.67 -15.42 6.18
C SER B 276 13.63 -16.52 5.70
N SER B 277 13.25 -17.78 5.87
CA SER B 277 14.10 -18.90 5.49
C SER B 277 14.46 -19.00 4.01
N ASP B 278 15.70 -19.42 3.73
CA ASP B 278 16.16 -19.60 2.35
C ASP B 278 16.44 -21.06 2.04
N VAL B 279 15.58 -21.93 2.55
CA VAL B 279 15.69 -23.36 2.32
C VAL B 279 15.10 -23.63 0.93
N ASP B 280 13.78 -23.54 0.81
CA ASP B 280 13.13 -23.75 -0.50
C ASP B 280 12.82 -22.36 -1.04
N LEU B 281 12.90 -21.38 -0.15
CA LEU B 281 12.67 -19.97 -0.47
C LEU B 281 11.20 -19.55 -0.47
N GLU B 282 10.31 -20.39 -0.98
CA GLU B 282 8.88 -20.05 -1.01
C GLU B 282 8.09 -20.97 -0.10
N LYS B 283 8.11 -22.26 -0.41
CA LYS B 283 7.42 -23.28 0.36
C LYS B 283 7.40 -22.75 1.78
N ASP B 284 8.58 -22.35 2.26
CA ASP B 284 8.72 -21.78 3.59
C ASP B 284 7.71 -20.65 3.66
N VAL B 285 8.19 -19.46 3.33
CA VAL B 285 7.42 -18.25 3.33
C VAL B 285 5.91 -18.38 3.41
N HIS B 286 5.32 -19.33 2.69
CA HIS B 286 3.86 -19.45 2.72
C HIS B 286 3.19 -19.84 4.02
N SER B 287 3.67 -20.91 4.66
CA SER B 287 3.07 -21.35 5.92
C SER B 287 3.48 -20.45 7.08
N GLY B 288 3.51 -19.14 6.81
CA GLY B 288 3.90 -18.18 7.83
C GLY B 288 5.41 -17.99 7.83
N LEU B 289 5.97 -17.64 8.99
CA LEU B 289 7.41 -17.46 9.11
C LEU B 289 7.89 -16.29 8.24
N ILE B 290 7.78 -15.08 8.78
CA ILE B 290 8.17 -13.87 8.08
C ILE B 290 8.66 -12.81 9.07
N GLY B 291 9.76 -12.13 8.74
CA GLY B 291 10.28 -11.14 9.65
C GLY B 291 10.57 -9.73 9.17
N PRO B 292 10.12 -8.73 9.92
CA PRO B 292 10.32 -7.33 9.57
C PRO B 292 11.49 -6.70 10.29
N LEU B 293 12.68 -6.77 9.71
CA LEU B 293 13.86 -6.17 10.33
C LEU B 293 14.02 -4.72 9.88
N LEU B 294 13.83 -3.80 10.81
CA LEU B 294 13.98 -2.39 10.49
C LEU B 294 15.24 -1.96 11.20
N VAL B 295 15.59 -0.68 11.06
CA VAL B 295 16.77 -0.08 11.67
C VAL B 295 16.48 1.41 11.76
N CYS B 296 17.39 2.17 12.34
CA CYS B 296 17.22 3.61 12.43
C CYS B 296 18.62 4.20 12.47
N HIS B 297 18.80 5.46 12.85
CA HIS B 297 20.16 5.98 12.86
C HIS B 297 20.71 6.76 14.05
N THR B 298 21.64 6.08 14.71
CA THR B 298 22.35 6.58 15.87
C THR B 298 21.39 7.01 16.96
N ASN B 299 21.62 8.18 17.52
CA ASN B 299 20.76 8.69 18.58
C ASN B 299 19.34 8.82 18.05
N THR B 300 18.57 7.73 18.12
CA THR B 300 17.19 7.73 17.62
C THR B 300 16.21 6.86 18.40
N LEU B 301 16.71 5.81 19.01
CA LEU B 301 15.87 4.86 19.73
C LEU B 301 16.04 4.82 21.25
N ASN B 302 14.95 5.11 21.96
CA ASN B 302 14.94 5.14 23.44
C ASN B 302 16.09 4.37 24.04
N PRO B 303 17.15 5.09 24.39
CA PRO B 303 18.32 4.46 24.99
C PRO B 303 17.91 3.45 26.06
N ALA B 304 18.22 2.18 25.79
CA ALA B 304 17.90 1.10 26.72
C ALA B 304 16.40 0.88 26.86
N HIS B 305 16.04 -0.40 26.90
CA HIS B 305 14.64 -0.82 27.04
C HIS B 305 13.67 0.07 26.26
N GLY B 306 13.59 -0.20 24.96
CA GLY B 306 12.71 0.55 24.09
C GLY B 306 13.37 0.83 22.75
N ARG B 307 12.55 1.12 21.75
CA ARG B 307 13.03 1.41 20.41
C ARG B 307 12.17 2.52 19.80
N GLN B 308 12.72 3.73 19.72
CA GLN B 308 12.06 4.91 19.16
C GLN B 308 11.00 5.56 20.03
N VAL B 309 9.74 5.50 19.61
CA VAL B 309 8.61 6.08 20.34
C VAL B 309 8.41 7.56 20.03
N THR B 310 9.39 8.20 19.40
CA THR B 310 9.24 9.60 19.03
C THR B 310 7.91 9.69 18.31
N VAL B 311 7.56 8.56 17.70
CA VAL B 311 6.33 8.37 16.94
C VAL B 311 6.02 6.88 17.01
N GLN B 312 4.91 6.44 16.41
CA GLN B 312 4.55 5.03 16.47
C GLN B 312 4.80 4.21 15.22
N GLU B 313 5.27 2.99 15.43
CA GLU B 313 5.58 2.12 14.31
C GLU B 313 4.71 0.88 14.18
N PHE B 314 4.21 0.63 12.96
CA PHE B 314 3.36 -0.52 12.63
C PHE B 314 3.78 -1.15 11.31
N ALA B 315 3.84 -2.47 11.27
CA ALA B 315 4.21 -3.15 10.04
C ALA B 315 3.06 -4.02 9.55
N LEU B 316 2.58 -3.77 8.35
CA LEU B 316 1.47 -4.55 7.79
C LEU B 316 1.98 -5.34 6.60
N PHE B 317 2.04 -6.66 6.70
CA PHE B 317 2.52 -7.49 5.60
C PHE B 317 1.40 -8.00 4.72
N PHE B 318 1.18 -7.34 3.60
CA PHE B 318 0.11 -7.74 2.70
C PHE B 318 0.48 -8.99 1.93
N THR B 319 -0.50 -9.68 1.36
CA THR B 319 -0.21 -10.90 0.60
C THR B 319 -1.40 -11.77 0.23
N ILE B 320 -1.10 -12.93 -0.32
CA ILE B 320 -2.08 -13.91 -0.72
C ILE B 320 -1.54 -15.29 -0.34
N PHE B 321 -2.16 -15.90 0.67
CA PHE B 321 -1.74 -17.23 1.10
C PHE B 321 -2.50 -18.24 0.27
N ASP B 322 -1.84 -19.28 -0.18
CA ASP B 322 -2.51 -20.29 -0.99
C ASP B 322 -2.62 -21.63 -0.27
N GLU B 323 -1.70 -21.88 0.65
CA GLU B 323 -1.68 -23.14 1.35
C GLU B 323 -1.33 -24.20 0.32
N THR B 324 -1.50 -25.47 0.68
CA THR B 324 -1.17 -26.59 -0.20
C THR B 324 0.28 -26.38 -0.61
N LYS B 325 0.51 -25.37 -1.45
CA LYS B 325 1.86 -25.01 -1.83
C LYS B 325 2.31 -24.37 -0.52
N SER B 326 2.53 -25.22 0.49
CA SER B 326 2.93 -24.74 1.81
C SER B 326 3.51 -25.81 2.74
N TRP B 327 2.93 -25.95 3.94
CA TRP B 327 3.42 -26.95 4.88
C TRP B 327 3.42 -28.28 4.18
N TYR B 328 2.34 -29.05 4.31
CA TYR B 328 2.25 -30.38 3.68
C TYR B 328 1.22 -31.29 4.37
N PHE B 329 1.51 -32.60 4.31
CA PHE B 329 0.71 -33.70 4.90
C PHE B 329 -0.54 -33.31 5.71
N THR B 330 -0.44 -33.48 7.04
CA THR B 330 -1.50 -33.19 7.99
C THR B 330 -2.28 -31.90 7.72
N GLU B 331 -1.55 -30.81 7.54
CA GLU B 331 -2.12 -29.49 7.27
C GLU B 331 -3.26 -29.59 6.26
N ASN B 332 -2.89 -29.96 5.03
CA ASN B 332 -3.83 -30.10 3.93
C ASN B 332 -4.77 -31.28 4.17
N MET B 333 -4.65 -31.91 5.33
CA MET B 333 -5.47 -33.06 5.69
C MET B 333 -6.36 -32.90 6.91
N GLU B 334 -6.64 -31.65 7.31
CA GLU B 334 -7.50 -31.42 8.46
C GLU B 334 -8.91 -31.18 7.94
N ARG B 335 -9.86 -31.97 8.44
CA ARG B 335 -11.24 -31.87 8.00
C ARG B 335 -11.25 -32.26 6.53
N ASN B 336 -12.04 -33.29 6.19
CA ASN B 336 -12.10 -33.77 4.81
C ASN B 336 -13.52 -34.10 4.35
N CYS B 337 -13.69 -34.33 3.03
CA CYS B 337 -14.96 -34.66 2.38
C CYS B 337 -15.22 -33.70 1.21
N ARG B 338 -16.48 -33.54 0.80
CA ARG B 338 -16.83 -32.63 -0.30
C ARG B 338 -18.17 -31.90 -0.09
N ALA B 339 -18.09 -30.56 -0.10
CA ALA B 339 -19.21 -29.63 0.12
C ALA B 339 -20.22 -29.47 -1.06
N PRO B 340 -21.12 -28.44 -1.01
CA PRO B 340 -22.11 -28.22 -2.08
C PRO B 340 -21.59 -27.69 -3.44
N CYS B 341 -21.93 -28.41 -4.51
CA CYS B 341 -21.53 -28.09 -5.88
C CYS B 341 -20.00 -28.21 -6.09
N ASN B 342 -19.52 -29.45 -6.22
CA ASN B 342 -18.10 -29.76 -6.41
C ASN B 342 -17.89 -30.48 -7.75
N ILE B 343 -16.77 -30.22 -8.41
CA ILE B 343 -16.40 -30.84 -9.70
C ILE B 343 -15.34 -31.93 -9.52
N GLN B 344 -14.31 -31.65 -8.72
CA GLN B 344 -13.22 -32.60 -8.42
C GLN B 344 -12.32 -32.06 -7.28
N MET B 345 -11.08 -32.56 -7.22
CA MET B 345 -10.13 -32.16 -6.19
C MET B 345 -8.79 -31.86 -6.83
N GLU B 346 -7.92 -31.18 -6.08
CA GLU B 346 -6.58 -30.86 -6.57
C GLU B 346 -6.59 -29.93 -7.79
N ASP B 347 -7.68 -29.21 -8.00
CA ASP B 347 -7.80 -28.30 -9.14
C ASP B 347 -9.13 -27.50 -9.10
N PRO B 348 -10.29 -28.19 -9.28
CA PRO B 348 -11.56 -27.48 -9.25
C PRO B 348 -12.19 -27.50 -7.86
N THR B 349 -11.48 -28.11 -6.92
CA THR B 349 -11.95 -28.21 -5.54
C THR B 349 -12.17 -26.81 -4.99
N PHE B 350 -12.11 -26.69 -3.67
CA PHE B 350 -12.30 -25.40 -3.04
C PHE B 350 -11.06 -24.59 -3.34
N LYS B 351 -10.96 -24.12 -4.58
CA LYS B 351 -9.82 -23.35 -5.03
C LYS B 351 -9.56 -22.10 -4.17
N GLU B 352 -10.17 -20.96 -4.52
CA GLU B 352 -9.96 -19.71 -3.75
C GLU B 352 -10.41 -19.78 -2.28
N ASN B 353 -10.71 -20.98 -1.82
CA ASN B 353 -11.12 -21.18 -0.43
C ASN B 353 -9.87 -21.24 0.42
N TYR B 354 -8.89 -22.02 -0.03
CA TYR B 354 -7.61 -22.15 0.67
C TYR B 354 -6.70 -20.95 0.43
N ARG B 355 -7.31 -19.90 -0.12
CA ARG B 355 -6.58 -18.67 -0.40
C ARG B 355 -6.94 -17.58 0.60
N PHE B 356 -5.97 -17.29 1.46
CA PHE B 356 -6.10 -16.26 2.49
C PHE B 356 -5.66 -14.93 1.87
N HIS B 357 -6.56 -13.95 1.86
CA HIS B 357 -6.21 -12.65 1.31
C HIS B 357 -6.10 -11.73 2.50
N ALA B 358 -4.91 -11.63 3.08
CA ALA B 358 -4.78 -10.75 4.24
C ALA B 358 -3.42 -10.24 4.69
N ILE B 359 -3.50 -9.12 5.39
CA ILE B 359 -2.38 -8.42 5.95
C ILE B 359 -2.01 -9.02 7.29
N ASN B 360 -0.80 -9.55 7.40
CA ASN B 360 -0.36 -10.18 8.63
C ASN B 360 -1.32 -11.33 8.82
N GLY B 361 -1.99 -11.67 7.73
CA GLY B 361 -2.93 -12.77 7.74
C GLY B 361 -4.22 -12.55 8.53
N TYR B 362 -4.99 -11.51 8.20
CA TYR B 362 -6.26 -11.28 8.87
C TYR B 362 -7.34 -10.98 7.85
N ILE B 363 -7.73 -12.02 7.14
CA ILE B 363 -8.75 -11.94 6.11
C ILE B 363 -9.94 -11.26 6.78
N MET B 364 -10.66 -10.43 6.04
CA MET B 364 -11.79 -9.69 6.59
C MET B 364 -11.25 -8.78 7.71
N ASP B 365 -11.97 -7.73 8.05
CA ASP B 365 -11.51 -6.80 9.07
C ASP B 365 -11.21 -7.41 10.44
N THR B 366 -10.33 -8.40 10.44
CA THR B 366 -9.88 -9.17 11.61
C THR B 366 -8.63 -8.63 12.34
N LEU B 367 -7.82 -7.82 11.65
CA LEU B 367 -6.61 -7.29 12.26
C LEU B 367 -6.82 -6.51 13.56
N PRO B 368 -6.12 -6.96 14.61
CA PRO B 368 -6.01 -6.57 16.02
C PRO B 368 -5.40 -5.23 16.35
N GLY B 369 -4.16 -5.31 16.84
CA GLY B 369 -3.38 -4.17 17.29
C GLY B 369 -3.19 -2.90 16.49
N LEU B 370 -4.18 -2.01 16.49
CA LEU B 370 -4.08 -0.76 15.78
C LEU B 370 -4.58 0.36 16.67
N VAL B 371 -4.02 0.42 17.86
CA VAL B 371 -4.35 1.47 18.82
C VAL B 371 -3.65 2.71 18.25
N MET B 372 -4.37 3.63 17.64
CA MET B 372 -3.74 4.79 17.02
C MET B 372 -3.11 5.85 17.93
N ALA B 373 -3.62 7.08 17.87
CA ALA B 373 -3.09 8.18 18.67
C ALA B 373 -3.32 9.55 18.04
N GLN B 374 -4.54 9.85 17.59
CA GLN B 374 -4.76 11.13 16.94
C GLN B 374 -3.72 12.18 17.25
N ASP B 375 -3.06 12.65 16.19
CA ASP B 375 -2.04 13.69 16.25
C ASP B 375 -0.65 13.32 16.74
N GLN B 376 -0.23 12.10 16.41
CA GLN B 376 1.09 11.62 16.75
C GLN B 376 1.65 11.04 15.47
N ARG B 377 2.61 11.78 14.90
CA ARG B 377 3.28 11.37 13.68
C ARG B 377 3.36 9.85 13.73
N ILE B 378 3.07 9.21 12.60
CA ILE B 378 3.12 7.76 12.53
C ILE B 378 3.93 7.27 11.36
N ARG B 379 4.37 6.03 11.43
CA ARG B 379 5.21 5.46 10.40
C ARG B 379 4.89 4.00 10.21
N TRP B 380 4.54 3.64 8.97
CA TRP B 380 4.20 2.27 8.64
C TRP B 380 5.28 1.61 7.80
N TYR B 381 5.46 0.31 8.01
CA TYR B 381 6.44 -0.47 7.28
C TYR B 381 5.58 -1.47 6.53
N LEU B 382 5.43 -1.30 5.22
CA LEU B 382 4.56 -2.17 4.47
C LEU B 382 5.20 -3.25 3.61
N LEU B 383 6.29 -3.84 4.10
CA LEU B 383 6.99 -4.90 3.37
C LEU B 383 6.06 -5.95 2.76
N SER B 384 5.63 -5.74 1.53
CA SER B 384 4.78 -6.71 0.86
C SER B 384 5.66 -7.88 0.48
N MET B 385 5.15 -8.69 -0.44
CA MET B 385 5.84 -9.87 -0.95
C MET B 385 4.76 -10.89 -1.27
N GLY B 386 5.16 -12.03 -1.84
CA GLY B 386 4.19 -13.07 -2.18
C GLY B 386 4.50 -13.78 -3.49
N SER B 387 3.46 -14.11 -4.25
CA SER B 387 3.63 -14.79 -5.54
C SER B 387 3.87 -13.72 -6.59
N ASN B 388 3.04 -13.69 -7.62
CA ASN B 388 3.19 -12.70 -8.67
C ASN B 388 1.89 -11.97 -8.92
N GLU B 389 0.92 -12.18 -8.03
CA GLU B 389 -0.37 -11.53 -8.16
C GLU B 389 -0.53 -10.52 -7.04
N ASN B 390 0.26 -10.72 -5.99
CA ASN B 390 0.24 -9.90 -4.78
C ASN B 390 0.61 -8.43 -4.87
N ILE B 391 0.47 -7.83 -6.04
CA ILE B 391 0.81 -6.40 -6.22
C ILE B 391 -0.34 -5.51 -5.73
N HIS B 392 -0.70 -5.68 -4.46
CA HIS B 392 -1.80 -4.95 -3.83
C HIS B 392 -1.63 -3.47 -3.66
N SER B 393 -2.39 -2.70 -4.42
CA SER B 393 -2.31 -1.26 -4.30
C SER B 393 -3.00 -0.82 -3.02
N ILE B 394 -2.24 -0.67 -1.94
CA ILE B 394 -2.81 -0.27 -0.65
C ILE B 394 -3.37 1.13 -0.52
N HIS B 395 -4.43 1.25 0.28
CA HIS B 395 -5.13 2.50 0.54
C HIS B 395 -5.37 2.64 2.03
N PHE B 396 -5.43 3.86 2.51
CA PHE B 396 -5.67 4.09 3.93
C PHE B 396 -6.95 4.90 4.13
N SER B 397 -8.08 4.20 4.12
CA SER B 397 -9.39 4.81 4.27
C SER B 397 -9.29 6.28 4.67
N GLY B 398 -9.57 7.15 3.72
CA GLY B 398 -9.50 8.57 3.98
C GLY B 398 -8.30 9.05 4.77
N HIS B 399 -7.12 8.94 4.17
CA HIS B 399 -5.90 9.37 4.83
C HIS B 399 -4.72 9.38 3.88
N VAL B 400 -4.12 10.55 3.74
CA VAL B 400 -2.96 10.72 2.87
C VAL B 400 -1.71 10.53 3.69
N PHE B 401 -0.58 11.00 3.18
CA PHE B 401 0.68 10.88 3.88
C PHE B 401 1.84 11.21 2.96
N THR B 402 3.05 11.01 3.47
CA THR B 402 4.25 11.29 2.70
C THR B 402 5.16 10.08 2.58
N VAL B 403 6.25 10.26 1.85
CA VAL B 403 7.24 9.21 1.61
C VAL B 403 8.52 9.83 1.07
N ARG B 404 9.61 9.07 1.06
CA ARG B 404 10.87 9.59 0.55
C ARG B 404 11.64 8.62 -0.33
N LYS B 405 12.40 9.21 -1.23
CA LYS B 405 13.27 8.49 -2.16
C LYS B 405 14.09 9.60 -2.77
N LYS B 406 14.57 10.45 -1.88
CA LYS B 406 15.39 11.60 -2.16
C LYS B 406 14.60 12.90 -2.13
N GLU B 407 13.42 12.85 -1.51
CA GLU B 407 12.56 14.02 -1.35
C GLU B 407 11.27 13.69 -0.61
N GLU B 408 10.38 14.68 -0.49
CA GLU B 408 9.11 14.55 0.21
C GLU B 408 7.93 14.07 -0.64
N TYR B 409 8.22 13.32 -1.70
CA TYR B 409 7.19 12.80 -2.59
C TYR B 409 6.01 12.33 -1.75
N LYS B 410 4.81 12.79 -2.09
CA LYS B 410 3.59 12.41 -1.35
C LYS B 410 2.62 11.55 -2.12
N MET B 411 1.92 10.68 -1.41
CA MET B 411 0.96 9.80 -2.04
C MET B 411 -0.24 9.50 -1.14
N ALA B 412 -1.13 8.67 -1.67
CA ALA B 412 -2.33 8.26 -0.96
C ALA B 412 -2.62 6.81 -1.33
N LEU B 413 -1.71 6.21 -2.06
CA LEU B 413 -1.82 4.81 -2.46
C LEU B 413 -0.40 4.29 -2.58
N TYR B 414 -0.21 2.98 -2.51
CA TYR B 414 1.12 2.40 -2.70
C TYR B 414 0.99 0.96 -3.15
N ASN B 415 1.46 0.70 -4.35
CA ASN B 415 1.34 -0.61 -4.93
C ASN B 415 2.46 -1.54 -4.58
N LEU B 416 2.66 -1.80 -3.29
CA LEU B 416 3.71 -2.71 -2.87
C LEU B 416 3.90 -3.83 -3.90
N TYR B 417 5.07 -3.95 -4.49
CA TYR B 417 5.30 -5.02 -5.45
C TYR B 417 5.78 -6.18 -4.65
N PRO B 418 5.43 -7.40 -5.07
CA PRO B 418 5.90 -8.53 -4.27
C PRO B 418 7.42 -8.44 -4.07
N GLY B 419 7.85 -8.27 -2.82
CA GLY B 419 9.27 -8.18 -2.49
C GLY B 419 9.81 -6.80 -2.16
N VAL B 420 8.98 -5.79 -2.33
CA VAL B 420 9.35 -4.40 -2.07
C VAL B 420 9.75 -4.17 -0.61
N PHE B 421 9.06 -3.28 0.11
CA PHE B 421 9.35 -2.98 1.54
C PHE B 421 8.95 -1.59 2.04
N GLU B 422 9.29 -0.57 1.27
CA GLU B 422 9.03 0.84 1.58
C GLU B 422 8.19 1.17 2.81
N THR B 423 8.67 2.10 3.62
CA THR B 423 8.00 2.57 4.82
C THR B 423 7.30 3.88 4.44
N VAL B 424 6.38 4.37 5.27
CA VAL B 424 5.66 5.59 4.94
C VAL B 424 5.28 6.39 6.18
N GLU B 425 5.17 7.71 6.07
CA GLU B 425 4.83 8.49 7.25
C GLU B 425 3.57 9.35 7.14
N MET B 426 2.53 8.91 7.82
CA MET B 426 1.23 9.57 7.81
C MET B 426 0.86 10.22 9.14
N LEU B 427 -0.43 10.50 9.29
CA LEU B 427 -0.95 11.12 10.51
C LEU B 427 -2.46 11.21 10.55
N PRO B 428 -3.06 10.82 11.68
CA PRO B 428 -4.51 10.87 11.86
C PRO B 428 -4.86 12.24 12.42
N SER B 429 -5.69 12.97 11.69
CA SER B 429 -6.09 14.30 12.11
C SER B 429 -7.29 14.13 13.02
N LYS B 430 -8.13 13.16 12.68
CA LYS B 430 -9.32 12.88 13.46
C LYS B 430 -9.37 11.40 13.84
N ALA B 431 -10.27 11.07 14.77
CA ALA B 431 -10.44 9.71 15.25
C ALA B 431 -11.59 8.97 14.63
N GLY B 432 -11.94 7.88 15.30
CA GLY B 432 -13.01 7.02 14.83
C GLY B 432 -12.32 5.76 14.37
N ILE B 433 -13.03 4.95 13.60
CA ILE B 433 -12.46 3.72 13.10
C ILE B 433 -12.40 3.85 11.59
N TRP B 434 -11.31 3.39 10.98
CA TRP B 434 -11.17 3.46 9.53
C TRP B 434 -10.75 2.10 9.02
N ARG B 435 -10.18 2.05 7.81
CA ARG B 435 -9.73 0.79 7.24
C ARG B 435 -8.54 0.94 6.29
N VAL B 436 -8.08 -0.19 5.77
CA VAL B 436 -6.96 -0.23 4.85
C VAL B 436 -7.12 -1.52 4.04
N GLU B 437 -6.98 -1.44 2.71
CA GLU B 437 -7.17 -2.61 1.84
C GLU B 437 -6.73 -2.54 0.37
N CYS B 438 -6.27 -3.67 -0.15
CA CYS B 438 -5.84 -3.77 -1.55
C CYS B 438 -7.04 -3.35 -2.38
N LEU B 439 -7.05 -2.11 -2.89
CA LEU B 439 -8.18 -1.66 -3.71
C LEU B 439 -8.49 -2.53 -4.92
N ILE B 440 -7.71 -3.59 -5.08
CA ILE B 440 -7.91 -4.54 -6.15
C ILE B 440 -9.23 -5.25 -5.85
N GLY B 441 -10.33 -4.62 -6.25
CA GLY B 441 -11.64 -5.20 -6.00
C GLY B 441 -11.72 -6.63 -5.50
N GLU B 442 -11.17 -7.56 -6.27
CA GLU B 442 -11.19 -8.98 -5.93
C GLU B 442 -10.55 -9.35 -4.60
N HIS B 443 -9.21 -9.31 -4.56
CA HIS B 443 -8.46 -9.66 -3.36
C HIS B 443 -8.91 -8.88 -2.13
N LEU B 444 -9.70 -7.85 -2.36
CA LEU B 444 -10.26 -7.02 -1.30
C LEU B 444 -11.57 -7.68 -0.92
N HIS B 445 -12.48 -7.69 -1.88
CA HIS B 445 -13.79 -8.29 -1.71
C HIS B 445 -13.48 -9.79 -1.56
N ALA B 446 -12.62 -10.08 -0.60
CA ALA B 446 -12.19 -11.44 -0.31
C ALA B 446 -11.25 -11.40 0.89
N GLY B 447 -11.36 -10.33 1.67
CA GLY B 447 -10.52 -10.16 2.86
C GLY B 447 -9.64 -8.93 2.75
N MET B 448 -8.37 -9.10 3.12
CA MET B 448 -7.38 -8.03 3.07
C MET B 448 -7.94 -6.63 3.36
N SER B 449 -8.12 -6.31 4.64
CA SER B 449 -8.65 -5.02 5.03
C SER B 449 -8.85 -4.93 6.53
N THR B 450 -8.43 -3.82 7.13
CA THR B 450 -8.60 -3.66 8.57
C THR B 450 -8.79 -2.25 9.06
N LEU B 451 -9.48 -2.18 10.18
CA LEU B 451 -9.82 -0.93 10.82
C LEU B 451 -8.79 -0.58 11.87
N PHE B 452 -8.32 0.67 11.87
CA PHE B 452 -7.36 1.09 12.87
C PHE B 452 -7.98 2.13 13.79
N LEU B 453 -8.39 1.63 14.94
CA LEU B 453 -9.06 2.43 15.94
C LEU B 453 -8.14 3.50 16.49
N VAL B 454 -8.40 4.76 16.14
CA VAL B 454 -7.61 5.87 16.63
C VAL B 454 -8.38 6.61 17.71
N TYR B 455 -7.66 7.24 18.63
CA TYR B 455 -8.31 7.94 19.72
C TYR B 455 -7.90 9.38 19.82
N SER B 456 -8.56 10.07 20.73
CA SER B 456 -8.31 11.48 20.96
C SER B 456 -7.73 11.63 22.36
N ASN B 457 -6.41 11.54 22.47
CA ASN B 457 -5.78 11.65 23.78
C ASN B 457 -6.34 12.80 24.60
N LYS B 458 -7.06 13.72 23.96
CA LYS B 458 -7.63 14.85 24.66
C LYS B 458 -9.08 14.67 25.12
N CYS B 459 -9.28 13.94 26.22
CA CYS B 459 -10.60 13.71 26.81
C CYS B 459 -10.53 12.91 28.11
N GLN B 460 -9.89 11.75 28.05
CA GLN B 460 -9.72 10.86 29.20
C GLN B 460 -10.78 11.11 30.28
N THR B 461 -12.03 11.26 29.85
CA THR B 461 -13.14 11.53 30.75
C THR B 461 -13.44 10.34 31.69
N PRO B 462 -13.81 10.65 32.96
CA PRO B 462 -14.12 9.67 34.00
C PRO B 462 -15.35 8.84 33.68
N LEU B 463 -15.27 7.55 33.95
CA LEU B 463 -16.38 6.69 33.65
C LEU B 463 -17.52 6.83 34.63
N GLY B 464 -17.27 7.53 35.74
CA GLY B 464 -18.30 7.77 36.75
C GLY B 464 -18.64 6.67 37.75
N MET B 465 -17.62 6.15 38.43
CA MET B 465 -17.81 5.10 39.41
C MET B 465 -18.07 5.71 40.79
N ALA B 466 -17.95 7.02 40.86
CA ALA B 466 -18.19 7.76 42.09
C ALA B 466 -19.61 8.27 41.92
N SER B 467 -19.83 9.01 40.84
CA SER B 467 -21.15 9.50 40.54
C SER B 467 -21.90 8.22 40.25
N GLY B 468 -23.22 8.28 40.30
CA GLY B 468 -24.01 7.09 40.04
C GLY B 468 -23.62 6.34 38.77
N HIS B 469 -24.31 6.65 37.69
CA HIS B 469 -24.09 6.04 36.39
C HIS B 469 -23.74 4.55 36.47
N ILE B 470 -22.46 4.24 36.66
CA ILE B 470 -22.08 2.83 36.78
C ILE B 470 -22.84 2.32 38.00
N ARG B 471 -23.86 1.49 37.78
CA ARG B 471 -24.65 0.97 38.88
C ARG B 471 -24.00 -0.21 39.63
N ASP B 472 -24.27 -0.29 40.93
CA ASP B 472 -23.73 -1.35 41.78
C ASP B 472 -23.80 -2.65 40.98
N PHE B 473 -24.87 -2.77 40.20
CA PHE B 473 -25.13 -3.92 39.33
C PHE B 473 -23.82 -4.48 38.80
N GLN B 474 -23.16 -3.66 37.99
CA GLN B 474 -21.90 -4.00 37.36
C GLN B 474 -20.75 -4.10 38.36
N ILE B 475 -20.16 -5.29 38.45
CA ILE B 475 -19.03 -5.59 39.35
C ILE B 475 -18.80 -7.09 39.56
N THR B 476 -18.24 -7.42 40.72
CA THR B 476 -17.93 -8.77 41.19
C THR B 476 -16.45 -8.92 41.51
N ALA B 477 -16.13 -9.91 42.35
CA ALA B 477 -14.74 -10.16 42.75
C ALA B 477 -14.52 -11.64 42.98
N SER B 478 -14.70 -12.07 44.23
CA SER B 478 -14.53 -13.46 44.60
C SER B 478 -14.93 -13.62 46.06
N GLY B 479 -15.19 -12.48 46.70
CA GLY B 479 -15.59 -12.49 48.09
C GLY B 479 -15.91 -11.12 48.66
N GLN B 480 -16.92 -11.06 49.53
CA GLN B 480 -17.33 -9.82 50.16
C GLN B 480 -16.50 -9.64 51.44
N TYR B 481 -15.94 -10.73 51.92
CA TYR B 481 -15.11 -10.75 53.13
C TYR B 481 -15.57 -9.82 54.25
N GLY B 482 -16.89 -9.78 54.47
CA GLY B 482 -17.46 -8.96 55.52
C GLY B 482 -18.21 -7.71 55.09
N GLN B 483 -19.33 -7.88 54.40
CA GLN B 483 -20.13 -6.74 53.94
C GLN B 483 -19.31 -5.76 53.06
N TRP B 484 -17.98 -5.77 53.20
CA TRP B 484 -17.11 -4.91 52.39
C TRP B 484 -17.29 -5.45 50.99
N ALA B 485 -17.80 -4.66 50.05
CA ALA B 485 -17.99 -5.26 48.74
C ALA B 485 -18.25 -4.41 47.51
N PRO B 486 -18.28 -5.09 46.35
CA PRO B 486 -18.53 -4.48 45.06
C PRO B 486 -19.91 -3.81 45.10
N LYS B 487 -19.89 -2.52 45.37
CA LYS B 487 -21.09 -1.72 45.46
C LYS B 487 -20.49 -0.54 46.18
N LEU B 488 -19.19 -0.66 46.41
CA LEU B 488 -18.43 0.38 47.10
C LEU B 488 -17.08 0.62 46.44
N ALA B 489 -16.81 1.89 46.11
CA ALA B 489 -15.54 2.26 45.49
C ALA B 489 -15.39 3.73 45.07
N ARG B 490 -14.42 4.41 45.69
CA ARG B 490 -14.01 5.80 45.45
C ARG B 490 -14.64 6.94 46.24
N LEU B 491 -14.09 7.18 47.43
CA LEU B 491 -14.55 8.24 48.33
C LEU B 491 -15.85 7.95 49.07
N HIS B 492 -16.67 7.04 48.54
CA HIS B 492 -17.92 6.69 49.20
C HIS B 492 -17.60 6.67 50.69
N TYR B 493 -18.18 7.60 51.44
CA TYR B 493 -17.93 7.66 52.87
C TYR B 493 -19.14 7.30 53.71
N SER B 494 -18.93 6.40 54.66
CA SER B 494 -19.97 5.95 55.56
C SER B 494 -19.36 5.10 56.67
N GLY B 495 -19.11 5.73 57.81
CA GLY B 495 -18.53 5.04 58.95
C GLY B 495 -17.38 4.15 58.53
N SER B 496 -17.66 2.85 58.40
CA SER B 496 -16.65 1.90 57.99
C SER B 496 -17.21 0.79 57.09
N ILE B 497 -18.11 1.17 56.19
CA ILE B 497 -18.70 0.25 55.22
C ILE B 497 -18.66 1.04 53.91
N ASN B 498 -17.54 1.73 53.72
CA ASN B 498 -17.32 2.60 52.58
C ASN B 498 -16.20 2.22 51.60
N ALA B 499 -16.26 0.99 51.08
CA ALA B 499 -15.28 0.48 50.14
C ALA B 499 -15.42 -1.02 49.99
N TRP B 500 -14.54 -1.63 49.20
CA TRP B 500 -14.56 -3.08 49.02
C TRP B 500 -13.35 -3.62 49.78
N SER B 501 -13.33 -4.92 50.06
CA SER B 501 -12.20 -5.52 50.77
C SER B 501 -12.12 -7.01 50.56
N THR B 502 -11.00 -7.62 50.92
CA THR B 502 -10.86 -9.05 50.72
C THR B 502 -9.98 -9.75 51.75
N LYS B 503 -9.20 -10.73 51.30
CA LYS B 503 -8.32 -11.50 52.16
C LYS B 503 -7.30 -12.35 51.41
N GLU B 504 -6.34 -12.87 52.19
CA GLU B 504 -5.23 -13.71 51.73
C GLU B 504 -5.31 -14.30 50.32
N PRO B 505 -6.44 -14.94 49.99
CA PRO B 505 -6.51 -15.50 48.64
C PRO B 505 -6.03 -14.59 47.52
N PHE B 506 -5.69 -15.21 46.39
CA PHE B 506 -5.24 -14.49 45.22
C PHE B 506 -6.46 -13.79 44.63
N SER B 507 -7.03 -12.89 45.41
CA SER B 507 -8.21 -12.12 45.03
C SER B 507 -8.22 -11.55 43.62
N TRP B 508 -9.33 -10.92 43.25
CA TRP B 508 -9.52 -10.28 41.94
C TRP B 508 -10.90 -9.66 41.75
N ILE B 509 -10.93 -8.47 41.18
CA ILE B 509 -12.18 -7.75 40.93
C ILE B 509 -12.35 -7.40 39.44
N LYS B 510 -13.58 -7.52 38.94
CA LYS B 510 -13.87 -7.23 37.53
C LYS B 510 -14.98 -6.21 37.33
N VAL B 511 -14.96 -5.54 36.19
CA VAL B 511 -15.96 -4.54 35.87
C VAL B 511 -16.49 -4.75 34.47
N ASP B 512 -17.74 -4.35 34.24
CA ASP B 512 -18.34 -4.48 32.92
C ASP B 512 -18.97 -3.16 32.51
N LEU B 513 -18.23 -2.37 31.74
CA LEU B 513 -18.67 -1.07 31.25
C LEU B 513 -20.02 -1.08 30.55
N LEU B 514 -20.65 -2.25 30.48
CA LEU B 514 -21.94 -2.41 29.81
C LEU B 514 -21.68 -2.52 28.32
N ALA B 515 -20.46 -2.21 27.93
CA ALA B 515 -20.06 -2.26 26.52
C ALA B 515 -18.54 -2.03 26.45
N PRO B 516 -17.97 -1.99 25.23
CA PRO B 516 -16.53 -1.78 25.13
C PRO B 516 -16.20 -0.31 25.15
N MET B 517 -15.01 0.02 25.64
CA MET B 517 -14.53 1.40 25.69
C MET B 517 -13.03 1.48 25.86
N ILE B 518 -12.47 2.66 25.58
CA ILE B 518 -11.05 2.87 25.71
C ILE B 518 -10.81 3.40 27.09
N ILE B 519 -9.67 3.04 27.64
CA ILE B 519 -9.32 3.42 28.98
C ILE B 519 -7.96 4.07 29.07
N HIS B 520 -7.94 5.38 29.29
CA HIS B 520 -6.66 6.04 29.40
C HIS B 520 -6.04 5.73 30.75
N GLY B 521 -6.82 5.19 31.69
CA GLY B 521 -6.28 4.85 33.00
C GLY B 521 -7.22 4.81 34.20
N ILE B 522 -6.70 4.32 35.34
CA ILE B 522 -7.49 4.24 36.57
C ILE B 522 -6.86 4.93 37.78
N LYS B 523 -7.66 5.02 38.84
CA LYS B 523 -7.28 5.64 40.09
C LYS B 523 -7.53 4.59 41.17
N THR B 524 -6.90 4.74 42.34
CA THR B 524 -7.06 3.75 43.42
C THR B 524 -6.89 4.34 44.82
N GLN B 525 -7.55 3.73 45.81
CA GLN B 525 -7.47 4.19 47.20
C GLN B 525 -7.47 3.09 48.26
N GLY B 526 -7.92 3.46 49.45
CA GLY B 526 -7.98 2.51 50.56
C GLY B 526 -8.89 2.99 51.68
N ALA B 527 -9.00 2.19 52.74
CA ALA B 527 -9.83 2.52 53.90
C ALA B 527 -9.26 1.92 55.17
N ARG B 528 -9.44 2.61 56.29
CA ARG B 528 -8.95 2.11 57.57
C ARG B 528 -10.07 1.58 58.42
N GLN B 529 -9.82 0.46 59.07
CA GLN B 529 -10.83 -0.14 59.93
C GLN B 529 -10.39 0.16 61.36
N LYS B 530 -11.14 1.04 62.03
CA LYS B 530 -10.79 1.43 63.38
C LYS B 530 -9.34 1.87 63.36
N PHE B 531 -8.52 1.29 64.24
CA PHE B 531 -7.11 1.65 64.30
C PHE B 531 -6.41 1.38 62.98
N SER B 532 -5.90 0.16 62.83
CA SER B 532 -5.18 -0.27 61.63
C SER B 532 -5.81 0.16 60.30
N SER B 533 -4.95 0.44 59.32
CA SER B 533 -5.36 0.90 57.99
C SER B 533 -5.18 -0.13 56.85
N LEU B 534 -5.97 0.04 55.78
CA LEU B 534 -5.94 -0.87 54.65
C LEU B 534 -5.79 -0.30 53.25
N TYR B 535 -4.86 -0.89 52.48
CA TYR B 535 -4.60 -0.48 51.12
C TYR B 535 -4.10 -1.64 50.28
N ILE B 536 -3.39 -1.30 49.20
CA ILE B 536 -2.81 -2.26 48.26
C ILE B 536 -1.51 -1.64 47.78
N SER B 537 -0.57 -2.44 47.32
CA SER B 537 0.71 -1.87 46.90
C SER B 537 1.12 -2.13 45.47
N GLN B 538 0.61 -3.21 44.89
CA GLN B 538 0.93 -3.54 43.49
C GLN B 538 -0.10 -4.51 42.93
N PHE B 539 -0.66 -4.14 41.78
CA PHE B 539 -1.65 -5.00 41.15
C PHE B 539 -1.31 -5.22 39.68
N ILE B 540 -1.90 -6.25 39.09
CA ILE B 540 -1.70 -6.58 37.69
C ILE B 540 -3.08 -6.47 37.06
N ILE B 541 -3.17 -5.96 35.84
CA ILE B 541 -4.48 -5.82 35.20
C ILE B 541 -4.76 -6.80 34.06
N MET B 542 -6.00 -7.29 34.00
CA MET B 542 -6.44 -8.22 32.96
C MET B 542 -7.72 -7.67 32.33
N TYR B 543 -7.85 -7.87 31.02
CA TYR B 543 -9.03 -7.38 30.29
C TYR B 543 -9.47 -8.30 29.14
N SER B 544 -10.58 -7.93 28.53
CA SER B 544 -11.15 -8.63 27.38
C SER B 544 -12.53 -8.13 27.05
N LEU B 545 -13.17 -8.77 26.08
CA LEU B 545 -14.51 -8.36 25.64
C LEU B 545 -15.58 -9.45 25.66
N ASP B 546 -15.64 -10.23 26.73
CA ASP B 546 -16.64 -11.30 26.82
C ASP B 546 -16.30 -12.25 27.96
N GLY B 547 -15.28 -11.89 28.72
CA GLY B 547 -14.85 -12.74 29.82
C GLY B 547 -14.11 -13.92 29.23
N LYS B 548 -14.75 -14.62 28.30
CA LYS B 548 -14.17 -15.78 27.63
C LYS B 548 -12.67 -15.60 27.37
N LYS B 549 -12.33 -14.46 26.77
CA LYS B 549 -10.95 -14.12 26.45
C LYS B 549 -10.40 -13.35 27.64
N TRP B 550 -9.08 -13.36 27.82
CA TRP B 550 -8.47 -12.66 28.95
C TRP B 550 -7.03 -12.28 28.63
N GLN B 551 -6.68 -11.01 28.80
CA GLN B 551 -5.33 -10.55 28.52
C GLN B 551 -4.65 -10.04 29.78
N THR B 552 -3.43 -10.52 30.03
CA THR B 552 -2.67 -10.08 31.20
C THR B 552 -1.81 -8.87 30.80
N TYR B 553 -2.48 -7.75 30.58
CA TYR B 553 -1.85 -6.50 30.14
C TYR B 553 -0.41 -6.21 30.49
N ARG B 554 0.37 -6.01 29.44
CA ARG B 554 1.77 -5.67 29.58
C ARG B 554 1.71 -4.15 29.61
N GLY B 555 2.50 -3.52 28.74
CA GLY B 555 2.51 -2.07 28.68
C GLY B 555 3.84 -1.73 28.08
N ASN B 556 4.37 -0.56 28.39
CA ASN B 556 5.65 -0.17 27.83
C ASN B 556 6.80 -0.94 28.46
N SER B 557 7.05 -0.67 29.74
CA SER B 557 8.15 -1.30 30.46
C SER B 557 8.16 -2.83 30.37
N THR B 558 9.37 -3.36 30.30
CA THR B 558 9.61 -4.79 30.19
C THR B 558 8.77 -5.62 31.15
N GLY B 559 8.90 -6.94 31.05
CA GLY B 559 8.15 -7.81 31.91
C GLY B 559 7.16 -8.63 31.12
N THR B 560 6.78 -9.79 31.65
CA THR B 560 5.82 -10.65 30.97
C THR B 560 4.43 -10.10 31.29
N LEU B 561 4.43 -9.01 32.04
CA LEU B 561 3.21 -8.34 32.45
C LEU B 561 3.59 -7.00 33.03
N MET B 562 2.62 -6.09 33.14
CA MET B 562 2.92 -4.78 33.70
C MET B 562 2.57 -4.75 35.17
N VAL B 563 3.60 -4.59 36.01
CA VAL B 563 3.46 -4.54 37.46
C VAL B 563 3.29 -3.09 37.80
N PHE B 564 2.15 -2.75 38.38
CA PHE B 564 1.86 -1.36 38.71
C PHE B 564 2.19 -1.00 40.13
N PHE B 565 1.63 0.10 40.60
CA PHE B 565 1.91 0.49 41.95
C PHE B 565 0.73 1.06 42.70
N GLY B 566 0.52 0.53 43.89
CA GLY B 566 -0.59 0.95 44.73
C GLY B 566 -0.33 2.22 45.49
N ASN B 567 -0.91 2.29 46.68
CA ASN B 567 -0.78 3.45 47.55
C ASN B 567 -0.08 3.02 48.81
N VAL B 568 -0.64 3.40 49.95
CA VAL B 568 -0.07 3.05 51.23
C VAL B 568 -0.73 3.88 52.32
N ASP B 569 -2.06 3.81 52.37
CA ASP B 569 -2.86 4.55 53.34
C ASP B 569 -4.21 4.85 52.70
N SER B 570 -5.17 5.28 53.50
CA SER B 570 -6.48 5.60 52.92
C SER B 570 -6.28 6.93 52.22
N SER B 571 -6.89 7.07 51.05
CA SER B 571 -6.79 8.29 50.25
C SER B 571 -5.46 8.35 49.49
N GLY B 572 -5.05 7.19 49.00
CA GLY B 572 -3.83 7.11 48.21
C GLY B 572 -4.07 7.89 46.93
N ILE B 573 -4.75 7.27 45.95
CA ILE B 573 -5.09 7.92 44.67
C ILE B 573 -4.03 7.66 43.59
N LYS B 574 -3.42 6.49 43.60
CA LYS B 574 -2.39 6.20 42.61
C LYS B 574 -2.94 6.28 41.20
N HIS B 575 -3.02 7.50 40.67
CA HIS B 575 -3.54 7.73 39.33
C HIS B 575 -2.60 7.10 38.32
N ASN B 576 -2.79 5.83 38.02
CA ASN B 576 -1.93 5.18 37.03
C ASN B 576 -2.38 5.65 35.67
N ILE B 577 -1.90 5.02 34.60
CA ILE B 577 -2.30 5.46 33.28
C ILE B 577 -1.86 4.55 32.14
N PHE B 578 -2.73 3.69 31.65
CA PHE B 578 -2.37 2.82 30.53
C PHE B 578 -2.23 3.81 29.39
N ASN B 579 -1.29 3.58 28.49
CA ASN B 579 -1.06 4.49 27.36
C ASN B 579 0.34 4.09 26.89
N PRO B 580 0.45 3.03 26.08
CA PRO B 580 -0.55 2.13 25.51
C PRO B 580 -1.90 2.09 26.22
N PRO B 581 -2.89 2.77 25.64
CA PRO B 581 -4.23 2.81 26.21
C PRO B 581 -4.83 1.45 25.92
N ILE B 582 -5.78 1.02 26.73
CA ILE B 582 -6.42 -0.29 26.52
C ILE B 582 -7.88 -0.17 26.12
N ILE B 583 -8.41 -1.29 25.69
CA ILE B 583 -9.78 -1.39 25.25
C ILE B 583 -10.29 -2.72 25.72
N ALA B 584 -11.61 -2.83 25.76
CA ALA B 584 -12.30 -4.04 26.18
C ALA B 584 -13.62 -3.55 26.74
N ARG B 585 -14.30 -4.43 27.46
CA ARG B 585 -15.56 -4.09 28.09
C ARG B 585 -15.35 -4.49 29.53
N TYR B 586 -14.53 -5.52 29.71
CA TYR B 586 -14.22 -6.06 31.02
C TYR B 586 -12.81 -5.73 31.50
N ILE B 587 -12.70 -5.24 32.74
CA ILE B 587 -11.39 -4.91 33.32
C ILE B 587 -11.31 -5.57 34.69
N ARG B 588 -10.24 -6.30 34.93
CA ARG B 588 -10.05 -6.96 36.21
C ARG B 588 -8.85 -6.34 36.87
N LEU B 589 -8.74 -6.52 38.19
CA LEU B 589 -7.63 -5.99 38.97
C LEU B 589 -7.24 -7.08 39.96
N HIS B 590 -5.96 -7.42 40.03
CA HIS B 590 -5.51 -8.49 40.91
C HIS B 590 -4.45 -8.12 41.96
N PRO B 591 -4.87 -7.67 43.14
CA PRO B 591 -3.92 -7.29 44.19
C PRO B 591 -2.77 -8.27 44.37
N THR B 592 -1.56 -7.85 44.01
CA THR B 592 -0.38 -8.70 44.13
C THR B 592 0.25 -8.52 45.51
N HIS B 593 0.01 -7.35 46.12
CA HIS B 593 0.54 -7.04 47.45
C HIS B 593 -0.30 -6.02 48.23
N TYR B 594 -0.41 -6.22 49.55
CA TYR B 594 -1.21 -5.33 50.38
C TYR B 594 -0.81 -5.24 51.86
N SER B 595 -1.37 -4.22 52.53
CA SER B 595 -1.14 -3.92 53.95
C SER B 595 -2.17 -4.56 54.87
N ILE B 596 -1.77 -5.66 55.47
CA ILE B 596 -2.58 -6.45 56.39
C ILE B 596 -3.85 -6.99 55.71
N ARG B 597 -4.55 -6.16 54.93
CA ARG B 597 -5.73 -6.66 54.21
C ARG B 597 -6.05 -5.92 52.91
N SER B 598 -6.04 -6.67 51.83
CA SER B 598 -6.31 -6.16 50.50
C SER B 598 -7.66 -5.44 50.51
N THR B 599 -7.79 -4.44 49.66
CA THR B 599 -9.03 -3.67 49.60
C THR B 599 -8.85 -2.42 48.74
N LEU B 600 -9.94 -1.76 48.37
CA LEU B 600 -9.83 -0.55 47.56
C LEU B 600 -11.13 0.12 47.10
N ARG B 601 -10.95 1.27 46.47
CA ARG B 601 -12.00 2.10 45.91
C ARG B 601 -11.45 2.52 44.54
N MET B 602 -12.24 3.21 43.71
CA MET B 602 -11.78 3.63 42.38
C MET B 602 -12.86 4.26 41.50
N GLU B 603 -12.45 4.77 40.34
CA GLU B 603 -13.38 5.37 39.38
C GLU B 603 -12.78 5.37 37.99
N LEU B 604 -11.92 4.39 37.72
CA LEU B 604 -11.27 4.28 36.42
C LEU B 604 -11.92 5.12 35.33
N MET B 605 -11.10 5.76 34.50
CA MET B 605 -11.63 6.59 33.44
C MET B 605 -11.10 6.28 32.06
N GLY B 606 -11.95 6.54 31.07
CA GLY B 606 -11.61 6.31 29.68
C GLY B 606 -12.27 7.38 28.84
N CYS B 607 -12.47 7.10 27.56
CA CYS B 607 -13.08 8.08 26.67
C CYS B 607 -13.99 7.41 25.64
N ASP B 608 -13.97 6.07 25.60
CA ASP B 608 -14.84 5.29 24.71
C ASP B 608 -14.44 5.07 23.24
N LEU B 609 -15.21 4.22 22.56
CA LEU B 609 -15.01 3.85 21.16
C LEU B 609 -14.61 5.03 20.30
N ASN B 610 -15.53 5.55 19.49
CA ASN B 610 -15.22 6.69 18.66
C ASN B 610 -15.00 7.92 19.56
N SER B 611 -13.76 8.05 20.05
CA SER B 611 -13.31 9.14 20.92
C SER B 611 -14.27 10.30 21.16
N CYS B 612 -15.29 10.06 21.96
CA CYS B 612 -16.28 11.09 22.29
C CYS B 612 -16.62 11.06 23.77
N SER B 613 -17.73 11.69 24.12
CA SER B 613 -18.15 11.72 25.50
C SER B 613 -17.21 12.55 26.34
N MET B 614 -17.33 13.88 26.24
CA MET B 614 -16.50 14.80 27.02
C MET B 614 -17.29 16.08 27.15
N PRO B 615 -17.05 16.86 28.21
CA PRO B 615 -17.76 18.13 28.44
C PRO B 615 -17.72 19.15 27.31
N LEU B 616 -18.79 19.93 27.19
CA LEU B 616 -18.89 20.97 26.18
C LEU B 616 -19.32 22.25 26.85
N GLY B 617 -18.38 23.17 27.01
CA GLY B 617 -18.70 24.44 27.65
C GLY B 617 -19.47 24.24 28.93
N MET B 618 -20.63 24.88 29.03
CA MET B 618 -21.48 24.78 30.21
C MET B 618 -20.74 24.94 31.53
N GLU B 619 -20.15 23.86 32.04
CA GLU B 619 -19.42 23.90 33.31
C GLU B 619 -18.11 24.66 33.16
N SER B 620 -17.33 24.27 32.17
CA SER B 620 -16.04 24.90 31.88
C SER B 620 -16.26 26.37 31.57
N LYS B 621 -17.53 26.77 31.57
CA LYS B 621 -17.94 28.14 31.31
C LYS B 621 -17.54 28.54 29.90
N ALA B 622 -17.23 27.52 29.10
CA ALA B 622 -16.83 27.74 27.74
C ALA B 622 -18.03 27.92 26.81
N ILE B 623 -19.10 28.52 27.32
CA ILE B 623 -20.30 28.76 26.51
C ILE B 623 -21.06 29.97 27.01
N SER B 624 -20.94 31.08 26.28
CA SER B 624 -21.57 32.34 26.63
C SER B 624 -22.97 32.20 27.20
N ASP B 625 -23.17 32.77 28.38
CA ASP B 625 -24.49 32.73 29.02
C ASP B 625 -25.43 33.68 28.31
N ALA B 626 -25.17 33.87 27.03
CA ALA B 626 -25.97 34.72 26.17
C ALA B 626 -26.47 33.77 25.08
N GLN B 627 -25.84 32.60 25.02
CA GLN B 627 -26.22 31.58 24.06
C GLN B 627 -27.33 30.73 24.65
N ILE B 628 -27.53 30.83 25.97
CA ILE B 628 -28.56 30.05 26.64
C ILE B 628 -29.81 30.87 26.96
N THR B 629 -30.73 30.86 26.01
CA THR B 629 -32.00 31.56 26.12
C THR B 629 -33.01 30.55 26.61
N ALA B 630 -34.17 31.02 27.04
CA ALA B 630 -35.20 30.11 27.52
C ALA B 630 -36.43 30.90 27.94
N SER B 631 -37.51 30.16 28.18
CA SER B 631 -38.78 30.75 28.59
C SER B 631 -38.73 31.48 29.93
N SER B 632 -39.69 31.14 30.79
CA SER B 632 -39.84 31.74 32.12
C SER B 632 -38.53 31.90 32.89
N TYR B 633 -38.16 33.12 33.23
CA TYR B 633 -36.91 33.30 33.96
C TYR B 633 -37.04 34.16 35.21
N PHE B 634 -37.94 33.76 36.11
CA PHE B 634 -38.17 34.48 37.36
C PHE B 634 -36.97 35.25 37.95
N THR B 635 -37.12 36.57 38.06
CA THR B 635 -36.07 37.44 38.63
C THR B 635 -36.63 38.14 39.86
N ASN B 636 -35.80 38.37 40.87
CA ASN B 636 -36.27 38.97 42.11
C ASN B 636 -35.33 39.99 42.77
N MET B 637 -35.70 40.40 43.98
CA MET B 637 -34.94 41.35 44.81
C MET B 637 -34.07 40.56 45.79
N PHE B 638 -33.20 39.72 45.22
CA PHE B 638 -32.27 38.85 45.94
C PHE B 638 -32.12 37.72 44.93
N ALA B 639 -33.25 37.06 44.67
CA ALA B 639 -33.31 35.95 43.72
C ALA B 639 -33.13 36.49 42.31
N THR B 640 -32.61 35.63 41.43
CA THR B 640 -32.34 35.97 40.03
C THR B 640 -31.85 34.70 39.32
N TRP B 641 -32.78 33.79 39.03
CA TRP B 641 -32.44 32.51 38.41
C TRP B 641 -32.30 32.46 36.87
N SER B 642 -31.77 33.54 36.29
CA SER B 642 -31.59 33.59 34.85
C SER B 642 -30.66 32.47 34.40
N PRO B 643 -31.09 31.69 33.39
CA PRO B 643 -30.35 30.56 32.82
C PRO B 643 -28.85 30.78 32.80
N SER B 644 -28.45 32.04 32.69
CA SER B 644 -27.03 32.39 32.69
C SER B 644 -26.30 31.67 33.82
N LYS B 645 -27.08 31.18 34.77
CA LYS B 645 -26.55 30.46 35.92
C LYS B 645 -27.24 29.10 35.98
N ALA B 646 -26.93 28.23 35.04
CA ALA B 646 -27.55 26.91 35.01
C ALA B 646 -26.58 25.80 34.60
N ARG B 647 -25.43 25.75 35.27
CA ARG B 647 -24.43 24.74 34.95
C ARG B 647 -23.98 23.82 36.08
N LEU B 648 -23.81 22.55 35.72
CA LEU B 648 -23.38 21.49 36.60
C LEU B 648 -22.44 21.98 37.70
N HIS B 649 -22.46 21.30 38.83
CA HIS B 649 -21.61 21.65 39.96
C HIS B 649 -21.56 23.13 40.34
N LEU B 650 -21.90 24.04 39.43
CA LEU B 650 -21.86 25.47 39.71
C LEU B 650 -22.47 25.86 41.05
N GLN B 651 -22.09 27.02 41.58
CA GLN B 651 -22.66 27.51 42.82
C GLN B 651 -22.73 29.03 42.76
N GLY B 652 -22.85 29.68 43.92
CA GLY B 652 -22.91 31.12 43.94
C GLY B 652 -24.27 31.67 44.35
N ARG B 653 -24.50 32.94 44.05
CA ARG B 653 -25.76 33.62 44.38
C ARG B 653 -26.84 33.28 43.35
N SER B 654 -27.94 32.67 43.81
CA SER B 654 -29.03 32.31 42.91
C SER B 654 -28.42 31.44 41.82
N ASN B 655 -27.75 30.37 42.25
CA ASN B 655 -27.07 29.44 41.34
C ASN B 655 -27.91 28.28 40.83
N ALA B 656 -28.47 28.43 39.64
CA ALA B 656 -29.30 27.42 38.97
C ALA B 656 -30.40 28.10 38.18
N TRP B 657 -31.35 27.31 37.67
CA TRP B 657 -32.45 27.87 36.90
C TRP B 657 -33.84 27.53 37.42
N ARG B 658 -34.70 28.53 37.42
CA ARG B 658 -36.08 28.39 37.89
C ARG B 658 -37.00 29.27 37.04
N PRO B 659 -37.98 28.65 36.35
CA PRO B 659 -38.94 29.38 35.49
C PRO B 659 -39.79 30.37 36.27
N GLN B 660 -40.55 31.21 35.57
CA GLN B 660 -41.42 32.16 36.26
C GLN B 660 -42.23 31.31 37.23
N VAL B 661 -42.95 30.33 36.70
CA VAL B 661 -43.72 29.40 37.52
C VAL B 661 -43.82 28.03 36.89
N ASN B 662 -43.52 27.05 37.72
CA ASN B 662 -43.47 25.62 37.42
C ASN B 662 -44.63 24.96 36.65
N ASN B 663 -44.53 24.92 35.33
CA ASN B 663 -45.55 24.30 34.48
C ASN B 663 -45.06 22.91 34.05
N PRO B 664 -45.92 22.11 33.40
CA PRO B 664 -45.43 20.79 32.98
C PRO B 664 -44.81 20.77 31.56
N LYS B 665 -44.46 21.95 31.05
CA LYS B 665 -43.86 22.07 29.71
C LYS B 665 -42.49 22.76 29.73
N GLU B 666 -42.48 24.09 29.66
CA GLU B 666 -41.28 24.93 29.67
C GLU B 666 -40.11 24.48 28.78
N TRP B 667 -39.00 25.21 28.86
CA TRP B 667 -37.84 24.87 28.03
C TRP B 667 -36.61 25.75 28.25
N LEU B 668 -35.43 25.13 28.11
CA LEU B 668 -34.15 25.85 28.24
C LEU B 668 -33.43 25.70 26.89
N GLN B 669 -32.87 26.80 26.39
CA GLN B 669 -32.21 26.82 25.09
C GLN B 669 -30.70 27.03 25.11
N VAL B 670 -30.03 26.46 24.12
CA VAL B 670 -28.59 26.57 23.96
C VAL B 670 -28.20 26.85 22.52
N ASP B 671 -28.09 28.14 22.18
CA ASP B 671 -27.73 28.57 20.84
C ASP B 671 -26.33 28.03 20.56
N PHE B 672 -26.18 26.71 20.63
CA PHE B 672 -24.91 26.02 20.37
C PHE B 672 -24.03 26.81 19.41
N GLN B 673 -24.69 27.51 18.49
CA GLN B 673 -24.01 28.29 17.45
C GLN B 673 -23.66 27.26 16.38
N LYS B 674 -22.46 26.71 16.47
CA LYS B 674 -21.99 25.71 15.53
C LYS B 674 -22.70 24.39 15.83
N THR B 675 -23.13 23.66 14.79
CA THR B 675 -23.80 22.38 15.00
C THR B 675 -22.92 21.46 15.82
N MET B 676 -23.43 20.31 16.19
CA MET B 676 -22.64 19.40 16.97
C MET B 676 -23.22 18.01 17.05
N LYS B 677 -22.41 17.08 17.56
CA LYS B 677 -22.79 15.68 17.74
C LYS B 677 -22.91 15.51 19.26
N VAL B 678 -24.11 15.27 19.76
CA VAL B 678 -24.34 15.10 21.20
C VAL B 678 -24.45 13.63 21.60
N THR B 679 -23.57 13.20 22.49
CA THR B 679 -23.57 11.81 22.93
C THR B 679 -24.42 11.65 24.19
N GLY B 680 -25.01 12.74 24.66
CA GLY B 680 -25.84 12.65 25.85
C GLY B 680 -25.90 13.91 26.69
N VAL B 681 -26.73 13.89 27.73
CA VAL B 681 -26.89 15.05 28.61
C VAL B 681 -26.93 14.74 30.10
N THR B 682 -26.32 15.62 30.90
CA THR B 682 -26.28 15.48 32.36
C THR B 682 -27.17 16.54 33.00
N THR B 683 -27.91 16.12 34.03
CA THR B 683 -28.84 17.00 34.73
C THR B 683 -28.61 17.11 36.22
N GLN B 684 -29.27 18.07 36.85
CA GLN B 684 -29.07 18.29 38.27
C GLN B 684 -30.29 18.90 38.99
N GLY B 685 -30.04 19.93 39.79
CA GLY B 685 -31.07 20.63 40.53
C GLY B 685 -30.46 21.25 41.79
N VAL B 686 -30.73 22.52 42.06
CA VAL B 686 -30.15 23.13 43.25
C VAL B 686 -30.79 22.54 44.48
N LYS B 687 -30.46 23.13 45.63
CA LYS B 687 -30.98 22.71 46.91
C LYS B 687 -30.94 23.94 47.77
N SER B 688 -31.83 24.88 47.48
CA SER B 688 -31.84 26.12 48.23
C SER B 688 -32.72 26.18 49.47
N LEU B 689 -32.27 27.02 50.40
CA LEU B 689 -32.95 27.28 51.65
C LEU B 689 -33.99 26.22 52.05
N LEU B 690 -33.58 25.36 52.99
CA LEU B 690 -34.34 24.23 53.54
C LEU B 690 -35.48 23.67 52.68
N THR B 691 -35.17 23.51 51.40
CA THR B 691 -36.13 22.96 50.46
C THR B 691 -35.43 22.87 49.11
N SER B 692 -34.81 21.73 48.88
CA SER B 692 -34.11 21.48 47.63
C SER B 692 -35.15 21.02 46.65
N MET B 693 -34.77 20.87 45.38
CA MET B 693 -35.72 20.44 44.35
C MET B 693 -35.03 19.98 43.07
N TYR B 694 -35.44 18.82 42.55
CA TYR B 694 -34.84 18.32 41.33
C TYR B 694 -35.79 18.27 40.13
N VAL B 695 -35.61 17.25 39.31
CA VAL B 695 -36.44 17.04 38.13
C VAL B 695 -36.36 15.58 37.76
N LYS B 696 -37.48 14.87 37.89
CA LYS B 696 -37.53 13.45 37.57
C LYS B 696 -37.70 13.16 36.09
N GLU B 697 -38.91 13.37 35.57
CA GLU B 697 -39.20 13.10 34.17
C GLU B 697 -39.02 14.34 33.29
N PHE B 698 -38.83 14.13 31.99
CA PHE B 698 -38.64 15.24 31.06
C PHE B 698 -38.39 14.80 29.61
N LEU B 699 -38.41 15.80 28.72
CA LEU B 699 -38.19 15.59 27.29
C LEU B 699 -37.12 16.52 26.74
N ILE B 700 -36.64 16.21 25.55
CA ILE B 700 -35.63 17.02 24.87
C ILE B 700 -36.08 17.30 23.46
N SER B 701 -35.71 18.46 22.94
CA SER B 701 -36.12 18.82 21.60
C SER B 701 -35.06 18.58 20.53
N SER B 702 -34.66 19.67 19.87
CA SER B 702 -33.66 19.70 18.79
C SER B 702 -34.16 20.68 17.73
N SER B 703 -33.27 21.45 17.13
CA SER B 703 -33.67 22.44 16.11
C SER B 703 -32.52 22.89 15.21
N GLN B 704 -32.87 23.52 14.10
CA GLN B 704 -31.87 24.03 13.17
C GLN B 704 -31.99 25.53 13.11
N ASP B 705 -32.46 26.09 14.23
CA ASP B 705 -32.68 27.51 14.44
C ASP B 705 -33.84 27.56 15.42
N GLY B 706 -34.13 28.75 15.95
CA GLY B 706 -35.22 28.87 16.89
C GLY B 706 -36.60 28.99 16.25
N HIS B 707 -36.96 28.04 15.38
CA HIS B 707 -38.26 28.06 14.71
C HIS B 707 -38.82 26.65 14.43
N GLN B 708 -37.95 25.64 14.35
CA GLN B 708 -38.37 24.26 14.11
C GLN B 708 -37.79 23.27 15.14
N TRP B 709 -38.61 22.35 15.64
CA TRP B 709 -38.17 21.36 16.64
C TRP B 709 -38.61 19.93 16.30
N THR B 710 -37.81 18.95 16.73
CA THR B 710 -38.11 17.55 16.47
C THR B 710 -37.91 16.71 17.72
N LEU B 711 -39.01 16.40 18.39
CA LEU B 711 -38.96 15.61 19.60
C LEU B 711 -38.13 14.35 19.39
N PHE B 712 -37.56 13.84 20.47
CA PHE B 712 -36.73 12.64 20.44
C PHE B 712 -37.50 11.39 20.84
N PHE B 713 -38.09 10.73 19.84
CA PHE B 713 -38.88 9.51 20.07
C PHE B 713 -37.94 8.34 20.28
N GLN B 714 -38.42 7.26 20.91
CA GLN B 714 -37.58 6.10 21.14
C GLN B 714 -38.30 4.77 21.29
N ASN B 715 -37.86 3.80 20.48
CA ASN B 715 -38.41 2.45 20.44
C ASN B 715 -39.87 2.52 20.01
N GLY B 716 -40.42 3.73 20.14
CA GLY B 716 -41.79 4.01 19.78
C GLY B 716 -41.95 5.51 19.89
N LYS B 717 -43.10 5.96 20.39
CA LYS B 717 -43.33 7.39 20.55
C LYS B 717 -42.33 7.96 21.54
N VAL B 718 -42.58 9.21 21.94
CA VAL B 718 -41.75 9.92 22.89
C VAL B 718 -41.06 9.01 23.89
N LYS B 719 -39.93 9.45 24.41
CA LYS B 719 -39.21 8.69 25.43
C LYS B 719 -39.13 9.52 26.70
N VAL B 720 -39.95 9.14 27.68
CA VAL B 720 -39.98 9.82 28.96
C VAL B 720 -38.64 9.56 29.63
N PHE B 721 -37.82 10.61 29.70
CA PHE B 721 -36.51 10.47 30.31
C PHE B 721 -36.56 10.50 31.81
N GLN B 722 -36.05 9.44 32.41
CA GLN B 722 -36.04 9.33 33.85
C GLN B 722 -34.70 9.73 34.44
N GLY B 723 -34.74 10.64 35.40
CA GLY B 723 -33.52 11.11 36.04
C GLY B 723 -33.77 11.74 37.40
N ASN B 724 -32.68 12.15 38.03
CA ASN B 724 -32.69 12.79 39.35
C ASN B 724 -33.62 12.22 40.42
N GLN B 725 -33.01 11.81 41.52
CA GLN B 725 -33.74 11.27 42.65
C GLN B 725 -33.35 12.12 43.86
N ASP B 726 -32.51 13.12 43.59
CA ASP B 726 -32.01 14.05 44.61
C ASP B 726 -31.45 15.28 43.92
N SER B 727 -30.66 16.06 44.65
CA SER B 727 -30.05 17.25 44.10
C SER B 727 -28.56 17.35 44.44
N PHE B 728 -28.15 16.65 45.49
CA PHE B 728 -26.75 16.66 45.92
C PHE B 728 -25.88 15.80 45.03
N THR B 729 -26.36 15.55 43.80
CA THR B 729 -25.62 14.73 42.85
C THR B 729 -26.12 15.03 41.44
N PRO B 730 -25.38 14.61 40.42
CA PRO B 730 -25.77 14.82 39.03
C PRO B 730 -26.16 13.48 38.45
N VAL B 731 -26.96 13.47 37.38
CA VAL B 731 -27.37 12.22 36.74
C VAL B 731 -27.35 12.44 35.24
N VAL B 732 -27.20 11.38 34.46
CA VAL B 732 -27.10 11.54 33.02
C VAL B 732 -27.91 10.56 32.16
N ASN B 733 -28.41 11.04 31.01
CA ASN B 733 -29.17 10.20 30.09
C ASN B 733 -28.35 9.85 28.87
N SER B 734 -28.45 8.58 28.47
CA SER B 734 -27.74 8.04 27.31
C SER B 734 -28.09 8.79 26.03
N LEU B 735 -28.65 8.07 25.06
CA LEU B 735 -29.09 8.58 23.75
C LEU B 735 -28.79 7.60 22.62
N ASP B 736 -29.31 6.39 22.75
CA ASP B 736 -29.13 5.30 21.78
C ASP B 736 -28.84 5.84 20.37
N PRO B 737 -29.65 6.82 19.91
CA PRO B 737 -29.46 7.41 18.58
C PRO B 737 -29.02 8.86 18.79
N PRO B 738 -27.70 9.10 18.84
CA PRO B 738 -27.09 10.41 19.04
C PRO B 738 -27.70 11.53 18.22
N LEU B 739 -28.33 12.48 18.89
CA LEU B 739 -28.92 13.61 18.19
C LEU B 739 -27.70 14.42 17.76
N LEU B 740 -27.93 15.45 16.94
CA LEU B 740 -26.81 16.27 16.46
C LEU B 740 -27.30 17.54 15.78
N THR B 741 -27.42 18.61 16.56
CA THR B 741 -27.89 19.86 16.00
C THR B 741 -27.23 21.07 16.66
N ARG B 742 -27.21 22.19 15.93
CA ARG B 742 -26.60 23.42 16.41
C ARG B 742 -27.46 24.17 17.44
N TYR B 743 -28.61 23.57 17.78
CA TYR B 743 -29.51 24.17 18.76
C TYR B 743 -30.18 23.04 19.53
N LEU B 744 -30.28 23.21 20.86
CA LEU B 744 -30.93 22.20 21.71
C LEU B 744 -31.81 22.80 22.81
N ARG B 745 -33.04 22.30 22.87
CA ARG B 745 -34.02 22.74 23.84
C ARG B 745 -34.31 21.56 24.76
N ILE B 746 -34.82 21.86 25.93
CA ILE B 746 -35.16 20.82 26.89
C ILE B 746 -36.35 21.22 27.75
N HIS B 747 -37.25 20.25 27.97
CA HIS B 747 -38.44 20.45 28.79
C HIS B 747 -38.57 19.33 29.83
N PRO B 748 -38.77 19.70 31.10
CA PRO B 748 -38.92 18.77 32.21
C PRO B 748 -40.37 18.35 32.35
N GLN B 749 -40.65 17.37 33.21
CA GLN B 749 -42.03 16.93 33.40
C GLN B 749 -42.37 16.66 34.86
N SER B 750 -41.71 15.68 35.45
CA SER B 750 -41.95 15.32 36.85
C SER B 750 -40.98 16.05 37.75
N TRP B 751 -41.39 17.20 38.25
CA TRP B 751 -40.52 17.98 39.10
C TRP B 751 -40.38 17.40 40.49
N VAL B 752 -40.18 18.30 41.46
CA VAL B 752 -40.00 17.97 42.87
C VAL B 752 -40.02 19.32 43.60
N HIS B 753 -41.02 19.56 44.43
CA HIS B 753 -41.12 20.83 45.17
C HIS B 753 -41.30 22.00 44.21
N GLN B 754 -40.37 22.12 43.27
CA GLN B 754 -40.36 23.16 42.25
C GLN B 754 -39.74 22.52 41.02
N ILE B 755 -39.16 23.34 40.14
CA ILE B 755 -38.55 22.84 38.91
C ILE B 755 -37.20 23.49 38.63
N ALA B 756 -36.21 23.16 39.45
CA ALA B 756 -34.89 23.73 39.30
C ALA B 756 -34.02 22.87 38.43
N LEU B 757 -33.06 23.50 37.79
CA LEU B 757 -32.17 22.73 36.96
C LEU B 757 -30.86 23.44 36.68
N ARG B 758 -29.79 22.66 36.79
CA ARG B 758 -28.44 23.10 36.53
C ARG B 758 -28.00 21.98 35.61
N MET B 759 -27.10 22.24 34.67
CA MET B 759 -26.71 21.17 33.78
C MET B 759 -25.55 21.46 32.83
N GLU B 760 -25.25 20.46 32.02
CA GLU B 760 -24.23 20.50 30.98
C GLU B 760 -24.58 19.36 30.06
N VAL B 761 -24.00 19.35 28.87
CA VAL B 761 -24.28 18.33 27.87
C VAL B 761 -23.17 17.29 27.70
N LEU B 762 -22.99 16.85 26.46
CA LEU B 762 -21.97 15.87 26.13
C LEU B 762 -21.87 15.73 24.61
N GLY B 763 -20.68 16.01 24.06
CA GLY B 763 -20.49 15.91 22.63
C GLY B 763 -19.05 15.97 22.15
N CYS B 764 -18.88 15.86 20.84
CA CYS B 764 -17.57 15.88 20.23
C CYS B 764 -17.70 16.48 18.82
N GLU B 765 -16.95 17.53 18.57
CA GLU B 765 -16.96 18.26 17.30
C GLU B 765 -17.24 17.45 16.02
N ALA B 766 -17.71 18.16 14.99
CA ALA B 766 -18.01 17.59 13.66
C ALA B 766 -18.45 18.69 12.69
N GLN B 767 -18.05 18.55 11.42
CA GLN B 767 -18.35 19.48 10.34
C GLN B 767 -19.46 20.51 10.60
N ASP B 768 -19.27 21.74 10.11
CA ASP B 768 -20.23 22.84 10.33
C ASP B 768 -20.50 23.74 9.10
N LEU B 769 -20.83 25.01 9.36
CA LEU B 769 -21.15 26.03 8.35
C LEU B 769 -22.00 25.43 7.23
N TYR B 770 -22.72 24.37 7.62
CA TYR B 770 -23.61 23.61 6.75
C TYR B 770 -24.50 22.75 7.67
#